data_2DGW
#
_entry.id   2DGW
#
_entity_poly.entity_id   1
_entity_poly.type   'polypeptide(L)'
_entity_poly.pdbx_seq_one_letter_code
;GSSGSSGTTCHTVKLRGAPFNVTEKNVMEFLAPLKPVAIRIVRNAHGNKTGYIFVDFSNEEEVKQALKCNREYMGGRYIE
VFREKSGPSSG
;
_entity_poly.pdbx_strand_id   A
#
# COMPACT_ATOMS: atom_id res chain seq x y z
N GLY A 1 -26.53 3.96 -12.57
CA GLY A 1 -27.74 4.56 -13.09
C GLY A 1 -27.67 6.07 -13.13
N SER A 2 -26.88 6.60 -14.06
CA SER A 2 -26.72 8.04 -14.20
C SER A 2 -26.13 8.65 -12.93
N SER A 3 -25.13 7.96 -12.36
CA SER A 3 -24.49 8.43 -11.15
C SER A 3 -23.23 9.23 -11.47
N GLY A 4 -22.64 9.83 -10.45
CA GLY A 4 -21.44 10.63 -10.65
C GLY A 4 -21.37 11.82 -9.73
N SER A 5 -20.74 11.66 -8.57
CA SER A 5 -20.61 12.72 -7.59
C SER A 5 -19.33 12.58 -6.78
N SER A 6 -18.41 13.52 -6.96
CA SER A 6 -17.14 13.49 -6.25
C SER A 6 -17.35 13.29 -4.76
N GLY A 7 -16.55 12.42 -4.16
CA GLY A 7 -16.67 12.16 -2.73
C GLY A 7 -15.40 11.59 -2.14
N THR A 8 -14.74 12.38 -1.30
CA THR A 8 -13.50 11.93 -0.66
C THR A 8 -13.54 10.44 -0.36
N THR A 9 -12.53 9.72 -0.86
CA THR A 9 -12.45 8.28 -0.63
C THR A 9 -11.42 7.94 0.44
N CYS A 10 -11.47 6.71 0.94
CA CYS A 10 -10.54 6.27 1.97
C CYS A 10 -9.12 6.17 1.42
N HIS A 11 -8.30 7.17 1.75
CA HIS A 11 -6.92 7.19 1.28
C HIS A 11 -6.31 5.79 1.30
N THR A 12 -5.66 5.42 0.21
CA THR A 12 -5.03 4.10 0.11
C THR A 12 -3.68 4.19 -0.60
N VAL A 13 -2.73 3.40 -0.13
CA VAL A 13 -1.39 3.39 -0.72
C VAL A 13 -1.04 2.01 -1.28
N LYS A 14 -0.21 2.00 -2.31
CA LYS A 14 0.20 0.75 -2.94
C LYS A 14 1.72 0.56 -2.84
N LEU A 15 2.13 -0.67 -2.55
CA LEU A 15 3.55 -0.98 -2.43
C LEU A 15 3.93 -2.15 -3.33
N ARG A 16 4.97 -1.97 -4.14
CA ARG A 16 5.43 -3.00 -5.05
C ARG A 16 6.94 -3.18 -4.94
N GLY A 17 7.44 -4.31 -5.45
CA GLY A 17 8.86 -4.57 -5.41
C GLY A 17 9.26 -5.34 -4.16
N ALA A 18 8.34 -6.14 -3.63
CA ALA A 18 8.61 -6.92 -2.43
C ALA A 18 8.97 -8.36 -2.78
N PRO A 19 9.83 -8.97 -1.96
CA PRO A 19 10.26 -10.36 -2.17
C PRO A 19 9.15 -11.36 -1.92
N PHE A 20 9.53 -12.63 -1.80
CA PHE A 20 8.55 -13.70 -1.56
C PHE A 20 8.40 -13.97 -0.06
N ASN A 21 9.33 -13.44 0.72
CA ASN A 21 9.29 -13.63 2.17
C ASN A 21 8.78 -12.37 2.87
N VAL A 22 7.96 -11.61 2.16
CA VAL A 22 7.40 -10.38 2.71
C VAL A 22 6.07 -10.65 3.41
N THR A 23 5.85 -9.97 4.54
CA THR A 23 4.63 -10.13 5.30
C THR A 23 4.10 -8.79 5.81
N GLU A 24 3.00 -8.83 6.54
CA GLU A 24 2.40 -7.61 7.09
C GLU A 24 3.42 -6.84 7.93
N LYS A 25 4.27 -7.58 8.63
CA LYS A 25 5.30 -6.96 9.47
C LYS A 25 6.20 -6.04 8.65
N ASN A 26 6.86 -6.62 7.66
CA ASN A 26 7.76 -5.86 6.79
C ASN A 26 7.11 -4.56 6.36
N VAL A 27 5.86 -4.64 5.90
CA VAL A 27 5.12 -3.46 5.44
C VAL A 27 5.02 -2.42 6.56
N MET A 28 4.69 -2.88 7.76
CA MET A 28 4.55 -2.00 8.91
C MET A 28 5.85 -1.25 9.17
N GLU A 29 6.95 -1.98 9.27
CA GLU A 29 8.26 -1.39 9.52
C GLU A 29 8.67 -0.49 8.37
N PHE A 30 8.20 -0.81 7.17
CA PHE A 30 8.52 -0.03 5.98
C PHE A 30 7.73 1.26 5.95
N LEU A 31 6.46 1.19 6.32
CA LEU A 31 5.59 2.36 6.34
C LEU A 31 5.80 3.17 7.61
N ALA A 32 6.25 2.50 8.67
CA ALA A 32 6.49 3.16 9.94
C ALA A 32 7.26 4.46 9.76
N PRO A 33 7.30 5.28 10.81
CA PRO A 33 6.64 4.97 12.09
C PRO A 33 5.12 5.02 11.98
N LEU A 34 4.63 5.40 10.81
CA LEU A 34 3.19 5.49 10.58
C LEU A 34 2.50 4.17 10.95
N LYS A 35 1.21 4.26 11.25
CA LYS A 35 0.43 3.08 11.62
C LYS A 35 -0.87 3.02 10.83
N PRO A 36 -0.90 2.15 9.81
CA PRO A 36 -2.08 1.97 8.95
C PRO A 36 -3.23 1.30 9.70
N VAL A 37 -4.33 1.08 8.97
CA VAL A 37 -5.51 0.44 9.56
C VAL A 37 -5.58 -1.03 9.17
N ALA A 38 -5.24 -1.32 7.92
CA ALA A 38 -5.26 -2.69 7.42
C ALA A 38 -4.32 -2.86 6.24
N ILE A 39 -3.48 -3.89 6.31
CA ILE A 39 -2.52 -4.16 5.24
C ILE A 39 -2.95 -5.37 4.41
N ARG A 40 -3.55 -5.10 3.26
CA ARG A 40 -4.01 -6.17 2.37
C ARG A 40 -2.96 -6.49 1.31
N ILE A 41 -2.48 -7.73 1.34
CA ILE A 41 -1.47 -8.17 0.38
C ILE A 41 -2.11 -8.68 -0.91
N VAL A 42 -1.70 -8.10 -2.03
CA VAL A 42 -2.23 -8.49 -3.33
C VAL A 42 -1.84 -9.93 -3.67
N ARG A 43 -2.83 -10.83 -3.64
CA ARG A 43 -2.59 -12.23 -3.94
C ARG A 43 -3.00 -12.55 -5.38
N ASN A 44 -2.01 -12.69 -6.26
CA ASN A 44 -2.27 -12.99 -7.66
C ASN A 44 -3.27 -14.14 -7.79
N ALA A 45 -3.68 -14.42 -9.02
CA ALA A 45 -4.63 -15.50 -9.29
C ALA A 45 -4.21 -16.78 -8.57
N HIS A 46 -3.00 -17.24 -8.83
CA HIS A 46 -2.48 -18.45 -8.21
C HIS A 46 -1.84 -18.14 -6.85
N GLY A 47 -2.47 -17.22 -6.11
CA GLY A 47 -1.95 -16.84 -4.81
C GLY A 47 -0.44 -16.65 -4.81
N ASN A 48 -0.01 -15.43 -5.13
CA ASN A 48 1.41 -15.12 -5.17
C ASN A 48 1.64 -13.62 -5.02
N LYS A 49 2.58 -13.25 -4.15
CA LYS A 49 2.90 -11.85 -3.91
C LYS A 49 3.72 -11.27 -5.06
N THR A 50 3.03 -10.63 -6.00
CA THR A 50 3.69 -10.04 -7.15
C THR A 50 3.91 -8.53 -6.94
N GLY A 51 4.87 -8.20 -6.10
CA GLY A 51 5.16 -6.80 -5.84
C GLY A 51 3.91 -5.93 -5.83
N TYR A 52 3.08 -6.11 -4.80
CA TYR A 52 1.85 -5.35 -4.68
C TYR A 52 1.21 -5.56 -3.31
N ILE A 53 1.01 -4.46 -2.58
CA ILE A 53 0.41 -4.52 -1.26
C ILE A 53 -0.46 -3.30 -0.99
N PHE A 54 -1.75 -3.52 -0.80
CA PHE A 54 -2.68 -2.44 -0.54
C PHE A 54 -2.76 -2.13 0.96
N VAL A 55 -2.44 -0.89 1.32
CA VAL A 55 -2.47 -0.47 2.71
C VAL A 55 -3.37 0.74 2.90
N ASP A 56 -4.24 0.68 3.90
CA ASP A 56 -5.16 1.78 4.19
C ASP A 56 -4.75 2.50 5.47
N PHE A 57 -5.24 3.73 5.63
CA PHE A 57 -4.94 4.53 6.81
C PHE A 57 -6.18 5.25 7.33
N SER A 58 -6.07 5.83 8.51
CA SER A 58 -7.19 6.54 9.12
C SER A 58 -7.23 7.99 8.63
N ASN A 59 -6.18 8.74 8.94
CA ASN A 59 -6.10 10.14 8.52
C ASN A 59 -5.25 10.29 7.27
N GLU A 60 -5.56 11.30 6.46
CA GLU A 60 -4.82 11.56 5.23
C GLU A 60 -3.34 11.71 5.52
N GLU A 61 -3.01 12.47 6.56
CA GLU A 61 -1.62 12.69 6.93
C GLU A 61 -0.80 11.41 6.79
N GLU A 62 -1.15 10.41 7.61
CA GLU A 62 -0.45 9.13 7.57
C GLU A 62 -0.11 8.72 6.14
N VAL A 63 -1.08 8.86 5.25
CA VAL A 63 -0.89 8.51 3.84
C VAL A 63 0.09 9.46 3.17
N LYS A 64 -0.17 10.76 3.31
CA LYS A 64 0.69 11.78 2.71
C LYS A 64 2.15 11.54 3.09
N GLN A 65 2.38 11.15 4.33
CA GLN A 65 3.73 10.89 4.81
C GLN A 65 4.27 9.57 4.24
N ALA A 66 3.37 8.64 3.98
CA ALA A 66 3.75 7.34 3.44
C ALA A 66 4.51 7.50 2.12
N LEU A 67 4.13 8.50 1.34
CA LEU A 67 4.78 8.76 0.06
C LEU A 67 6.22 9.20 0.26
N LYS A 68 6.46 9.95 1.33
CA LYS A 68 7.81 10.42 1.65
C LYS A 68 8.84 9.30 1.51
N CYS A 69 8.55 8.17 2.13
CA CYS A 69 9.44 7.01 2.09
C CYS A 69 9.46 6.41 0.69
N ASN A 70 10.10 7.11 -0.25
CA ASN A 70 10.19 6.64 -1.62
C ASN A 70 11.61 6.17 -1.94
N ARG A 71 11.74 5.34 -2.97
CA ARG A 71 13.03 4.81 -3.38
C ARG A 71 13.74 4.14 -2.20
N GLU A 72 13.01 3.31 -1.49
CA GLU A 72 13.56 2.60 -0.33
C GLU A 72 13.97 1.17 -0.72
N TYR A 73 14.61 0.48 0.22
CA TYR A 73 15.05 -0.88 -0.01
C TYR A 73 14.81 -1.75 1.22
N MET A 74 13.95 -2.75 1.06
CA MET A 74 13.63 -3.66 2.16
C MET A 74 13.46 -5.09 1.66
N GLY A 75 13.86 -6.06 2.48
CA GLY A 75 13.73 -7.45 2.09
C GLY A 75 14.82 -7.88 1.14
N GLY A 76 15.07 -7.07 0.11
CA GLY A 76 16.09 -7.39 -0.87
C GLY A 76 15.67 -7.03 -2.28
N ARG A 77 14.94 -5.93 -2.41
CA ARG A 77 14.48 -5.47 -3.71
C ARG A 77 13.99 -4.02 -3.64
N TYR A 78 14.02 -3.34 -4.77
CA TYR A 78 13.59 -1.94 -4.85
C TYR A 78 12.08 -1.84 -4.67
N ILE A 79 11.64 -0.91 -3.83
CA ILE A 79 10.22 -0.70 -3.58
C ILE A 79 9.77 0.65 -4.13
N GLU A 80 8.54 0.68 -4.64
CA GLU A 80 7.98 1.91 -5.21
C GLU A 80 6.58 2.17 -4.65
N VAL A 81 6.45 3.22 -3.86
CA VAL A 81 5.17 3.59 -3.27
C VAL A 81 4.37 4.50 -4.21
N PHE A 82 3.06 4.28 -4.24
CA PHE A 82 2.18 5.08 -5.10
C PHE A 82 0.85 5.37 -4.39
N ARG A 83 0.34 6.57 -4.58
CA ARG A 83 -0.92 6.98 -3.97
C ARG A 83 -2.10 6.60 -4.85
N GLU A 84 -2.94 5.69 -4.36
CA GLU A 84 -4.10 5.23 -5.11
C GLU A 84 -5.25 6.22 -4.96
N LYS A 85 -5.43 7.06 -5.98
CA LYS A 85 -6.51 8.06 -5.97
C LYS A 85 -7.84 7.42 -5.63
N SER A 86 -8.20 6.37 -6.38
CA SER A 86 -9.45 5.67 -6.15
C SER A 86 -9.62 5.30 -4.69
N GLY A 87 -8.67 4.53 -4.16
CA GLY A 87 -8.72 4.12 -2.78
C GLY A 87 -8.95 2.63 -2.62
N PRO A 88 -10.21 2.23 -2.43
CA PRO A 88 -10.60 0.83 -2.27
C PRO A 88 -10.44 0.03 -3.56
N SER A 89 -10.05 -1.24 -3.43
CA SER A 89 -9.86 -2.10 -4.58
C SER A 89 -10.58 -3.43 -4.39
N SER A 90 -10.37 -4.04 -3.24
CA SER A 90 -11.00 -5.32 -2.93
C SER A 90 -12.53 -5.21 -2.99
N GLY A 91 -13.13 -5.86 -3.98
CA GLY A 91 -14.57 -5.81 -4.14
C GLY A 91 -15.07 -4.44 -4.56
N GLY A 1 -17.54 19.73 -15.56
CA GLY A 1 -16.75 19.66 -16.77
C GLY A 1 -15.55 18.75 -16.63
N SER A 2 -14.39 19.33 -16.35
CA SER A 2 -13.16 18.55 -16.20
C SER A 2 -12.71 18.53 -14.74
N SER A 3 -13.66 18.38 -13.84
CA SER A 3 -13.36 18.35 -12.41
C SER A 3 -12.90 16.96 -11.98
N GLY A 4 -11.63 16.88 -11.56
CA GLY A 4 -11.09 15.60 -11.12
C GLY A 4 -10.57 15.65 -9.69
N SER A 5 -11.31 16.33 -8.82
CA SER A 5 -10.92 16.45 -7.42
C SER A 5 -11.60 15.39 -6.57
N SER A 6 -11.71 14.17 -7.12
CA SER A 6 -12.36 13.07 -6.41
C SER A 6 -11.36 11.94 -6.15
N GLY A 7 -10.93 11.81 -4.91
CA GLY A 7 -9.97 10.77 -4.55
C GLY A 7 -9.51 10.88 -3.11
N THR A 8 -9.34 12.11 -2.63
CA THR A 8 -8.90 12.35 -1.27
C THR A 8 -9.51 11.33 -0.31
N THR A 9 -10.78 11.03 -0.50
CA THR A 9 -11.49 10.07 0.35
C THR A 9 -10.97 8.64 0.11
N CYS A 10 -10.91 7.86 1.18
CA CYS A 10 -10.44 6.49 1.09
C CYS A 10 -8.95 6.44 0.75
N HIS A 11 -8.16 7.18 1.51
CA HIS A 11 -6.72 7.23 1.28
C HIS A 11 -6.11 5.83 1.31
N THR A 12 -5.63 5.37 0.17
CA THR A 12 -5.03 4.04 0.06
C THR A 12 -3.72 4.10 -0.71
N VAL A 13 -2.70 3.43 -0.17
CA VAL A 13 -1.38 3.40 -0.81
C VAL A 13 -1.06 2.00 -1.32
N LYS A 14 -0.30 1.93 -2.41
CA LYS A 14 0.09 0.66 -2.99
C LYS A 14 1.61 0.48 -2.97
N LEU A 15 2.05 -0.77 -2.88
CA LEU A 15 3.48 -1.07 -2.85
C LEU A 15 3.82 -2.19 -3.83
N ARG A 16 5.05 -2.19 -4.32
CA ARG A 16 5.50 -3.21 -5.26
C ARG A 16 7.02 -3.38 -5.19
N GLY A 17 7.53 -4.34 -5.95
CA GLY A 17 8.96 -4.60 -5.96
C GLY A 17 9.41 -5.47 -4.80
N ALA A 18 8.59 -5.52 -3.75
CA ALA A 18 8.90 -6.32 -2.57
C ALA A 18 9.08 -7.79 -2.96
N PRO A 19 9.90 -8.51 -2.17
CA PRO A 19 10.17 -9.93 -2.41
C PRO A 19 8.96 -10.81 -2.10
N PHE A 20 9.11 -12.11 -2.32
CA PHE A 20 8.03 -13.06 -2.07
C PHE A 20 8.01 -13.49 -0.61
N ASN A 21 9.10 -13.23 0.09
CA ASN A 21 9.21 -13.59 1.51
C ASN A 21 8.92 -12.38 2.39
N VAL A 22 7.99 -11.54 1.96
CA VAL A 22 7.62 -10.35 2.72
C VAL A 22 6.33 -10.57 3.49
N THR A 23 6.26 -10.02 4.70
CA THR A 23 5.08 -10.15 5.54
C THR A 23 4.60 -8.79 6.05
N GLU A 24 3.37 -8.75 6.55
CA GLU A 24 2.80 -7.51 7.06
C GLU A 24 3.81 -6.76 7.92
N LYS A 25 4.41 -7.46 8.87
CA LYS A 25 5.39 -6.86 9.76
C LYS A 25 6.36 -5.96 8.99
N ASN A 26 6.95 -6.52 7.93
CA ASN A 26 7.88 -5.77 7.10
C ASN A 26 7.25 -4.50 6.57
N VAL A 27 6.01 -4.60 6.10
CA VAL A 27 5.28 -3.46 5.57
C VAL A 27 5.09 -2.40 6.64
N MET A 28 4.81 -2.83 7.86
CA MET A 28 4.60 -1.90 8.97
C MET A 28 5.87 -1.11 9.27
N GLU A 29 7.00 -1.81 9.29
CA GLU A 29 8.28 -1.17 9.56
C GLU A 29 8.67 -0.22 8.43
N PHE A 30 8.22 -0.54 7.22
CA PHE A 30 8.52 0.27 6.05
C PHE A 30 7.74 1.58 6.09
N LEU A 31 6.45 1.49 6.36
CA LEU A 31 5.59 2.67 6.43
C LEU A 31 5.76 3.40 7.76
N ALA A 32 6.33 2.70 8.74
CA ALA A 32 6.57 3.29 10.05
C ALA A 32 7.30 4.62 9.94
N PRO A 33 7.32 5.38 11.05
CA PRO A 33 6.69 4.97 12.30
C PRO A 33 5.17 4.98 12.22
N LEU A 34 4.65 5.42 11.07
CA LEU A 34 3.21 5.48 10.86
C LEU A 34 2.55 4.15 11.20
N LYS A 35 1.22 4.17 11.34
CA LYS A 35 0.48 2.96 11.67
C LYS A 35 -0.84 2.90 10.89
N PRO A 36 -0.87 2.04 9.86
CA PRO A 36 -2.06 1.87 9.02
C PRO A 36 -3.20 1.20 9.76
N VAL A 37 -4.31 0.96 9.05
CA VAL A 37 -5.47 0.32 9.64
C VAL A 37 -5.53 -1.16 9.27
N ALA A 38 -5.22 -1.47 8.01
CA ALA A 38 -5.24 -2.84 7.53
C ALA A 38 -4.37 -2.99 6.28
N ILE A 39 -3.56 -4.04 6.27
CA ILE A 39 -2.68 -4.30 5.12
C ILE A 39 -3.20 -5.46 4.28
N ARG A 40 -3.83 -5.13 3.15
CA ARG A 40 -4.37 -6.14 2.26
C ARG A 40 -3.39 -6.45 1.13
N ILE A 41 -2.61 -7.51 1.30
CA ILE A 41 -1.63 -7.91 0.29
C ILE A 41 -2.32 -8.41 -0.98
N VAL A 42 -2.02 -7.77 -2.09
CA VAL A 42 -2.60 -8.15 -3.37
C VAL A 42 -2.27 -9.60 -3.72
N ARG A 43 -3.25 -10.48 -3.55
CA ARG A 43 -3.05 -11.90 -3.84
C ARG A 43 -3.48 -12.21 -5.27
N ASN A 44 -2.49 -12.53 -6.12
CA ASN A 44 -2.76 -12.85 -7.51
C ASN A 44 -3.75 -14.01 -7.63
N ALA A 45 -3.52 -15.04 -6.84
CA ALA A 45 -4.40 -16.21 -6.84
C ALA A 45 -4.09 -17.14 -5.66
N HIS A 46 -5.07 -17.94 -5.28
CA HIS A 46 -4.90 -18.88 -4.17
C HIS A 46 -4.00 -18.28 -3.09
N GLY A 47 -4.31 -17.06 -2.67
CA GLY A 47 -3.52 -16.40 -1.65
C GLY A 47 -2.03 -16.65 -1.82
N ASN A 48 -1.41 -15.95 -2.77
CA ASN A 48 0.01 -16.10 -3.03
C ASN A 48 0.76 -14.81 -2.73
N LYS A 49 2.07 -14.92 -2.56
CA LYS A 49 2.90 -13.76 -2.26
C LYS A 49 3.59 -13.25 -3.53
N THR A 50 2.84 -12.53 -4.35
CA THR A 50 3.38 -11.98 -5.60
C THR A 50 2.46 -10.92 -6.17
N GLY A 51 3.02 -9.75 -6.47
CA GLY A 51 2.23 -8.66 -7.02
C GLY A 51 2.47 -7.35 -6.31
N TYR A 52 1.44 -6.86 -5.62
CA TYR A 52 1.54 -5.60 -4.89
C TYR A 52 0.94 -5.74 -3.49
N ILE A 53 0.96 -4.64 -2.74
CA ILE A 53 0.42 -4.63 -1.39
C ILE A 53 -0.38 -3.35 -1.13
N PHE A 54 -1.65 -3.52 -0.76
CA PHE A 54 -2.52 -2.38 -0.48
C PHE A 54 -2.59 -2.11 1.02
N VAL A 55 -2.32 -0.86 1.41
CA VAL A 55 -2.35 -0.48 2.81
C VAL A 55 -3.29 0.71 3.02
N ASP A 56 -4.17 0.58 4.02
CA ASP A 56 -5.13 1.64 4.33
C ASP A 56 -4.72 2.37 5.60
N PHE A 57 -5.26 3.58 5.77
CA PHE A 57 -4.95 4.39 6.94
C PHE A 57 -6.20 5.07 7.48
N SER A 58 -6.12 5.59 8.70
CA SER A 58 -7.24 6.26 9.33
C SER A 58 -7.24 7.76 9.01
N ASN A 59 -6.07 8.38 9.10
CA ASN A 59 -5.93 9.79 8.82
C ASN A 59 -5.41 10.02 7.40
N GLU A 60 -5.45 11.27 6.96
CA GLU A 60 -4.98 11.62 5.62
C GLU A 60 -3.48 11.86 5.61
N GLU A 61 -3.02 12.77 6.47
CA GLU A 61 -1.61 13.09 6.56
C GLU A 61 -0.76 11.82 6.52
N GLU A 62 -1.15 10.84 7.31
CA GLU A 62 -0.43 9.57 7.37
C GLU A 62 -0.18 9.02 5.97
N VAL A 63 -1.17 9.16 5.10
CA VAL A 63 -1.07 8.69 3.73
C VAL A 63 -0.08 9.52 2.93
N LYS A 64 -0.34 10.81 2.85
CA LYS A 64 0.52 11.73 2.11
C LYS A 64 1.97 11.55 2.52
N GLN A 65 2.19 11.08 3.75
CA GLN A 65 3.54 10.86 4.26
C GLN A 65 4.09 9.52 3.77
N ALA A 66 3.23 8.51 3.74
CA ALA A 66 3.62 7.17 3.30
C ALA A 66 4.42 7.24 2.01
N LEU A 67 4.12 8.24 1.19
CA LEU A 67 4.80 8.40 -0.09
C LEU A 67 6.28 8.71 0.13
N LYS A 68 6.58 9.47 1.17
CA LYS A 68 7.95 9.83 1.49
C LYS A 68 8.86 8.61 1.45
N CYS A 69 8.39 7.51 2.03
CA CYS A 69 9.15 6.27 2.07
C CYS A 69 9.36 5.72 0.66
N ASN A 70 10.37 6.24 -0.04
CA ASN A 70 10.67 5.80 -1.40
C ASN A 70 12.18 5.70 -1.62
N ARG A 71 12.56 5.27 -2.81
CA ARG A 71 13.98 5.13 -3.14
C ARG A 71 14.75 4.46 -2.01
N GLU A 72 14.11 3.49 -1.36
CA GLU A 72 14.72 2.77 -0.26
C GLU A 72 14.69 1.26 -0.50
N TYR A 73 15.36 0.51 0.37
CA TYR A 73 15.41 -0.94 0.25
C TYR A 73 14.80 -1.61 1.48
N MET A 74 14.17 -2.75 1.27
CA MET A 74 13.54 -3.50 2.36
C MET A 74 13.23 -4.92 1.93
N GLY A 75 13.72 -5.89 2.71
CA GLY A 75 13.48 -7.29 2.39
C GLY A 75 14.51 -7.84 1.42
N GLY A 76 14.99 -6.99 0.52
CA GLY A 76 15.97 -7.42 -0.46
C GLY A 76 15.56 -7.08 -1.87
N ARG A 77 14.82 -5.99 -2.02
CA ARG A 77 14.36 -5.56 -3.34
C ARG A 77 13.86 -4.12 -3.30
N TYR A 78 13.73 -3.51 -4.47
CA TYR A 78 13.26 -2.14 -4.57
C TYR A 78 11.81 -2.01 -4.12
N ILE A 79 11.41 -0.80 -3.75
CA ILE A 79 10.04 -0.54 -3.30
C ILE A 79 9.50 0.75 -3.90
N GLU A 80 8.35 0.65 -4.56
CA GLU A 80 7.72 1.82 -5.16
C GLU A 80 6.34 2.08 -4.56
N VAL A 81 6.19 3.25 -3.94
CA VAL A 81 4.93 3.61 -3.31
C VAL A 81 4.07 4.46 -4.26
N PHE A 82 2.76 4.25 -4.20
CA PHE A 82 1.83 5.00 -5.06
C PHE A 82 0.56 5.34 -4.31
N ARG A 83 -0.05 6.47 -4.65
CA ARG A 83 -1.28 6.90 -4.01
C ARG A 83 -2.49 6.51 -4.84
N GLU A 84 -3.29 5.59 -4.31
CA GLU A 84 -4.48 5.12 -4.99
C GLU A 84 -5.68 6.02 -4.69
N LYS A 85 -5.95 6.95 -5.60
CA LYS A 85 -7.06 7.88 -5.43
C LYS A 85 -8.39 7.14 -5.44
N SER A 86 -8.45 6.05 -6.20
CA SER A 86 -9.67 5.25 -6.29
C SER A 86 -9.84 4.36 -5.06
N GLY A 87 -8.87 3.47 -4.85
CA GLY A 87 -8.93 2.57 -3.71
C GLY A 87 -9.22 1.14 -4.10
N PRO A 88 -9.80 0.37 -3.18
CA PRO A 88 -10.14 -1.04 -3.42
C PRO A 88 -11.29 -1.19 -4.40
N SER A 89 -11.78 -0.07 -4.92
CA SER A 89 -12.89 -0.08 -5.87
C SER A 89 -12.59 0.85 -7.05
N SER A 90 -12.84 0.35 -8.26
CA SER A 90 -12.61 1.13 -9.47
C SER A 90 -13.90 1.78 -9.96
N GLY A 91 -14.98 1.00 -9.95
CA GLY A 91 -16.27 1.52 -10.40
C GLY A 91 -16.85 0.70 -11.53
N GLY A 1 -16.10 -2.19 -21.12
CA GLY A 1 -17.24 -2.14 -20.21
C GLY A 1 -17.46 -0.75 -19.63
N SER A 2 -18.72 -0.37 -19.48
CA SER A 2 -19.06 0.94 -18.95
C SER A 2 -18.77 1.00 -17.45
N SER A 3 -17.73 1.75 -17.08
CA SER A 3 -17.34 1.87 -15.68
C SER A 3 -17.72 3.26 -15.15
N GLY A 4 -17.20 4.30 -15.79
CA GLY A 4 -17.49 5.66 -15.36
C GLY A 4 -16.55 6.14 -14.27
N SER A 5 -16.74 7.38 -13.84
CA SER A 5 -15.89 7.96 -12.79
C SER A 5 -16.62 7.96 -11.45
N SER A 6 -16.17 7.11 -10.54
CA SER A 6 -16.78 7.01 -9.22
C SER A 6 -15.76 6.54 -8.19
N GLY A 7 -15.89 7.04 -6.97
CA GLY A 7 -14.97 6.68 -5.90
C GLY A 7 -14.54 7.85 -5.06
N THR A 8 -15.29 8.12 -3.99
CA THR A 8 -14.98 9.24 -3.10
C THR A 8 -13.50 9.27 -2.75
N THR A 9 -13.05 10.37 -2.18
CA THR A 9 -11.66 10.54 -1.80
C THR A 9 -11.24 9.49 -0.77
N CYS A 10 -10.16 8.78 -1.06
CA CYS A 10 -9.67 7.74 -0.16
C CYS A 10 -8.16 7.85 0.01
N HIS A 11 -7.66 7.43 1.17
CA HIS A 11 -6.23 7.47 1.46
C HIS A 11 -5.64 6.08 1.51
N THR A 12 -5.29 5.54 0.34
CA THR A 12 -4.72 4.21 0.26
C THR A 12 -3.39 4.23 -0.49
N VAL A 13 -2.44 3.41 -0.03
CA VAL A 13 -1.12 3.34 -0.66
C VAL A 13 -0.86 1.93 -1.20
N LYS A 14 -0.10 1.86 -2.29
CA LYS A 14 0.24 0.58 -2.91
C LYS A 14 1.75 0.40 -2.96
N LEU A 15 2.20 -0.82 -2.66
CA LEU A 15 3.62 -1.14 -2.69
C LEU A 15 3.92 -2.24 -3.70
N ARG A 16 5.05 -2.11 -4.39
CA ARG A 16 5.46 -3.10 -5.38
C ARG A 16 6.96 -3.33 -5.33
N GLY A 17 7.38 -4.54 -5.70
CA GLY A 17 8.79 -4.87 -5.70
C GLY A 17 9.21 -5.59 -4.43
N ALA A 18 8.23 -6.12 -3.70
CA ALA A 18 8.50 -6.83 -2.46
C ALA A 18 8.98 -8.26 -2.74
N PRO A 19 9.86 -8.77 -1.87
CA PRO A 19 10.41 -10.13 -2.01
C PRO A 19 9.37 -11.20 -1.75
N PHE A 20 9.71 -12.45 -2.04
CA PHE A 20 8.81 -13.57 -1.83
C PHE A 20 8.63 -13.86 -0.35
N ASN A 21 9.44 -13.20 0.47
CA ASN A 21 9.39 -13.40 1.92
C ASN A 21 8.87 -12.14 2.61
N VAL A 22 7.85 -11.52 2.02
CA VAL A 22 7.26 -10.31 2.57
C VAL A 22 5.95 -10.62 3.29
N THR A 23 5.64 -9.84 4.32
CA THR A 23 4.42 -10.03 5.09
C THR A 23 3.90 -8.70 5.63
N GLU A 24 2.66 -8.71 6.11
CA GLU A 24 2.05 -7.50 6.66
C GLU A 24 2.98 -6.83 7.66
N LYS A 25 3.92 -7.58 8.19
CA LYS A 25 4.88 -7.07 9.16
C LYS A 25 5.92 -6.18 8.49
N ASN A 26 6.56 -6.72 7.45
CA ASN A 26 7.58 -5.99 6.72
C ASN A 26 7.05 -4.63 6.27
N VAL A 27 5.76 -4.57 5.95
CA VAL A 27 5.14 -3.33 5.52
C VAL A 27 5.02 -2.34 6.66
N MET A 28 4.57 -2.82 7.82
CA MET A 28 4.42 -1.97 9.00
C MET A 28 5.72 -1.23 9.30
N GLU A 29 6.83 -1.98 9.32
CA GLU A 29 8.12 -1.39 9.60
C GLU A 29 8.57 -0.47 8.48
N PHE A 30 8.05 -0.71 7.28
CA PHE A 30 8.39 0.11 6.12
C PHE A 30 7.67 1.45 6.16
N LEU A 31 6.38 1.41 6.46
CA LEU A 31 5.58 2.62 6.54
C LEU A 31 5.81 3.35 7.86
N ALA A 32 6.23 2.60 8.88
CA ALA A 32 6.50 3.17 10.19
C ALA A 32 7.29 4.47 10.06
N PRO A 33 7.35 5.24 11.18
CA PRO A 33 6.70 4.86 12.43
C PRO A 33 5.18 4.93 12.34
N LEU A 34 4.68 5.39 11.20
CA LEU A 34 3.25 5.52 10.99
C LEU A 34 2.53 4.22 11.35
N LYS A 35 1.20 4.27 11.38
CA LYS A 35 0.39 3.10 11.71
C LYS A 35 -0.91 3.09 10.92
N PRO A 36 -0.98 2.22 9.90
CA PRO A 36 -2.16 2.10 9.05
C PRO A 36 -3.34 1.47 9.78
N VAL A 37 -4.43 1.25 9.06
CA VAL A 37 -5.63 0.66 9.63
C VAL A 37 -5.73 -0.82 9.30
N ALA A 38 -5.37 -1.18 8.07
CA ALA A 38 -5.42 -2.56 7.62
C ALA A 38 -4.48 -2.79 6.45
N ILE A 39 -3.68 -3.85 6.54
CA ILE A 39 -2.73 -4.18 5.48
C ILE A 39 -3.14 -5.45 4.75
N ARG A 40 -3.59 -5.29 3.50
CA ARG A 40 -4.02 -6.42 2.69
C ARG A 40 -3.02 -6.71 1.58
N ILE A 41 -2.48 -7.92 1.57
CA ILE A 41 -1.51 -8.32 0.57
C ILE A 41 -2.20 -8.92 -0.66
N VAL A 42 -1.98 -8.30 -1.82
CA VAL A 42 -2.58 -8.76 -3.06
C VAL A 42 -2.39 -10.27 -3.22
N ARG A 43 -3.44 -11.03 -2.92
CA ARG A 43 -3.40 -12.49 -3.03
C ARG A 43 -3.98 -12.94 -4.36
N ASN A 44 -3.20 -13.70 -5.12
CA ASN A 44 -3.64 -14.21 -6.41
C ASN A 44 -4.98 -14.93 -6.29
N ALA A 45 -5.50 -15.40 -7.41
CA ALA A 45 -6.76 -16.11 -7.44
C ALA A 45 -6.79 -17.23 -6.39
N HIS A 46 -5.81 -18.13 -6.48
CA HIS A 46 -5.72 -19.24 -5.55
C HIS A 46 -5.22 -18.77 -4.19
N GLY A 47 -4.00 -18.24 -4.16
CA GLY A 47 -3.42 -17.77 -2.91
C GLY A 47 -1.92 -17.68 -2.97
N ASN A 48 -1.40 -16.48 -3.20
CA ASN A 48 0.04 -16.27 -3.28
C ASN A 48 0.37 -14.78 -3.37
N LYS A 49 1.12 -14.27 -2.40
CA LYS A 49 1.51 -12.88 -2.38
C LYS A 49 2.17 -12.47 -3.69
N THR A 50 1.40 -11.86 -4.58
CA THR A 50 1.92 -11.43 -5.87
C THR A 50 2.69 -10.11 -5.74
N GLY A 51 3.67 -10.09 -4.85
CA GLY A 51 4.46 -8.89 -4.64
C GLY A 51 3.62 -7.70 -4.24
N TYR A 52 2.93 -7.09 -5.21
CA TYR A 52 2.09 -5.94 -4.94
C TYR A 52 1.43 -6.05 -3.57
N ILE A 53 1.20 -4.91 -2.94
CA ILE A 53 0.58 -4.87 -1.62
C ILE A 53 -0.31 -3.63 -1.46
N PHE A 54 -1.38 -3.78 -0.69
CA PHE A 54 -2.31 -2.68 -0.45
C PHE A 54 -2.39 -2.34 1.03
N VAL A 55 -2.21 -1.07 1.35
CA VAL A 55 -2.27 -0.63 2.74
C VAL A 55 -3.20 0.57 2.89
N ASP A 56 -4.02 0.55 3.95
CA ASP A 56 -4.96 1.63 4.20
C ASP A 56 -4.59 2.37 5.49
N PHE A 57 -5.01 3.63 5.58
CA PHE A 57 -4.72 4.45 6.75
C PHE A 57 -5.98 5.15 7.24
N SER A 58 -5.92 5.70 8.45
CA SER A 58 -7.06 6.39 9.05
C SER A 58 -7.06 7.86 8.66
N ASN A 59 -5.96 8.55 9.00
CA ASN A 59 -5.83 9.98 8.69
C ASN A 59 -5.24 10.18 7.30
N GLU A 60 -5.46 11.36 6.74
CA GLU A 60 -4.95 11.68 5.41
C GLU A 60 -3.47 12.03 5.46
N GLU A 61 -3.02 12.46 6.64
CA GLU A 61 -1.61 12.83 6.82
C GLU A 61 -0.71 11.60 6.73
N GLU A 62 -1.08 10.55 7.45
CA GLU A 62 -0.29 9.32 7.45
C GLU A 62 0.02 8.88 6.02
N VAL A 63 -1.01 8.83 5.18
CA VAL A 63 -0.83 8.42 3.78
C VAL A 63 0.11 9.37 3.06
N LYS A 64 -0.21 10.66 3.07
CA LYS A 64 0.60 11.67 2.42
C LYS A 64 2.06 11.55 2.84
N GLN A 65 2.28 11.14 4.08
CA GLN A 65 3.62 10.98 4.61
C GLN A 65 4.21 9.62 4.20
N ALA A 66 3.34 8.67 3.93
CA ALA A 66 3.78 7.34 3.53
C ALA A 66 4.51 7.36 2.19
N LEU A 67 4.18 8.37 1.38
CA LEU A 67 4.82 8.52 0.07
C LEU A 67 6.24 9.05 0.21
N LYS A 68 6.61 9.43 1.42
CA LYS A 68 7.94 9.96 1.68
C LYS A 68 8.98 8.84 1.65
N CYS A 69 8.58 7.65 2.05
CA CYS A 69 9.48 6.50 2.07
C CYS A 69 9.61 5.90 0.68
N ASN A 70 10.31 6.61 -0.20
CA ASN A 70 10.52 6.15 -1.57
C ASN A 70 12.01 6.03 -1.88
N ARG A 71 12.32 5.50 -3.07
CA ARG A 71 13.70 5.33 -3.49
C ARG A 71 14.50 4.57 -2.43
N GLU A 72 13.82 3.71 -1.68
CA GLU A 72 14.46 2.92 -0.65
C GLU A 72 14.34 1.42 -0.94
N TYR A 73 14.99 0.61 -0.12
CA TYR A 73 14.96 -0.83 -0.30
C TYR A 73 14.49 -1.53 0.96
N MET A 74 13.49 -2.39 0.82
CA MET A 74 12.95 -3.13 1.96
C MET A 74 12.85 -4.62 1.65
N GLY A 75 13.35 -5.45 2.56
CA GLY A 75 13.31 -6.88 2.37
C GLY A 75 14.46 -7.38 1.51
N GLY A 76 14.77 -6.65 0.45
CA GLY A 76 15.85 -7.03 -0.44
C GLY A 76 15.54 -6.76 -1.89
N ARG A 77 14.78 -5.69 -2.14
CA ARG A 77 14.41 -5.32 -3.50
C ARG A 77 13.88 -3.89 -3.55
N TYR A 78 13.86 -3.31 -4.74
CA TYR A 78 13.38 -1.95 -4.92
C TYR A 78 11.90 -1.84 -4.57
N ILE A 79 11.52 -0.72 -3.99
CA ILE A 79 10.13 -0.48 -3.61
C ILE A 79 9.63 0.87 -4.10
N GLU A 80 8.43 0.89 -4.67
CA GLU A 80 7.84 2.11 -5.18
C GLU A 80 6.46 2.35 -4.59
N VAL A 81 6.34 3.39 -3.77
CA VAL A 81 5.08 3.73 -3.14
C VAL A 81 4.25 4.66 -4.03
N PHE A 82 3.02 4.23 -4.33
CA PHE A 82 2.12 5.03 -5.17
C PHE A 82 0.83 5.34 -4.43
N ARG A 83 0.31 6.55 -4.64
CA ARG A 83 -0.92 6.97 -4.00
C ARG A 83 -2.14 6.51 -4.79
N GLU A 84 -3.07 5.84 -4.11
CA GLU A 84 -4.28 5.34 -4.75
C GLU A 84 -5.51 6.09 -4.25
N LYS A 85 -5.73 7.29 -4.78
CA LYS A 85 -6.87 8.10 -4.38
C LYS A 85 -8.17 7.50 -4.92
N SER A 86 -8.05 6.70 -5.96
CA SER A 86 -9.23 6.07 -6.58
C SER A 86 -9.93 5.15 -5.59
N GLY A 87 -9.15 4.38 -4.85
CA GLY A 87 -9.71 3.46 -3.88
C GLY A 87 -9.60 2.01 -4.31
N PRO A 88 -10.45 1.15 -3.73
CA PRO A 88 -10.46 -0.28 -4.05
C PRO A 88 -10.98 -0.56 -5.46
N SER A 89 -11.05 -1.83 -5.82
CA SER A 89 -11.53 -2.23 -7.14
C SER A 89 -12.82 -3.03 -7.03
N SER A 90 -12.79 -4.08 -6.22
CA SER A 90 -13.96 -4.93 -6.03
C SER A 90 -15.25 -4.10 -6.06
N GLY A 91 -16.31 -4.70 -6.60
CA GLY A 91 -17.58 -4.01 -6.69
C GLY A 91 -17.77 -3.30 -8.01
N GLY A 1 -26.80 7.98 -8.29
CA GLY A 1 -25.53 7.51 -8.80
C GLY A 1 -25.37 7.78 -10.29
N SER A 2 -25.29 9.06 -10.65
CA SER A 2 -25.14 9.45 -12.04
C SER A 2 -23.69 9.31 -12.49
N SER A 3 -23.33 8.10 -12.93
CA SER A 3 -21.97 7.84 -13.38
C SER A 3 -20.95 8.53 -12.50
N GLY A 4 -21.22 8.54 -11.20
CA GLY A 4 -20.31 9.18 -10.25
C GLY A 4 -19.89 8.25 -9.13
N SER A 5 -19.43 7.06 -9.49
CA SER A 5 -19.00 6.07 -8.51
C SER A 5 -18.03 6.70 -7.50
N SER A 6 -17.22 7.63 -7.98
CA SER A 6 -16.25 8.30 -7.12
C SER A 6 -16.75 9.68 -6.70
N GLY A 7 -16.75 9.93 -5.39
CA GLY A 7 -17.22 11.21 -4.89
C GLY A 7 -17.11 11.30 -3.38
N THR A 8 -16.14 10.61 -2.80
CA THR A 8 -15.94 10.62 -1.35
C THR A 8 -14.46 10.72 -1.00
N THR A 9 -14.18 10.88 0.28
CA THR A 9 -12.80 10.99 0.75
C THR A 9 -12.19 9.62 1.00
N CYS A 10 -11.28 9.21 0.12
CA CYS A 10 -10.62 7.93 0.24
C CYS A 10 -9.10 8.08 0.19
N HIS A 11 -8.41 7.45 1.14
CA HIS A 11 -6.96 7.51 1.21
C HIS A 11 -6.36 6.11 1.32
N THR A 12 -5.76 5.65 0.22
CA THR A 12 -5.15 4.33 0.20
C THR A 12 -3.83 4.35 -0.57
N VAL A 13 -2.83 3.63 -0.06
CA VAL A 13 -1.52 3.57 -0.69
C VAL A 13 -1.24 2.17 -1.24
N LYS A 14 -0.48 2.12 -2.33
CA LYS A 14 -0.14 0.85 -2.95
C LYS A 14 1.38 0.67 -3.02
N LEU A 15 1.85 -0.49 -2.59
CA LEU A 15 3.28 -0.79 -2.61
C LEU A 15 3.60 -1.84 -3.69
N ARG A 16 4.85 -1.81 -4.16
CA ARG A 16 5.28 -2.75 -5.19
C ARG A 16 6.80 -2.81 -5.25
N GLY A 17 7.34 -4.03 -5.34
CA GLY A 17 8.78 -4.21 -5.41
C GLY A 17 9.28 -5.21 -4.39
N ALA A 18 8.46 -5.50 -3.39
CA ALA A 18 8.83 -6.46 -2.35
C ALA A 18 8.96 -7.86 -2.92
N PRO A 19 9.82 -8.68 -2.29
CA PRO A 19 10.05 -10.06 -2.72
C PRO A 19 8.84 -10.96 -2.46
N PHE A 20 8.99 -12.26 -2.75
CA PHE A 20 7.92 -13.22 -2.55
C PHE A 20 7.78 -13.57 -1.07
N ASN A 21 8.88 -13.46 -0.33
CA ASN A 21 8.88 -13.78 1.09
C ASN A 21 8.63 -12.52 1.92
N VAL A 22 7.67 -11.72 1.49
CA VAL A 22 7.32 -10.48 2.19
C VAL A 22 6.06 -10.66 3.02
N THR A 23 6.06 -10.06 4.21
CA THR A 23 4.90 -10.15 5.10
C THR A 23 4.50 -8.78 5.63
N GLU A 24 3.34 -8.71 6.27
CA GLU A 24 2.84 -7.45 6.81
C GLU A 24 3.94 -6.72 7.58
N LYS A 25 4.66 -7.46 8.42
CA LYS A 25 5.74 -6.88 9.21
C LYS A 25 6.66 -6.03 8.34
N ASN A 26 7.22 -6.64 7.30
CA ASN A 26 8.12 -5.94 6.39
C ASN A 26 7.52 -4.62 5.94
N VAL A 27 6.22 -4.63 5.65
CA VAL A 27 5.52 -3.43 5.21
C VAL A 27 5.40 -2.41 6.35
N MET A 28 5.08 -2.92 7.54
CA MET A 28 4.93 -2.06 8.71
C MET A 28 6.21 -1.29 8.98
N GLU A 29 7.33 -2.01 9.03
CA GLU A 29 8.62 -1.38 9.29
C GLU A 29 9.02 -0.44 8.15
N PHE A 30 8.47 -0.71 6.96
CA PHE A 30 8.76 0.11 5.79
C PHE A 30 7.87 1.35 5.75
N LEU A 31 6.68 1.23 6.34
CA LEU A 31 5.73 2.34 6.37
C LEU A 31 5.92 3.17 7.63
N ALA A 32 6.49 2.56 8.66
CA ALA A 32 6.73 3.26 9.93
C ALA A 32 7.49 4.55 9.71
N PRO A 33 7.52 5.41 10.74
CA PRO A 33 6.86 5.12 12.01
C PRO A 33 5.34 5.15 11.90
N LEU A 34 4.84 5.56 10.75
CA LEU A 34 3.40 5.63 10.52
C LEU A 34 2.75 4.28 10.76
N LYS A 35 1.53 4.30 11.30
CA LYS A 35 0.79 3.07 11.57
C LYS A 35 -0.53 3.04 10.81
N PRO A 36 -0.63 2.15 9.82
CA PRO A 36 -1.82 2.01 9.00
C PRO A 36 -2.99 1.41 9.77
N VAL A 37 -4.00 0.93 9.04
CA VAL A 37 -5.17 0.32 9.68
C VAL A 37 -5.32 -1.13 9.26
N ALA A 38 -5.09 -1.40 7.97
CA ALA A 38 -5.21 -2.76 7.45
C ALA A 38 -4.27 -2.96 6.25
N ILE A 39 -3.42 -3.97 6.35
CA ILE A 39 -2.47 -4.27 5.28
C ILE A 39 -2.98 -5.42 4.41
N ARG A 40 -3.50 -5.07 3.23
CA ARG A 40 -4.02 -6.07 2.31
C ARG A 40 -2.91 -6.62 1.42
N ILE A 41 -2.63 -7.91 1.56
CA ILE A 41 -1.60 -8.55 0.77
C ILE A 41 -2.16 -9.08 -0.55
N VAL A 42 -1.66 -8.54 -1.66
CA VAL A 42 -2.10 -8.95 -2.98
C VAL A 42 -1.34 -10.20 -3.45
N ARG A 43 -1.87 -11.37 -3.12
CA ARG A 43 -1.25 -12.62 -3.50
C ARG A 43 -1.67 -13.03 -4.91
N ASN A 44 -1.16 -14.17 -5.37
CA ASN A 44 -1.49 -14.66 -6.70
C ASN A 44 -2.21 -16.01 -6.62
N ALA A 45 -2.63 -16.51 -7.78
CA ALA A 45 -3.33 -17.80 -7.84
C ALA A 45 -2.69 -18.82 -6.91
N HIS A 46 -1.50 -19.27 -7.28
CA HIS A 46 -0.78 -20.26 -6.48
C HIS A 46 -0.53 -19.73 -5.07
N GLY A 47 0.03 -18.53 -4.97
CA GLY A 47 0.31 -17.94 -3.67
C GLY A 47 1.61 -17.16 -3.66
N ASN A 48 1.93 -16.54 -4.78
CA ASN A 48 3.17 -15.76 -4.89
C ASN A 48 2.87 -14.27 -5.02
N LYS A 49 3.32 -13.50 -4.04
CA LYS A 49 3.09 -12.06 -4.04
C LYS A 49 3.95 -11.37 -5.11
N THR A 50 3.29 -10.92 -6.17
CA THR A 50 3.99 -10.26 -7.26
C THR A 50 4.14 -8.76 -6.98
N GLY A 51 4.98 -8.43 -6.01
CA GLY A 51 5.21 -7.03 -5.66
C GLY A 51 3.93 -6.21 -5.75
N TYR A 52 3.08 -6.33 -4.75
CA TYR A 52 1.81 -5.59 -4.73
C TYR A 52 1.15 -5.72 -3.37
N ILE A 53 0.90 -4.58 -2.73
CA ILE A 53 0.25 -4.55 -1.43
C ILE A 53 -0.58 -3.28 -1.24
N PHE A 54 -1.77 -3.43 -0.69
CA PHE A 54 -2.65 -2.29 -0.45
C PHE A 54 -2.75 -1.98 1.04
N VAL A 55 -2.28 -0.79 1.42
CA VAL A 55 -2.31 -0.37 2.82
C VAL A 55 -3.27 0.80 3.01
N ASP A 56 -4.19 0.64 3.96
CA ASP A 56 -5.16 1.69 4.25
C ASP A 56 -4.81 2.42 5.55
N PHE A 57 -4.98 3.73 5.55
CA PHE A 57 -4.68 4.55 6.72
C PHE A 57 -5.94 5.24 7.24
N SER A 58 -5.91 5.62 8.51
CA SER A 58 -7.05 6.29 9.13
C SER A 58 -7.09 7.76 8.75
N ASN A 59 -6.00 8.47 9.02
CA ASN A 59 -5.91 9.89 8.70
C ASN A 59 -5.29 10.10 7.32
N GLU A 60 -5.56 11.27 6.74
CA GLU A 60 -5.04 11.59 5.42
C GLU A 60 -3.54 11.84 5.47
N GLU A 61 -3.11 12.61 6.46
CA GLU A 61 -1.69 12.93 6.63
C GLU A 61 -0.84 11.67 6.52
N GLU A 62 -1.20 10.64 7.27
CA GLU A 62 -0.47 9.38 7.25
C GLU A 62 -0.17 8.94 5.82
N VAL A 63 -1.18 9.02 4.96
CA VAL A 63 -1.02 8.64 3.56
C VAL A 63 -0.10 9.60 2.82
N LYS A 64 -0.39 10.89 2.93
CA LYS A 64 0.41 11.93 2.28
C LYS A 64 1.89 11.75 2.62
N GLN A 65 2.17 11.39 3.86
CA GLN A 65 3.54 11.18 4.30
C GLN A 65 4.08 9.84 3.83
N ALA A 66 3.26 8.81 3.92
CA ALA A 66 3.65 7.47 3.50
C ALA A 66 4.39 7.51 2.17
N LEU A 67 3.90 8.33 1.24
CA LEU A 67 4.53 8.46 -0.07
C LEU A 67 5.96 8.93 0.06
N LYS A 68 6.20 9.90 0.94
CA LYS A 68 7.53 10.43 1.16
C LYS A 68 8.57 9.31 1.21
N CYS A 69 8.27 8.28 2.00
CA CYS A 69 9.17 7.15 2.14
C CYS A 69 9.23 6.34 0.85
N ASN A 70 9.89 6.90 -0.16
CA ASN A 70 10.03 6.23 -1.46
C ASN A 70 11.48 5.83 -1.70
N ARG A 71 11.66 4.82 -2.56
CA ARG A 71 13.00 4.34 -2.89
C ARG A 71 13.67 3.70 -1.68
N GLU A 72 12.85 3.14 -0.78
CA GLU A 72 13.36 2.49 0.41
C GLU A 72 13.80 1.06 0.12
N TYR A 73 14.40 0.41 1.12
CA TYR A 73 14.86 -0.96 0.96
C TYR A 73 14.41 -1.81 2.14
N MET A 74 13.77 -2.93 1.85
CA MET A 74 13.30 -3.84 2.89
C MET A 74 13.17 -5.26 2.35
N GLY A 75 13.51 -6.24 3.19
CA GLY A 75 13.44 -7.63 2.79
C GLY A 75 14.60 -8.05 1.91
N GLY A 76 14.97 -7.18 0.96
CA GLY A 76 16.07 -7.49 0.07
C GLY A 76 15.76 -7.15 -1.37
N ARG A 77 14.92 -6.15 -1.57
CA ARG A 77 14.53 -5.72 -2.91
C ARG A 77 14.02 -4.29 -2.91
N TYR A 78 14.06 -3.65 -4.07
CA TYR A 78 13.59 -2.27 -4.19
C TYR A 78 12.09 -2.18 -3.99
N ILE A 79 11.61 -1.00 -3.62
CA ILE A 79 10.19 -0.78 -3.39
C ILE A 79 9.75 0.58 -3.92
N GLU A 80 8.49 0.66 -4.35
CA GLU A 80 7.94 1.90 -4.89
C GLU A 80 6.53 2.14 -4.35
N VAL A 81 6.34 3.27 -3.68
CA VAL A 81 5.05 3.62 -3.12
C VAL A 81 4.22 4.43 -4.11
N PHE A 82 2.97 4.04 -4.29
CA PHE A 82 2.07 4.73 -5.22
C PHE A 82 0.79 5.16 -4.52
N ARG A 83 0.33 6.36 -4.81
CA ARG A 83 -0.89 6.89 -4.21
C ARG A 83 -2.11 6.58 -5.09
N GLU A 84 -2.95 5.67 -4.62
CA GLU A 84 -4.15 5.30 -5.37
C GLU A 84 -5.10 6.48 -5.51
N LYS A 85 -4.83 7.34 -6.48
CA LYS A 85 -5.67 8.52 -6.72
C LYS A 85 -7.12 8.11 -6.92
N SER A 86 -7.33 6.93 -7.49
CA SER A 86 -8.68 6.43 -7.74
C SER A 86 -8.83 5.00 -7.24
N GLY A 87 -8.56 4.79 -5.97
CA GLY A 87 -8.68 3.47 -5.38
C GLY A 87 -10.12 3.04 -5.19
N PRO A 88 -10.38 1.73 -5.36
CA PRO A 88 -11.73 1.18 -5.21
C PRO A 88 -12.19 1.17 -3.75
N SER A 89 -13.29 1.86 -3.48
CA SER A 89 -13.84 1.94 -2.14
C SER A 89 -14.96 0.92 -1.94
N SER A 90 -15.85 0.84 -2.91
CA SER A 90 -16.97 -0.10 -2.84
C SER A 90 -16.83 -1.19 -3.90
N GLY A 91 -17.69 -2.21 -3.81
CA GLY A 91 -17.65 -3.29 -4.76
C GLY A 91 -18.11 -4.60 -4.16
N GLY A 1 -18.94 -3.61 -19.15
CA GLY A 1 -18.83 -3.80 -17.71
C GLY A 1 -17.92 -2.78 -17.06
N SER A 2 -18.49 -1.65 -16.65
CA SER A 2 -17.72 -0.59 -16.01
C SER A 2 -18.44 -0.09 -14.76
N SER A 3 -17.85 -0.36 -13.60
CA SER A 3 -18.42 0.07 -12.33
C SER A 3 -17.40 0.86 -11.51
N GLY A 4 -17.90 1.81 -10.73
CA GLY A 4 -17.02 2.63 -9.90
C GLY A 4 -17.79 3.58 -9.02
N SER A 5 -17.19 3.97 -7.89
CA SER A 5 -17.82 4.88 -6.95
C SER A 5 -18.08 6.23 -7.61
N SER A 6 -19.10 6.94 -7.10
CA SER A 6 -19.45 8.25 -7.64
C SER A 6 -19.56 9.29 -6.53
N GLY A 7 -18.44 9.93 -6.23
CA GLY A 7 -18.42 10.93 -5.17
C GLY A 7 -17.86 10.41 -3.88
N THR A 8 -16.67 9.82 -3.93
CA THR A 8 -16.02 9.28 -2.75
C THR A 8 -14.51 9.28 -2.89
N THR A 9 -13.82 9.81 -1.88
CA THR A 9 -12.37 9.88 -1.90
C THR A 9 -11.77 9.09 -0.74
N CYS A 10 -11.02 8.05 -1.07
CA CYS A 10 -10.38 7.21 -0.05
C CYS A 10 -8.89 7.49 0.03
N HIS A 11 -8.23 6.87 0.99
CA HIS A 11 -6.80 7.05 1.18
C HIS A 11 -6.07 5.70 1.26
N THR A 12 -5.76 5.13 0.10
CA THR A 12 -5.08 3.85 0.05
C THR A 12 -3.74 3.97 -0.68
N VAL A 13 -2.73 3.24 -0.21
CA VAL A 13 -1.42 3.25 -0.82
C VAL A 13 -1.02 1.87 -1.32
N LYS A 14 -0.22 1.84 -2.38
CA LYS A 14 0.23 0.58 -2.96
C LYS A 14 1.75 0.46 -2.87
N LEU A 15 2.22 -0.76 -2.64
CA LEU A 15 3.65 -1.01 -2.54
C LEU A 15 4.10 -2.05 -3.55
N ARG A 16 5.04 -1.67 -4.42
CA ARG A 16 5.56 -2.56 -5.44
C ARG A 16 7.06 -2.72 -5.31
N GLY A 17 7.59 -3.77 -5.93
CA GLY A 17 9.03 -4.02 -5.88
C GLY A 17 9.40 -5.00 -4.77
N ALA A 18 8.54 -5.10 -3.77
CA ALA A 18 8.78 -6.00 -2.64
C ALA A 18 8.99 -7.43 -3.12
N PRO A 19 9.76 -8.21 -2.35
CA PRO A 19 10.04 -9.61 -2.67
C PRO A 19 8.82 -10.51 -2.54
N PHE A 20 9.02 -11.81 -2.68
CA PHE A 20 7.93 -12.77 -2.58
C PHE A 20 7.77 -13.26 -1.14
N ASN A 21 8.87 -13.21 -0.37
CA ASN A 21 8.85 -13.65 1.01
C ASN A 21 8.63 -12.46 1.96
N VAL A 22 7.68 -11.60 1.60
CA VAL A 22 7.37 -10.43 2.41
C VAL A 22 6.05 -10.62 3.16
N THR A 23 6.03 -10.17 4.42
CA THR A 23 4.83 -10.29 5.24
C THR A 23 4.41 -8.93 5.78
N GLU A 24 3.23 -8.88 6.40
CA GLU A 24 2.71 -7.65 6.96
C GLU A 24 3.76 -6.94 7.80
N LYS A 25 4.32 -7.66 8.78
CA LYS A 25 5.34 -7.10 9.65
C LYS A 25 6.32 -6.24 8.86
N ASN A 26 6.82 -6.79 7.75
CA ASN A 26 7.77 -6.07 6.90
C ASN A 26 7.19 -4.73 6.44
N VAL A 27 5.91 -4.75 6.08
CA VAL A 27 5.23 -3.54 5.62
C VAL A 27 5.13 -2.52 6.74
N MET A 28 4.61 -2.95 7.89
CA MET A 28 4.46 -2.06 9.03
C MET A 28 5.77 -1.33 9.34
N GLU A 29 6.88 -2.05 9.23
CA GLU A 29 8.19 -1.48 9.49
C GLU A 29 8.63 -0.55 8.36
N PHE A 30 8.17 -0.86 7.15
CA PHE A 30 8.51 -0.06 5.98
C PHE A 30 7.75 1.26 6.00
N LEU A 31 6.48 1.20 6.37
CA LEU A 31 5.64 2.41 6.42
C LEU A 31 5.88 3.17 7.71
N ALA A 32 6.31 2.47 8.74
CA ALA A 32 6.59 3.09 10.04
C ALA A 32 7.38 4.38 9.87
N PRO A 33 7.36 5.23 10.91
CA PRO A 33 6.62 4.95 12.15
C PRO A 33 5.12 5.00 11.95
N LEU A 34 4.68 5.55 10.82
CA LEU A 34 3.27 5.66 10.50
C LEU A 34 2.53 4.38 10.86
N LYS A 35 1.38 4.52 11.50
CA LYS A 35 0.57 3.37 11.89
C LYS A 35 -0.73 3.32 11.09
N PRO A 36 -0.75 2.45 10.06
CA PRO A 36 -1.92 2.29 9.20
C PRO A 36 -3.08 1.61 9.93
N VAL A 37 -4.16 1.34 9.19
CA VAL A 37 -5.33 0.69 9.76
C VAL A 37 -5.34 -0.81 9.44
N ALA A 38 -5.03 -1.14 8.19
CA ALA A 38 -5.00 -2.53 7.76
C ALA A 38 -4.11 -2.71 6.54
N ILE A 39 -3.42 -3.84 6.47
CA ILE A 39 -2.53 -4.13 5.35
C ILE A 39 -3.02 -5.34 4.56
N ARG A 40 -3.63 -5.09 3.40
CA ARG A 40 -4.13 -6.16 2.56
C ARG A 40 -3.15 -6.49 1.44
N ILE A 41 -2.62 -7.70 1.46
CA ILE A 41 -1.67 -8.14 0.45
C ILE A 41 -2.39 -8.68 -0.78
N VAL A 42 -2.07 -8.12 -1.95
CA VAL A 42 -2.67 -8.55 -3.20
C VAL A 42 -2.01 -9.81 -3.73
N ARG A 43 -2.79 -10.88 -3.85
CA ARG A 43 -2.27 -12.15 -4.34
C ARG A 43 -2.41 -12.24 -5.86
N ASN A 44 -1.68 -13.18 -6.46
CA ASN A 44 -1.73 -13.37 -7.91
C ASN A 44 -2.99 -14.12 -8.32
N ALA A 45 -3.47 -13.85 -9.53
CA ALA A 45 -4.67 -14.50 -10.05
C ALA A 45 -4.76 -15.94 -9.55
N HIS A 46 -3.86 -16.79 -10.04
CA HIS A 46 -3.85 -18.19 -9.65
C HIS A 46 -3.85 -18.34 -8.13
N GLY A 47 -2.83 -17.77 -7.49
CA GLY A 47 -2.73 -17.84 -6.04
C GLY A 47 -1.30 -17.91 -5.56
N ASN A 48 -0.55 -16.83 -5.77
CA ASN A 48 0.85 -16.78 -5.36
C ASN A 48 1.23 -15.37 -4.89
N LYS A 49 2.11 -15.30 -3.91
CA LYS A 49 2.56 -14.02 -3.38
C LYS A 49 3.21 -13.18 -4.46
N THR A 50 2.50 -12.16 -4.93
CA THR A 50 3.01 -11.27 -5.97
C THR A 50 3.64 -10.02 -5.36
N GLY A 51 4.26 -9.22 -6.21
CA GLY A 51 4.90 -7.99 -5.74
C GLY A 51 3.93 -6.83 -5.67
N TYR A 52 2.91 -6.96 -4.84
CA TYR A 52 1.91 -5.90 -4.69
C TYR A 52 1.25 -5.98 -3.32
N ILE A 53 1.04 -4.82 -2.70
CA ILE A 53 0.41 -4.76 -1.39
C ILE A 53 -0.43 -3.49 -1.24
N PHE A 54 -1.49 -3.58 -0.46
CA PHE A 54 -2.39 -2.45 -0.24
C PHE A 54 -2.46 -2.09 1.24
N VAL A 55 -2.10 -0.85 1.57
CA VAL A 55 -2.13 -0.38 2.95
C VAL A 55 -3.05 0.81 3.11
N ASP A 56 -4.00 0.71 4.04
CA ASP A 56 -4.94 1.79 4.29
C ASP A 56 -4.58 2.54 5.57
N PHE A 57 -5.04 3.78 5.68
CA PHE A 57 -4.77 4.61 6.85
C PHE A 57 -6.03 5.32 7.32
N SER A 58 -5.97 5.89 8.52
CA SER A 58 -7.11 6.59 9.09
C SER A 58 -7.12 8.06 8.65
N ASN A 59 -6.03 8.76 8.94
CA ASN A 59 -5.91 10.17 8.57
C ASN A 59 -5.31 10.33 7.18
N GLU A 60 -5.52 11.49 6.57
CA GLU A 60 -4.99 11.76 5.24
C GLU A 60 -3.51 12.10 5.31
N GLU A 61 -3.03 12.39 6.51
CA GLU A 61 -1.63 12.74 6.71
C GLU A 61 -0.74 11.49 6.63
N GLU A 62 -1.17 10.43 7.30
CA GLU A 62 -0.42 9.18 7.31
C GLU A 62 -0.15 8.69 5.88
N VAL A 63 -1.14 8.84 5.02
CA VAL A 63 -1.01 8.42 3.62
C VAL A 63 -0.13 9.38 2.85
N LYS A 64 -0.31 10.68 3.09
CA LYS A 64 0.47 11.71 2.41
C LYS A 64 1.96 11.53 2.68
N GLN A 65 2.28 10.99 3.85
CA GLN A 65 3.67 10.77 4.24
C GLN A 65 4.16 9.41 3.75
N ALA A 66 3.23 8.46 3.62
CA ALA A 66 3.58 7.12 3.16
C ALA A 66 4.29 7.17 1.82
N LEU A 67 3.88 8.11 0.96
CA LEU A 67 4.48 8.25 -0.36
C LEU A 67 5.93 8.73 -0.25
N LYS A 68 6.19 9.63 0.70
CA LYS A 68 7.53 10.15 0.91
C LYS A 68 8.52 9.02 1.17
N CYS A 69 8.02 7.90 1.68
CA CYS A 69 8.85 6.75 1.98
C CYS A 69 9.19 5.97 0.71
N ASN A 70 9.80 6.66 -0.26
CA ASN A 70 10.17 6.04 -1.52
C ASN A 70 11.68 5.90 -1.64
N ARG A 71 12.13 5.17 -2.67
CA ARG A 71 13.55 4.96 -2.89
C ARG A 71 14.18 4.22 -1.72
N GLU A 72 13.39 3.40 -1.04
CA GLU A 72 13.87 2.63 0.10
C GLU A 72 14.24 1.21 -0.31
N TYR A 73 14.84 0.47 0.62
CA TYR A 73 15.25 -0.90 0.35
C TYR A 73 14.94 -1.81 1.53
N MET A 74 14.16 -2.86 1.28
CA MET A 74 13.80 -3.80 2.34
C MET A 74 13.62 -5.21 1.77
N GLY A 75 13.78 -6.20 2.62
CA GLY A 75 13.64 -7.58 2.18
C GLY A 75 14.64 -7.95 1.11
N GLY A 76 15.58 -7.06 0.84
CA GLY A 76 16.58 -7.31 -0.18
C GLY A 76 16.09 -6.98 -1.57
N ARG A 77 15.16 -6.04 -1.66
CA ARG A 77 14.60 -5.62 -2.94
C ARG A 77 14.23 -4.14 -2.92
N TYR A 78 13.76 -3.64 -4.06
CA TYR A 78 13.37 -2.24 -4.17
C TYR A 78 11.88 -2.06 -3.88
N ILE A 79 11.53 -0.91 -3.33
CA ILE A 79 10.13 -0.61 -3.00
C ILE A 79 9.62 0.60 -3.79
N GLU A 80 8.33 0.60 -4.07
CA GLU A 80 7.72 1.70 -4.82
C GLU A 80 6.34 2.03 -4.26
N VAL A 81 6.21 3.21 -3.67
CA VAL A 81 4.95 3.66 -3.09
C VAL A 81 4.09 4.37 -4.13
N PHE A 82 2.78 4.11 -4.09
CA PHE A 82 1.86 4.74 -5.03
C PHE A 82 0.57 5.14 -4.33
N ARG A 83 0.00 6.27 -4.74
CA ARG A 83 -1.23 6.77 -4.15
C ARG A 83 -2.45 6.26 -4.93
N GLU A 84 -3.34 5.56 -4.22
CA GLU A 84 -4.55 5.02 -4.84
C GLU A 84 -5.78 5.81 -4.42
N LYS A 85 -6.55 6.26 -5.41
CA LYS A 85 -7.76 7.03 -5.15
C LYS A 85 -8.99 6.14 -5.20
N SER A 86 -8.96 5.13 -6.06
CA SER A 86 -10.08 4.21 -6.21
C SER A 86 -10.00 3.09 -5.17
N GLY A 87 -9.05 3.22 -4.25
CA GLY A 87 -8.89 2.22 -3.21
C GLY A 87 -8.61 0.84 -3.78
N PRO A 88 -8.58 -0.17 -2.90
CA PRO A 88 -8.32 -1.55 -3.29
C PRO A 88 -9.47 -2.16 -4.10
N SER A 89 -9.19 -2.45 -5.37
CA SER A 89 -10.20 -3.03 -6.25
C SER A 89 -10.64 -4.41 -5.76
N SER A 90 -11.93 -4.54 -5.46
CA SER A 90 -12.47 -5.80 -4.98
C SER A 90 -12.91 -6.68 -6.14
N GLY A 91 -12.69 -7.99 -5.99
CA GLY A 91 -13.07 -8.92 -7.04
C GLY A 91 -12.85 -10.37 -6.63
N GLY A 1 -25.98 9.29 -6.11
CA GLY A 1 -25.50 10.50 -5.45
C GLY A 1 -24.56 10.19 -4.30
N SER A 2 -25.13 9.72 -3.20
CA SER A 2 -24.34 9.39 -2.02
C SER A 2 -23.17 10.36 -1.86
N SER A 3 -23.45 11.64 -2.06
CA SER A 3 -22.42 12.67 -1.95
C SER A 3 -22.33 13.19 -0.52
N GLY A 4 -22.38 12.26 0.45
CA GLY A 4 -22.30 12.64 1.84
C GLY A 4 -21.35 11.76 2.63
N SER A 5 -21.58 10.44 2.57
CA SER A 5 -20.74 9.49 3.28
C SER A 5 -19.53 9.09 2.44
N SER A 6 -18.41 8.84 3.11
CA SER A 6 -17.18 8.45 2.44
C SER A 6 -17.43 7.30 1.47
N GLY A 7 -16.76 7.35 0.32
CA GLY A 7 -16.92 6.30 -0.68
C GLY A 7 -15.96 6.46 -1.84
N THR A 8 -15.95 7.66 -2.44
CA THR A 8 -15.07 7.93 -3.57
C THR A 8 -13.73 8.48 -3.10
N THR A 9 -13.74 9.19 -1.98
CA THR A 9 -12.52 9.77 -1.44
C THR A 9 -11.86 8.83 -0.45
N CYS A 10 -11.04 7.92 -0.96
CA CYS A 10 -10.34 6.95 -0.12
C CYS A 10 -8.83 7.13 -0.22
N HIS A 11 -8.17 7.26 0.94
CA HIS A 11 -6.73 7.44 0.98
C HIS A 11 -6.02 6.10 1.19
N THR A 12 -5.64 5.45 0.10
CA THR A 12 -4.95 4.17 0.17
C THR A 12 -3.60 4.24 -0.52
N VAL A 13 -2.66 3.42 -0.04
CA VAL A 13 -1.32 3.39 -0.62
C VAL A 13 -1.00 2.02 -1.18
N LYS A 14 -0.23 1.99 -2.26
CA LYS A 14 0.15 0.73 -2.90
C LYS A 14 1.66 0.54 -2.86
N LEU A 15 2.09 -0.71 -2.66
CA LEU A 15 3.51 -1.02 -2.60
C LEU A 15 3.87 -2.09 -3.64
N ARG A 16 4.98 -1.87 -4.34
CA ARG A 16 5.43 -2.81 -5.35
C ARG A 16 6.96 -2.88 -5.39
N GLY A 17 7.49 -4.10 -5.41
CA GLY A 17 8.93 -4.28 -5.44
C GLY A 17 9.42 -5.24 -4.38
N ALA A 18 8.60 -5.45 -3.35
CA ALA A 18 8.95 -6.36 -2.27
C ALA A 18 9.24 -7.75 -2.79
N PRO A 19 10.09 -8.50 -2.06
CA PRO A 19 10.47 -9.86 -2.43
C PRO A 19 9.32 -10.85 -2.26
N PHE A 20 9.56 -12.10 -2.63
CA PHE A 20 8.53 -13.14 -2.51
C PHE A 20 8.31 -13.52 -1.06
N ASN A 21 9.32 -13.29 -0.22
CA ASN A 21 9.23 -13.61 1.20
C ASN A 21 8.88 -12.36 2.01
N VAL A 22 7.87 -11.63 1.56
CA VAL A 22 7.44 -10.42 2.25
C VAL A 22 6.14 -10.66 3.02
N THR A 23 6.04 -10.06 4.20
CA THR A 23 4.86 -10.21 5.03
C THR A 23 4.44 -8.88 5.63
N GLU A 24 3.20 -8.80 6.11
CA GLU A 24 2.68 -7.58 6.71
C GLU A 24 3.75 -6.88 7.53
N LYS A 25 4.45 -7.65 8.36
CA LYS A 25 5.51 -7.10 9.19
C LYS A 25 6.41 -6.16 8.40
N ASN A 26 6.98 -6.68 7.31
CA ASN A 26 7.86 -5.88 6.47
C ASN A 26 7.20 -4.57 6.07
N VAL A 27 5.96 -4.65 5.61
CA VAL A 27 5.21 -3.46 5.20
C VAL A 27 5.09 -2.47 6.35
N MET A 28 4.83 -2.99 7.55
CA MET A 28 4.68 -2.15 8.73
C MET A 28 5.97 -1.38 9.01
N GLU A 29 7.08 -2.11 9.09
CA GLU A 29 8.37 -1.49 9.35
C GLU A 29 8.73 -0.49 8.26
N PHE A 30 8.37 -0.81 7.02
CA PHE A 30 8.65 0.06 5.88
C PHE A 30 7.80 1.31 5.94
N LEU A 31 6.51 1.14 6.24
CA LEU A 31 5.59 2.27 6.33
C LEU A 31 5.84 3.09 7.59
N ALA A 32 6.40 2.43 8.60
CA ALA A 32 6.69 3.12 9.87
C ALA A 32 7.48 4.39 9.63
N PRO A 33 7.55 5.24 10.66
CA PRO A 33 6.90 4.97 11.96
C PRO A 33 5.38 5.04 11.87
N LEU A 34 4.88 5.51 10.75
CA LEU A 34 3.43 5.63 10.53
C LEU A 34 2.74 4.29 10.76
N LYS A 35 1.59 4.32 11.42
CA LYS A 35 0.82 3.11 11.69
C LYS A 35 -0.49 3.11 10.93
N PRO A 36 -0.58 2.23 9.92
CA PRO A 36 -1.79 2.11 9.08
C PRO A 36 -2.96 1.50 9.85
N VAL A 37 -4.04 1.20 9.13
CA VAL A 37 -5.23 0.62 9.74
C VAL A 37 -5.33 -0.86 9.43
N ALA A 38 -4.99 -1.23 8.20
CA ALA A 38 -5.04 -2.63 7.77
C ALA A 38 -4.26 -2.85 6.49
N ILE A 39 -3.37 -3.84 6.50
CA ILE A 39 -2.55 -4.15 5.33
C ILE A 39 -3.12 -5.33 4.57
N ARG A 40 -3.74 -5.06 3.43
CA ARG A 40 -4.32 -6.11 2.61
C ARG A 40 -3.39 -6.48 1.45
N ILE A 41 -2.97 -7.74 1.41
CA ILE A 41 -2.08 -8.21 0.36
C ILE A 41 -2.87 -8.77 -0.81
N VAL A 42 -2.71 -8.13 -1.98
CA VAL A 42 -3.40 -8.57 -3.19
C VAL A 42 -3.54 -10.09 -3.23
N ARG A 43 -4.65 -10.56 -3.77
CA ARG A 43 -4.90 -12.00 -3.88
C ARG A 43 -3.60 -12.76 -4.12
N ASN A 44 -3.15 -13.48 -3.10
CA ASN A 44 -1.91 -14.26 -3.21
C ASN A 44 -2.21 -15.76 -3.29
N ALA A 45 -3.00 -16.25 -2.34
CA ALA A 45 -3.36 -17.66 -2.30
C ALA A 45 -4.18 -18.05 -3.54
N HIS A 46 -5.36 -17.45 -3.67
CA HIS A 46 -6.23 -17.73 -4.80
C HIS A 46 -5.44 -17.73 -6.11
N GLY A 47 -4.62 -16.70 -6.30
CA GLY A 47 -3.83 -16.60 -7.51
C GLY A 47 -2.37 -16.95 -7.27
N ASN A 48 -1.56 -15.95 -6.96
CA ASN A 48 -0.14 -16.17 -6.71
C ASN A 48 0.48 -14.93 -6.05
N LYS A 49 1.31 -15.16 -5.04
CA LYS A 49 1.98 -14.08 -4.33
C LYS A 49 2.40 -12.97 -5.30
N THR A 50 1.97 -11.75 -5.00
CA THR A 50 2.31 -10.60 -5.83
C THR A 50 2.95 -9.49 -5.02
N GLY A 51 3.91 -8.79 -5.63
CA GLY A 51 4.59 -7.72 -4.94
C GLY A 51 3.65 -6.58 -4.58
N TYR A 52 2.48 -6.55 -5.21
CA TYR A 52 1.50 -5.51 -4.95
C TYR A 52 0.90 -5.66 -3.55
N ILE A 53 0.76 -4.54 -2.85
CA ILE A 53 0.20 -4.53 -1.50
C ILE A 53 -0.59 -3.27 -1.24
N PHE A 54 -1.82 -3.43 -0.75
CA PHE A 54 -2.67 -2.29 -0.45
C PHE A 54 -2.75 -2.04 1.06
N VAL A 55 -2.48 -0.81 1.46
CA VAL A 55 -2.51 -0.45 2.87
C VAL A 55 -3.42 0.75 3.11
N ASP A 56 -4.24 0.67 4.15
CA ASP A 56 -5.15 1.75 4.49
C ASP A 56 -4.68 2.51 5.72
N PHE A 57 -5.19 3.73 5.90
CA PHE A 57 -4.80 4.56 7.04
C PHE A 57 -6.03 5.25 7.63
N SER A 58 -5.83 5.90 8.79
CA SER A 58 -6.91 6.59 9.47
C SER A 58 -7.13 7.98 8.86
N ASN A 59 -6.12 8.84 8.99
CA ASN A 59 -6.20 10.19 8.45
C ASN A 59 -5.55 10.27 7.07
N GLU A 60 -5.81 11.36 6.36
CA GLU A 60 -5.26 11.56 5.03
C GLU A 60 -3.78 11.94 5.10
N GLU A 61 -3.34 12.35 6.28
CA GLU A 61 -1.96 12.75 6.49
C GLU A 61 -1.03 11.54 6.44
N GLU A 62 -1.37 10.52 7.21
CA GLU A 62 -0.57 9.30 7.27
C GLU A 62 -0.29 8.77 5.86
N VAL A 63 -1.30 8.82 5.01
CA VAL A 63 -1.17 8.36 3.63
C VAL A 63 -0.23 9.26 2.83
N LYS A 64 -0.51 10.55 2.85
CA LYS A 64 0.31 11.52 2.12
C LYS A 64 1.78 11.36 2.49
N GLN A 65 2.05 11.23 3.78
CA GLN A 65 3.42 11.07 4.26
C GLN A 65 4.03 9.77 3.75
N ALA A 66 3.24 8.71 3.74
CA ALA A 66 3.70 7.41 3.27
C ALA A 66 4.54 7.55 2.00
N LEU A 67 4.07 8.39 1.09
CA LEU A 67 4.77 8.62 -0.17
C LEU A 67 6.20 9.11 0.08
N LYS A 68 6.37 9.92 1.11
CA LYS A 68 7.68 10.46 1.47
C LYS A 68 8.74 9.36 1.43
N CYS A 69 8.45 8.25 2.09
CA CYS A 69 9.39 7.12 2.12
C CYS A 69 9.40 6.38 0.79
N ASN A 70 10.13 6.93 -0.16
CA ASN A 70 10.23 6.32 -1.49
C ASN A 70 11.68 6.00 -1.84
N ARG A 71 11.87 4.96 -2.63
CA ARG A 71 13.22 4.55 -3.05
C ARG A 71 13.96 3.88 -1.89
N GLU A 72 13.23 3.15 -1.07
CA GLU A 72 13.82 2.47 0.08
C GLU A 72 14.16 1.02 -0.27
N TYR A 73 14.82 0.34 0.66
CA TYR A 73 15.22 -1.05 0.45
C TYR A 73 14.90 -1.89 1.69
N MET A 74 14.13 -2.95 1.51
CA MET A 74 13.77 -3.84 2.59
C MET A 74 13.61 -5.28 2.11
N GLY A 75 14.09 -6.22 2.91
CA GLY A 75 14.00 -7.62 2.53
C GLY A 75 15.05 -8.03 1.53
N GLY A 76 15.69 -7.04 0.91
CA GLY A 76 16.72 -7.33 -0.07
C GLY A 76 16.32 -6.90 -1.46
N ARG A 77 15.18 -6.23 -1.58
CA ARG A 77 14.69 -5.76 -2.86
C ARG A 77 14.21 -4.31 -2.77
N TYR A 78 13.97 -3.70 -3.93
CA TYR A 78 13.51 -2.31 -3.97
C TYR A 78 12.00 -2.24 -3.80
N ILE A 79 11.52 -1.07 -3.37
CA ILE A 79 10.09 -0.86 -3.16
C ILE A 79 9.64 0.46 -3.77
N GLU A 80 8.35 0.57 -4.07
CA GLU A 80 7.79 1.78 -4.66
C GLU A 80 6.39 2.05 -4.11
N VAL A 81 6.22 3.24 -3.53
CA VAL A 81 4.92 3.62 -2.97
C VAL A 81 4.14 4.49 -3.94
N PHE A 82 2.83 4.29 -3.99
CA PHE A 82 1.97 5.07 -4.88
C PHE A 82 0.61 5.32 -4.23
N ARG A 83 0.11 6.54 -4.37
CA ARG A 83 -1.17 6.92 -3.79
C ARG A 83 -2.32 6.47 -4.70
N GLU A 84 -3.19 5.62 -4.17
CA GLU A 84 -4.33 5.13 -4.92
C GLU A 84 -5.48 6.11 -4.89
N LYS A 85 -5.63 6.88 -5.96
CA LYS A 85 -6.70 7.87 -6.06
C LYS A 85 -8.07 7.20 -6.02
N SER A 86 -8.09 5.90 -6.30
CA SER A 86 -9.33 5.14 -6.32
C SER A 86 -9.38 4.16 -5.15
N GLY A 87 -8.45 3.21 -5.14
CA GLY A 87 -8.40 2.22 -4.07
C GLY A 87 -8.86 0.86 -4.53
N PRO A 88 -9.28 0.00 -3.59
CA PRO A 88 -9.74 -1.35 -3.88
C PRO A 88 -11.09 -1.35 -4.60
N SER A 89 -11.03 -1.25 -5.93
CA SER A 89 -12.23 -1.24 -6.75
C SER A 89 -12.61 -2.66 -7.18
N SER A 90 -13.63 -3.21 -6.53
CA SER A 90 -14.10 -4.56 -6.84
C SER A 90 -12.94 -5.55 -6.79
N GLY A 91 -12.06 -5.37 -5.80
CA GLY A 91 -10.91 -6.26 -5.66
C GLY A 91 -10.91 -6.98 -4.33
N GLY A 1 -20.60 1.78 -18.50
CA GLY A 1 -21.91 2.37 -18.74
C GLY A 1 -22.18 3.57 -17.85
N SER A 2 -22.90 3.33 -16.76
CA SER A 2 -23.24 4.40 -15.82
C SER A 2 -22.85 4.01 -14.39
N SER A 3 -21.84 4.69 -13.86
CA SER A 3 -21.37 4.41 -12.51
C SER A 3 -20.94 5.71 -11.82
N GLY A 4 -21.44 5.92 -10.59
CA GLY A 4 -21.09 7.11 -9.84
C GLY A 4 -19.85 6.92 -9.01
N SER A 5 -19.93 7.30 -7.73
CA SER A 5 -18.80 7.18 -6.82
C SER A 5 -18.22 5.77 -6.85
N SER A 6 -17.11 5.57 -6.16
CA SER A 6 -16.45 4.26 -6.11
C SER A 6 -17.11 3.37 -5.05
N GLY A 7 -17.34 3.94 -3.87
CA GLY A 7 -17.96 3.18 -2.79
C GLY A 7 -17.53 3.68 -1.43
N THR A 8 -17.03 2.77 -0.61
CA THR A 8 -16.59 3.12 0.74
C THR A 8 -15.12 2.77 0.95
N THR A 9 -14.24 3.67 0.52
CA THR A 9 -12.80 3.45 0.66
C THR A 9 -12.09 4.74 1.07
N CYS A 10 -11.03 4.61 1.86
CA CYS A 10 -10.26 5.77 2.31
C CYS A 10 -8.86 5.74 1.72
N HIS A 11 -8.10 6.80 1.99
CA HIS A 11 -6.73 6.91 1.49
C HIS A 11 -6.03 5.56 1.54
N THR A 12 -5.56 5.09 0.39
CA THR A 12 -4.87 3.80 0.31
C THR A 12 -3.55 3.94 -0.43
N VAL A 13 -2.55 3.17 0.00
CA VAL A 13 -1.23 3.21 -0.62
C VAL A 13 -0.88 1.86 -1.24
N LYS A 14 -0.12 1.89 -2.33
CA LYS A 14 0.28 0.68 -3.02
C LYS A 14 1.80 0.50 -2.96
N LEU A 15 2.24 -0.72 -2.66
CA LEU A 15 3.67 -1.02 -2.59
C LEU A 15 4.05 -2.14 -3.54
N ARG A 16 5.05 -1.89 -4.38
CA ARG A 16 5.50 -2.88 -5.35
C ARG A 16 7.01 -3.09 -5.24
N GLY A 17 7.50 -4.15 -5.89
CA GLY A 17 8.92 -4.44 -5.85
C GLY A 17 9.35 -5.08 -4.53
N ALA A 18 8.49 -5.95 -4.00
CA ALA A 18 8.78 -6.63 -2.74
C ALA A 18 9.19 -8.08 -2.98
N PRO A 19 10.00 -8.63 -2.07
CA PRO A 19 10.48 -10.01 -2.16
C PRO A 19 9.37 -11.02 -1.92
N PHE A 20 9.74 -12.29 -1.84
CA PHE A 20 8.78 -13.36 -1.63
C PHE A 20 8.53 -13.58 -0.13
N ASN A 21 9.56 -13.32 0.67
CA ASN A 21 9.46 -13.50 2.12
C ASN A 21 8.94 -12.22 2.78
N VAL A 22 7.96 -11.58 2.13
CA VAL A 22 7.37 -10.36 2.65
C VAL A 22 6.01 -10.64 3.29
N THR A 23 5.78 -10.02 4.45
CA THR A 23 4.52 -10.21 5.16
C THR A 23 3.99 -8.88 5.70
N GLU A 24 2.79 -8.91 6.26
CA GLU A 24 2.17 -7.69 6.80
C GLU A 24 3.16 -6.94 7.67
N LYS A 25 4.08 -7.66 8.30
CA LYS A 25 5.08 -7.05 9.18
C LYS A 25 6.08 -6.24 8.35
N ASN A 26 6.76 -6.92 7.43
CA ASN A 26 7.75 -6.27 6.58
C ASN A 26 7.23 -4.93 6.07
N VAL A 27 5.92 -4.87 5.82
CA VAL A 27 5.30 -3.64 5.32
C VAL A 27 5.17 -2.61 6.43
N MET A 28 4.70 -3.05 7.60
CA MET A 28 4.52 -2.16 8.74
C MET A 28 5.82 -1.41 9.04
N GLU A 29 6.94 -2.14 9.03
CA GLU A 29 8.23 -1.54 9.31
C GLU A 29 8.64 -0.58 8.20
N PHE A 30 8.19 -0.85 6.98
CA PHE A 30 8.51 -0.01 5.84
C PHE A 30 7.70 1.28 5.88
N LEU A 31 6.43 1.17 6.29
CA LEU A 31 5.56 2.34 6.38
C LEU A 31 5.80 3.11 7.66
N ALA A 32 6.38 2.44 8.66
CA ALA A 32 6.68 3.08 9.93
C ALA A 32 7.46 4.37 9.74
N PRO A 33 7.54 5.18 10.81
CA PRO A 33 6.94 4.84 12.10
C PRO A 33 5.41 4.91 12.05
N LEU A 34 4.88 5.41 10.94
CA LEU A 34 3.43 5.52 10.77
C LEU A 34 2.73 4.22 11.14
N LYS A 35 1.42 4.29 11.31
CA LYS A 35 0.63 3.11 11.66
C LYS A 35 -0.70 3.10 10.92
N PRO A 36 -0.79 2.24 9.90
CA PRO A 36 -2.00 2.09 9.08
C PRO A 36 -3.15 1.47 9.85
N VAL A 37 -4.21 1.09 9.13
CA VAL A 37 -5.38 0.48 9.74
C VAL A 37 -5.50 -0.98 9.35
N ALA A 38 -5.19 -1.28 8.09
CA ALA A 38 -5.26 -2.64 7.59
C ALA A 38 -4.33 -2.84 6.38
N ILE A 39 -3.68 -4.00 6.33
CA ILE A 39 -2.77 -4.31 5.23
C ILE A 39 -3.23 -5.52 4.45
N ARG A 40 -3.58 -5.30 3.19
CA ARG A 40 -4.04 -6.39 2.33
C ARG A 40 -2.97 -6.78 1.33
N ILE A 41 -2.67 -8.08 1.26
CA ILE A 41 -1.66 -8.60 0.36
C ILE A 41 -2.29 -9.06 -0.96
N VAL A 42 -1.65 -8.72 -2.07
CA VAL A 42 -2.14 -9.11 -3.38
C VAL A 42 -1.41 -10.34 -3.91
N ARG A 43 -2.14 -11.45 -4.03
CA ARG A 43 -1.54 -12.69 -4.52
C ARG A 43 -1.87 -12.90 -6.00
N ASN A 44 -0.85 -13.21 -6.78
CA ASN A 44 -1.02 -13.44 -8.21
C ASN A 44 -2.24 -14.32 -8.48
N ALA A 45 -2.68 -14.35 -9.74
CA ALA A 45 -3.83 -15.16 -10.12
C ALA A 45 -3.64 -16.62 -9.72
N HIS A 46 -2.55 -17.22 -10.18
CA HIS A 46 -2.25 -18.60 -9.87
C HIS A 46 -2.18 -18.82 -8.35
N GLY A 47 -1.26 -18.10 -7.70
CA GLY A 47 -1.10 -18.23 -6.26
C GLY A 47 0.31 -17.93 -5.81
N ASN A 48 0.89 -16.86 -6.35
CA ASN A 48 2.25 -16.46 -5.99
C ASN A 48 2.26 -15.08 -5.36
N LYS A 49 3.29 -14.79 -4.58
CA LYS A 49 3.42 -13.50 -3.92
C LYS A 49 4.03 -12.47 -4.86
N THR A 50 3.17 -11.82 -5.64
CA THR A 50 3.61 -10.81 -6.60
C THR A 50 3.93 -9.49 -5.89
N GLY A 51 4.78 -8.68 -6.51
CA GLY A 51 5.15 -7.40 -5.92
C GLY A 51 4.01 -6.40 -5.95
N TYR A 52 3.11 -6.51 -4.99
CA TYR A 52 1.96 -5.60 -4.91
C TYR A 52 1.26 -5.73 -3.56
N ILE A 53 1.12 -4.61 -2.87
CA ILE A 53 0.47 -4.59 -1.56
C ILE A 53 -0.33 -3.30 -1.37
N PHE A 54 -1.46 -3.42 -0.68
CA PHE A 54 -2.31 -2.25 -0.42
C PHE A 54 -2.47 -2.03 1.08
N VAL A 55 -2.28 -0.79 1.52
CA VAL A 55 -2.41 -0.44 2.93
C VAL A 55 -3.30 0.78 3.12
N ASP A 56 -4.13 0.75 4.16
CA ASP A 56 -5.02 1.86 4.45
C ASP A 56 -4.60 2.59 5.72
N PHE A 57 -5.05 3.83 5.85
CA PHE A 57 -4.71 4.64 7.02
C PHE A 57 -5.95 5.35 7.58
N SER A 58 -5.80 5.98 8.73
CA SER A 58 -6.90 6.69 9.36
C SER A 58 -7.12 8.06 8.71
N ASN A 59 -6.13 8.94 8.88
CA ASN A 59 -6.20 10.28 8.31
C ASN A 59 -5.43 10.36 7.00
N GLU A 60 -5.47 11.53 6.36
CA GLU A 60 -4.77 11.74 5.10
C GLU A 60 -3.32 12.13 5.35
N GLU A 61 -3.02 12.55 6.58
CA GLU A 61 -1.67 12.96 6.95
C GLU A 61 -0.73 11.77 6.96
N GLU A 62 -1.26 10.60 7.34
CA GLU A 62 -0.46 9.39 7.39
C GLU A 62 -0.05 8.93 6.00
N VAL A 63 -1.03 8.84 5.10
CA VAL A 63 -0.77 8.42 3.73
C VAL A 63 0.22 9.35 3.05
N LYS A 64 -0.06 10.65 3.10
CA LYS A 64 0.81 11.64 2.48
C LYS A 64 2.27 11.39 2.85
N GLN A 65 2.52 11.12 4.12
CA GLN A 65 3.87 10.86 4.61
C GLN A 65 4.40 9.55 4.05
N ALA A 66 3.50 8.58 3.87
CA ALA A 66 3.88 7.28 3.34
C ALA A 66 4.59 7.42 2.00
N LEU A 67 4.17 8.38 1.20
CA LEU A 67 4.77 8.62 -0.10
C LEU A 67 6.23 9.06 0.03
N LYS A 68 6.48 9.95 0.99
CA LYS A 68 7.83 10.44 1.25
C LYS A 68 8.85 9.30 1.18
N CYS A 69 8.56 8.21 1.87
CA CYS A 69 9.45 7.06 1.90
C CYS A 69 9.45 6.35 0.55
N ASN A 70 10.09 6.95 -0.44
CA ASN A 70 10.17 6.37 -1.78
C ASN A 70 11.58 5.91 -2.09
N ARG A 71 11.69 4.91 -2.97
CA ARG A 71 12.98 4.38 -3.36
C ARG A 71 13.71 3.78 -2.15
N GLU A 72 12.95 3.14 -1.27
CA GLU A 72 13.52 2.53 -0.08
C GLU A 72 13.87 1.06 -0.33
N TYR A 73 14.51 0.43 0.65
CA TYR A 73 14.90 -0.96 0.54
C TYR A 73 14.38 -1.78 1.72
N MET A 74 13.35 -2.58 1.47
CA MET A 74 12.76 -3.41 2.51
C MET A 74 12.69 -4.86 2.07
N GLY A 75 13.36 -5.74 2.80
CA GLY A 75 13.36 -7.16 2.46
C GLY A 75 14.48 -7.53 1.51
N GLY A 76 14.78 -6.64 0.57
CA GLY A 76 15.84 -6.89 -0.39
C GLY A 76 15.41 -6.62 -1.81
N ARG A 77 14.48 -5.69 -1.98
CA ARG A 77 13.98 -5.34 -3.31
C ARG A 77 13.49 -3.90 -3.34
N TYR A 78 13.77 -3.21 -4.43
CA TYR A 78 13.35 -1.82 -4.59
C TYR A 78 11.85 -1.66 -4.36
N ILE A 79 11.49 -0.71 -3.51
CA ILE A 79 10.08 -0.45 -3.21
C ILE A 79 9.61 0.85 -3.82
N GLU A 80 8.35 0.90 -4.24
CA GLU A 80 7.78 2.09 -4.84
C GLU A 80 6.36 2.33 -4.32
N VAL A 81 6.19 3.41 -3.55
CA VAL A 81 4.89 3.75 -2.99
C VAL A 81 4.08 4.60 -3.98
N PHE A 82 2.80 4.27 -4.12
CA PHE A 82 1.92 5.00 -5.02
C PHE A 82 0.61 5.37 -4.33
N ARG A 83 0.24 6.64 -4.42
CA ARG A 83 -0.99 7.13 -3.80
C ARG A 83 -2.21 6.75 -4.65
N GLU A 84 -3.07 5.92 -4.07
CA GLU A 84 -4.28 5.48 -4.76
C GLU A 84 -5.49 6.32 -4.35
N LYS A 85 -5.90 7.22 -5.24
CA LYS A 85 -7.04 8.09 -4.97
C LYS A 85 -8.34 7.30 -4.96
N SER A 86 -8.49 6.40 -5.93
CA SER A 86 -9.69 5.57 -6.03
C SER A 86 -9.73 4.55 -4.90
N GLY A 87 -8.71 3.71 -4.82
CA GLY A 87 -8.66 2.70 -3.79
C GLY A 87 -8.86 1.30 -4.34
N PRO A 88 -9.21 0.36 -3.45
CA PRO A 88 -9.44 -1.04 -3.81
C PRO A 88 -10.71 -1.22 -4.65
N SER A 89 -11.38 -0.11 -4.94
CA SER A 89 -12.61 -0.14 -5.72
C SER A 89 -12.52 -1.18 -6.83
N SER A 90 -11.35 -1.29 -7.45
CA SER A 90 -11.14 -2.24 -8.53
C SER A 90 -10.40 -3.47 -8.03
N GLY A 91 -11.03 -4.63 -8.19
CA GLY A 91 -10.43 -5.88 -7.74
C GLY A 91 -8.92 -5.88 -7.91
N GLY A 1 -14.03 10.12 -21.02
CA GLY A 1 -14.88 9.62 -19.95
C GLY A 1 -14.10 9.37 -18.67
N SER A 2 -14.51 10.00 -17.58
CA SER A 2 -13.84 9.83 -16.30
C SER A 2 -14.67 8.95 -15.37
N SER A 3 -14.39 7.65 -15.39
CA SER A 3 -15.11 6.70 -14.56
C SER A 3 -14.14 5.92 -13.66
N GLY A 4 -14.25 6.14 -12.35
CA GLY A 4 -13.38 5.44 -11.42
C GLY A 4 -14.02 5.27 -10.05
N SER A 5 -13.71 6.17 -9.13
CA SER A 5 -14.25 6.10 -7.78
C SER A 5 -15.72 6.52 -7.77
N SER A 6 -16.54 5.71 -7.10
CA SER A 6 -17.98 5.98 -7.02
C SER A 6 -18.23 7.48 -6.78
N GLY A 7 -17.54 8.04 -5.81
CA GLY A 7 -17.70 9.46 -5.51
C GLY A 7 -16.88 9.89 -4.31
N THR A 8 -16.89 9.07 -3.25
CA THR A 8 -16.15 9.38 -2.04
C THR A 8 -14.68 8.99 -2.19
N THR A 9 -13.79 9.94 -1.88
CA THR A 9 -12.36 9.69 -1.99
C THR A 9 -11.87 8.80 -0.86
N CYS A 10 -11.04 7.82 -1.21
CA CYS A 10 -10.50 6.88 -0.22
C CYS A 10 -9.00 7.05 -0.08
N HIS A 11 -8.48 6.76 1.11
CA HIS A 11 -7.05 6.88 1.37
C HIS A 11 -6.37 5.50 1.35
N THR A 12 -5.82 5.15 0.20
CA THR A 12 -5.14 3.86 0.04
C THR A 12 -3.84 4.01 -0.73
N VAL A 13 -2.80 3.31 -0.29
CA VAL A 13 -1.50 3.36 -0.94
C VAL A 13 -1.10 2.00 -1.48
N LYS A 14 -0.26 2.00 -2.50
CA LYS A 14 0.21 0.75 -3.11
C LYS A 14 1.70 0.56 -2.86
N LEU A 15 2.10 -0.70 -2.71
CA LEU A 15 3.51 -1.02 -2.45
C LEU A 15 3.96 -2.17 -3.35
N ARG A 16 4.80 -1.84 -4.34
CA ARG A 16 5.31 -2.84 -5.28
C ARG A 16 6.83 -2.93 -5.19
N GLY A 17 7.36 -4.12 -5.40
CA GLY A 17 8.80 -4.32 -5.35
C GLY A 17 9.22 -5.21 -4.20
N ALA A 18 8.28 -5.52 -3.32
CA ALA A 18 8.56 -6.37 -2.17
C ALA A 18 8.85 -7.81 -2.61
N PRO A 19 9.65 -8.52 -1.80
CA PRO A 19 10.03 -9.91 -2.09
C PRO A 19 8.86 -10.87 -1.92
N PHE A 20 9.07 -12.12 -2.29
CA PHE A 20 8.03 -13.15 -2.18
C PHE A 20 7.83 -13.55 -0.71
N ASN A 21 8.91 -13.54 0.06
CA ASN A 21 8.86 -13.91 1.47
C ASN A 21 8.58 -12.68 2.34
N VAL A 22 7.57 -11.90 1.96
CA VAL A 22 7.20 -10.71 2.70
C VAL A 22 5.93 -10.93 3.50
N THR A 23 5.67 -10.04 4.46
CA THR A 23 4.49 -10.14 5.30
C THR A 23 4.00 -8.77 5.74
N GLU A 24 2.83 -8.73 6.35
CA GLU A 24 2.25 -7.48 6.82
C GLU A 24 3.22 -6.75 7.75
N LYS A 25 4.14 -7.50 8.35
CA LYS A 25 5.12 -6.94 9.26
C LYS A 25 6.16 -6.10 8.50
N ASN A 26 6.94 -6.76 7.65
CA ASN A 26 7.96 -6.09 6.86
C ASN A 26 7.45 -4.76 6.34
N VAL A 27 6.17 -4.73 5.96
CA VAL A 27 5.55 -3.51 5.44
C VAL A 27 5.47 -2.43 6.51
N MET A 28 4.94 -2.80 7.68
CA MET A 28 4.82 -1.86 8.79
C MET A 28 6.14 -1.18 9.07
N GLU A 29 7.23 -1.93 8.98
CA GLU A 29 8.57 -1.38 9.23
C GLU A 29 8.94 -0.36 8.16
N PHE A 30 8.58 -0.64 6.91
CA PHE A 30 8.88 0.25 5.80
C PHE A 30 8.03 1.51 5.88
N LEU A 31 6.74 1.35 6.13
CA LEU A 31 5.82 2.47 6.23
C LEU A 31 6.04 3.24 7.53
N ALA A 32 6.56 2.55 8.54
CA ALA A 32 6.81 3.16 9.84
C ALA A 32 7.58 4.48 9.67
N PRO A 33 7.56 5.30 10.73
CA PRO A 33 6.87 4.97 11.98
C PRO A 33 5.35 4.99 11.82
N LEU A 34 4.88 5.50 10.69
CA LEU A 34 3.45 5.59 10.41
C LEU A 34 2.74 4.33 10.91
N LYS A 35 1.43 4.46 11.13
CA LYS A 35 0.63 3.33 11.60
C LYS A 35 -0.68 3.24 10.82
N PRO A 36 -0.70 2.38 9.80
CA PRO A 36 -1.89 2.17 8.96
C PRO A 36 -3.01 1.46 9.70
N VAL A 37 -4.09 1.16 8.99
CA VAL A 37 -5.24 0.48 9.59
C VAL A 37 -5.21 -1.01 9.27
N ALA A 38 -4.92 -1.34 8.00
CA ALA A 38 -4.87 -2.72 7.57
C ALA A 38 -3.96 -2.88 6.35
N ILE A 39 -3.20 -3.97 6.32
CA ILE A 39 -2.30 -4.24 5.20
C ILE A 39 -2.69 -5.51 4.47
N ARG A 40 -3.37 -5.35 3.33
CA ARG A 40 -3.81 -6.50 2.54
C ARG A 40 -2.87 -6.73 1.36
N ILE A 41 -2.03 -7.75 1.46
CA ILE A 41 -1.08 -8.08 0.41
C ILE A 41 -1.80 -8.62 -0.83
N VAL A 42 -1.73 -7.86 -1.92
CA VAL A 42 -2.37 -8.26 -3.16
C VAL A 42 -2.01 -9.69 -3.53
N ARG A 43 -2.97 -10.59 -3.37
CA ARG A 43 -2.75 -12.01 -3.69
C ARG A 43 -3.12 -12.30 -5.14
N ASN A 44 -2.29 -13.09 -5.80
CA ASN A 44 -2.52 -13.45 -7.19
C ASN A 44 -3.68 -14.45 -7.32
N ALA A 45 -4.28 -14.50 -8.49
CA ALA A 45 -5.40 -15.41 -8.74
C ALA A 45 -5.22 -16.71 -7.98
N HIS A 46 -4.10 -17.38 -8.22
CA HIS A 46 -3.80 -18.65 -7.55
C HIS A 46 -3.53 -18.43 -6.07
N GLY A 47 -2.66 -17.46 -5.77
CA GLY A 47 -2.32 -17.18 -4.39
C GLY A 47 -0.82 -17.00 -4.18
N ASN A 48 -0.29 -15.87 -4.62
CA ASN A 48 1.12 -15.58 -4.48
C ASN A 48 1.37 -14.08 -4.30
N LYS A 49 2.63 -13.71 -4.20
CA LYS A 49 3.00 -12.30 -4.02
C LYS A 49 3.86 -11.81 -5.19
N THR A 50 3.39 -10.79 -5.88
CA THR A 50 4.10 -10.22 -7.02
C THR A 50 4.31 -8.72 -6.85
N GLY A 51 5.24 -8.36 -5.98
CA GLY A 51 5.53 -6.96 -5.75
C GLY A 51 4.28 -6.09 -5.83
N TYR A 52 3.37 -6.27 -4.89
CA TYR A 52 2.13 -5.50 -4.87
C TYR A 52 1.40 -5.68 -3.54
N ILE A 53 1.19 -4.59 -2.83
CA ILE A 53 0.50 -4.63 -1.55
C ILE A 53 -0.36 -3.38 -1.34
N PHE A 54 -1.52 -3.56 -0.73
CA PHE A 54 -2.43 -2.46 -0.47
C PHE A 54 -2.46 -2.10 1.02
N VAL A 55 -2.10 -0.86 1.33
CA VAL A 55 -2.09 -0.39 2.71
C VAL A 55 -3.03 0.80 2.90
N ASP A 56 -3.95 0.67 3.84
CA ASP A 56 -4.91 1.74 4.12
C ASP A 56 -4.53 2.47 5.41
N PHE A 57 -5.04 3.70 5.54
CA PHE A 57 -4.75 4.51 6.72
C PHE A 57 -6.02 5.16 7.25
N SER A 58 -5.98 5.58 8.51
CA SER A 58 -7.14 6.23 9.14
C SER A 58 -7.18 7.71 8.79
N ASN A 59 -6.06 8.40 8.99
CA ASN A 59 -5.98 9.82 8.69
C ASN A 59 -5.35 10.06 7.34
N GLU A 60 -5.58 11.25 6.77
CA GLU A 60 -5.04 11.60 5.47
C GLU A 60 -3.54 11.90 5.57
N GLU A 61 -3.17 12.65 6.60
CA GLU A 61 -1.76 13.01 6.81
C GLU A 61 -0.87 11.78 6.70
N GLU A 62 -1.32 10.67 7.26
CA GLU A 62 -0.55 9.43 7.23
C GLU A 62 -0.22 9.03 5.78
N VAL A 63 -1.24 9.08 4.93
CA VAL A 63 -1.07 8.72 3.52
C VAL A 63 0.00 9.59 2.87
N LYS A 64 -0.19 10.90 2.91
CA LYS A 64 0.75 11.84 2.33
C LYS A 64 2.18 11.51 2.75
N GLN A 65 2.34 11.10 4.01
CA GLN A 65 3.66 10.75 4.53
C GLN A 65 4.14 9.42 3.96
N ALA A 66 3.21 8.48 3.79
CA ALA A 66 3.54 7.17 3.25
C ALA A 66 4.29 7.29 1.93
N LEU A 67 3.88 8.25 1.11
CA LEU A 67 4.52 8.47 -0.19
C LEU A 67 5.95 8.99 -0.01
N LYS A 68 6.19 9.63 1.12
CA LYS A 68 7.52 10.17 1.42
C LYS A 68 8.57 9.06 1.45
N CYS A 69 8.37 8.09 2.35
CA CYS A 69 9.30 6.97 2.48
C CYS A 69 9.29 6.12 1.22
N ASN A 70 9.90 6.62 0.15
CA ASN A 70 9.96 5.90 -1.12
C ASN A 70 11.41 5.60 -1.51
N ARG A 71 11.57 4.74 -2.51
CA ARG A 71 12.90 4.37 -2.98
C ARG A 71 13.70 3.68 -1.86
N GLU A 72 12.99 3.02 -0.96
CA GLU A 72 13.62 2.32 0.14
C GLU A 72 14.04 0.91 -0.26
N TYR A 73 14.74 0.22 0.63
CA TYR A 73 15.20 -1.14 0.36
C TYR A 73 14.93 -2.05 1.56
N MET A 74 13.84 -2.82 1.46
CA MET A 74 13.47 -3.75 2.53
C MET A 74 13.28 -5.16 1.98
N GLY A 75 13.69 -6.15 2.77
CA GLY A 75 13.57 -7.53 2.35
C GLY A 75 14.65 -7.94 1.37
N GLY A 76 14.94 -7.07 0.40
CA GLY A 76 15.95 -7.37 -0.59
C GLY A 76 15.56 -6.90 -1.98
N ARG A 77 14.82 -5.81 -2.04
CA ARG A 77 14.38 -5.26 -3.32
C ARG A 77 13.87 -3.82 -3.15
N TYR A 78 13.87 -3.07 -4.25
CA TYR A 78 13.42 -1.69 -4.22
C TYR A 78 11.91 -1.61 -4.06
N ILE A 79 11.45 -0.60 -3.32
CA ILE A 79 10.02 -0.42 -3.08
C ILE A 79 9.52 0.88 -3.71
N GLU A 80 8.31 0.84 -4.25
CA GLU A 80 7.73 2.02 -4.88
C GLU A 80 6.30 2.25 -4.39
N VAL A 81 6.11 3.35 -3.66
CA VAL A 81 4.79 3.69 -3.13
C VAL A 81 3.99 4.53 -4.13
N PHE A 82 2.72 4.16 -4.30
CA PHE A 82 1.85 4.87 -5.22
C PHE A 82 0.51 5.21 -4.55
N ARG A 83 0.01 6.40 -4.85
CA ARG A 83 -1.26 6.85 -4.27
C ARG A 83 -2.44 6.36 -5.11
N GLU A 84 -3.36 5.66 -4.46
CA GLU A 84 -4.54 5.13 -5.14
C GLU A 84 -5.79 5.93 -4.77
N LYS A 85 -6.57 6.28 -5.79
CA LYS A 85 -7.80 7.05 -5.57
C LYS A 85 -8.99 6.12 -5.38
N SER A 86 -9.20 5.21 -6.32
CA SER A 86 -10.30 4.26 -6.26
C SER A 86 -10.17 3.35 -5.05
N GLY A 87 -8.99 2.72 -4.91
CA GLY A 87 -8.76 1.83 -3.80
C GLY A 87 -8.49 0.40 -4.24
N PRO A 88 -9.55 -0.31 -4.65
CA PRO A 88 -9.44 -1.70 -5.10
C PRO A 88 -8.74 -1.82 -6.45
N SER A 89 -7.95 -2.86 -6.61
CA SER A 89 -7.22 -3.09 -7.84
C SER A 89 -8.07 -2.72 -9.06
N SER A 90 -7.41 -2.38 -10.16
CA SER A 90 -8.11 -2.01 -11.37
C SER A 90 -8.74 -3.22 -12.05
N GLY A 91 -9.73 -2.98 -12.89
CA GLY A 91 -10.40 -4.07 -13.58
C GLY A 91 -11.88 -3.78 -13.81
N GLY A 1 -27.70 4.55 -9.72
CA GLY A 1 -27.70 3.76 -8.50
C GLY A 1 -26.90 4.41 -7.40
N SER A 2 -25.74 3.84 -7.08
CA SER A 2 -24.89 4.37 -6.03
C SER A 2 -23.75 5.19 -6.63
N SER A 3 -23.68 6.47 -6.24
CA SER A 3 -22.64 7.36 -6.74
C SER A 3 -22.07 8.21 -5.60
N GLY A 4 -20.77 8.08 -5.37
CA GLY A 4 -20.12 8.84 -4.32
C GLY A 4 -19.18 9.90 -4.87
N SER A 5 -19.72 11.07 -5.20
CA SER A 5 -18.93 12.16 -5.75
C SER A 5 -17.61 12.30 -4.98
N SER A 6 -17.70 12.46 -3.67
CA SER A 6 -16.52 12.61 -2.83
C SER A 6 -16.14 11.27 -2.19
N GLY A 7 -17.11 10.64 -1.54
CA GLY A 7 -16.85 9.36 -0.90
C GLY A 7 -16.16 9.51 0.45
N THR A 8 -16.65 8.79 1.45
CA THR A 8 -16.07 8.85 2.78
C THR A 8 -14.54 8.81 2.72
N THR A 9 -13.90 9.18 3.83
CA THR A 9 -12.44 9.19 3.90
C THR A 9 -11.87 7.81 3.59
N CYS A 10 -11.43 7.62 2.36
CA CYS A 10 -10.86 6.34 1.94
C CYS A 10 -9.45 6.54 1.38
N HIS A 11 -8.45 6.28 2.23
CA HIS A 11 -7.06 6.42 1.82
C HIS A 11 -6.39 5.06 1.68
N THR A 12 -5.86 4.79 0.50
CA THR A 12 -5.18 3.52 0.23
C THR A 12 -3.90 3.73 -0.56
N VAL A 13 -2.85 3.02 -0.16
CA VAL A 13 -1.56 3.14 -0.83
C VAL A 13 -1.13 1.80 -1.42
N LYS A 14 -0.44 1.85 -2.56
CA LYS A 14 0.03 0.64 -3.23
C LYS A 14 1.55 0.56 -3.21
N LEU A 15 2.08 -0.64 -3.04
CA LEU A 15 3.52 -0.85 -3.00
C LEU A 15 3.95 -1.87 -4.05
N ARG A 16 5.17 -1.72 -4.56
CA ARG A 16 5.70 -2.62 -5.57
C ARG A 16 7.19 -2.85 -5.37
N GLY A 17 7.72 -3.87 -6.03
CA GLY A 17 9.13 -4.19 -5.91
C GLY A 17 9.42 -5.12 -4.74
N ALA A 18 8.51 -5.16 -3.78
CA ALA A 18 8.66 -6.02 -2.62
C ALA A 18 8.81 -7.48 -3.02
N PRO A 19 9.51 -8.26 -2.18
CA PRO A 19 9.74 -9.68 -2.44
C PRO A 19 8.47 -10.51 -2.29
N PHE A 20 8.58 -11.82 -2.53
CA PHE A 20 7.44 -12.71 -2.42
C PHE A 20 7.26 -13.20 -0.99
N ASN A 21 8.37 -13.45 -0.31
CA ASN A 21 8.32 -13.92 1.08
C ASN A 21 8.22 -12.75 2.05
N VAL A 22 7.32 -11.82 1.74
CA VAL A 22 7.12 -10.64 2.59
C VAL A 22 5.85 -10.78 3.43
N THR A 23 5.93 -10.33 4.67
CA THR A 23 4.79 -10.41 5.58
C THR A 23 4.40 -9.02 6.09
N GLU A 24 3.25 -8.94 6.76
CA GLU A 24 2.76 -7.68 7.29
C GLU A 24 3.86 -6.97 8.10
N LYS A 25 4.45 -7.70 9.03
CA LYS A 25 5.50 -7.14 9.87
C LYS A 25 6.51 -6.35 9.04
N ASN A 26 6.90 -6.92 7.91
CA ASN A 26 7.87 -6.27 7.02
C ASN A 26 7.31 -4.95 6.51
N VAL A 27 6.08 -4.98 6.02
CA VAL A 27 5.44 -3.77 5.49
C VAL A 27 5.33 -2.69 6.56
N MET A 28 4.84 -3.09 7.74
CA MET A 28 4.70 -2.15 8.86
C MET A 28 6.00 -1.39 9.09
N GLU A 29 7.12 -2.10 9.05
CA GLU A 29 8.42 -1.49 9.27
C GLU A 29 8.79 -0.57 8.11
N PHE A 30 8.23 -0.85 6.94
CA PHE A 30 8.51 -0.05 5.75
C PHE A 30 7.75 1.27 5.80
N LEU A 31 6.47 1.21 6.16
CA LEU A 31 5.64 2.40 6.24
C LEU A 31 5.90 3.15 7.54
N ALA A 32 6.46 2.46 8.52
CA ALA A 32 6.76 3.05 9.81
C ALA A 32 7.53 4.36 9.64
N PRO A 33 7.56 5.18 10.70
CA PRO A 33 6.89 4.86 11.96
C PRO A 33 5.36 4.90 11.84
N LEU A 34 4.88 5.38 10.71
CA LEU A 34 3.44 5.47 10.46
C LEU A 34 2.75 4.18 10.86
N LYS A 35 1.46 4.27 11.14
CA LYS A 35 0.66 3.10 11.53
C LYS A 35 -0.65 3.07 10.76
N PRO A 36 -0.75 2.16 9.77
CA PRO A 36 -1.95 2.00 8.96
C PRO A 36 -3.11 1.40 9.74
N VAL A 37 -4.20 1.12 9.05
CA VAL A 37 -5.39 0.54 9.68
C VAL A 37 -5.57 -0.92 9.28
N ALA A 38 -5.14 -1.25 8.06
CA ALA A 38 -5.25 -2.61 7.56
C ALA A 38 -4.33 -2.85 6.38
N ILE A 39 -3.55 -3.93 6.44
CA ILE A 39 -2.61 -4.26 5.37
C ILE A 39 -3.11 -5.45 4.56
N ARG A 40 -3.57 -5.18 3.34
CA ARG A 40 -4.07 -6.23 2.46
C ARG A 40 -3.06 -6.54 1.36
N ILE A 41 -2.33 -7.64 1.53
CA ILE A 41 -1.33 -8.05 0.55
C ILE A 41 -1.99 -8.64 -0.69
N VAL A 42 -1.56 -8.18 -1.86
CA VAL A 42 -2.10 -8.67 -3.12
C VAL A 42 -1.63 -10.09 -3.41
N ARG A 43 -2.40 -11.07 -2.96
CA ARG A 43 -2.06 -12.47 -3.17
C ARG A 43 -2.61 -12.96 -4.51
N ASN A 44 -1.73 -13.53 -5.33
CA ASN A 44 -2.13 -14.05 -6.64
C ASN A 44 -1.89 -15.55 -6.72
N ALA A 45 -2.42 -16.17 -7.78
CA ALA A 45 -2.26 -17.60 -7.98
C ALA A 45 -2.65 -18.38 -6.73
N HIS A 46 -3.72 -17.93 -6.06
CA HIS A 46 -4.19 -18.58 -4.85
C HIS A 46 -3.12 -18.55 -3.76
N GLY A 47 -2.45 -17.41 -3.63
CA GLY A 47 -1.41 -17.28 -2.62
C GLY A 47 -0.04 -17.06 -3.23
N ASN A 48 0.26 -15.81 -3.57
CA ASN A 48 1.54 -15.47 -4.16
C ASN A 48 1.72 -13.96 -4.24
N LYS A 49 2.67 -13.44 -3.47
CA LYS A 49 2.94 -12.00 -3.45
C LYS A 49 3.68 -11.57 -4.71
N THR A 50 2.94 -11.03 -5.68
CA THR A 50 3.54 -10.58 -6.93
C THR A 50 3.95 -9.12 -6.85
N GLY A 51 4.97 -8.84 -6.04
CA GLY A 51 5.44 -7.48 -5.89
C GLY A 51 4.31 -6.47 -5.84
N TYR A 52 3.35 -6.72 -4.96
CA TYR A 52 2.21 -5.83 -4.81
C TYR A 52 1.59 -5.95 -3.42
N ILE A 53 1.29 -4.80 -2.81
CA ILE A 53 0.70 -4.79 -1.48
C ILE A 53 -0.21 -3.57 -1.31
N PHE A 54 -1.37 -3.78 -0.67
CA PHE A 54 -2.32 -2.71 -0.44
C PHE A 54 -2.39 -2.36 1.05
N VAL A 55 -2.17 -1.08 1.37
CA VAL A 55 -2.22 -0.63 2.75
C VAL A 55 -3.20 0.53 2.91
N ASP A 56 -3.90 0.55 4.04
CA ASP A 56 -4.86 1.61 4.32
C ASP A 56 -4.47 2.38 5.58
N PHE A 57 -4.97 3.62 5.68
CA PHE A 57 -4.67 4.46 6.84
C PHE A 57 -5.93 5.14 7.33
N SER A 58 -5.85 5.71 8.54
CA SER A 58 -6.99 6.40 9.13
C SER A 58 -7.05 7.85 8.67
N ASN A 59 -5.96 8.58 8.86
CA ASN A 59 -5.89 9.99 8.46
C ASN A 59 -5.15 10.13 7.13
N GLU A 60 -5.32 11.29 6.49
CA GLU A 60 -4.67 11.56 5.22
C GLU A 60 -3.23 12.00 5.43
N GLU A 61 -2.90 12.37 6.66
CA GLU A 61 -1.55 12.81 6.98
C GLU A 61 -0.56 11.64 6.96
N GLU A 62 -1.05 10.47 7.36
CA GLU A 62 -0.21 9.27 7.38
C GLU A 62 0.15 8.84 5.97
N VAL A 63 -0.83 8.84 5.07
CA VAL A 63 -0.62 8.44 3.69
C VAL A 63 0.34 9.40 2.99
N LYS A 64 0.10 10.69 3.16
CA LYS A 64 0.95 11.71 2.54
C LYS A 64 2.43 11.43 2.81
N GLN A 65 2.72 10.97 4.03
CA GLN A 65 4.09 10.68 4.42
C GLN A 65 4.59 9.41 3.72
N ALA A 66 3.75 8.37 3.73
CA ALA A 66 4.11 7.11 3.09
C ALA A 66 4.62 7.33 1.68
N LEU A 67 4.04 8.30 0.99
CA LEU A 67 4.43 8.60 -0.38
C LEU A 67 5.84 9.16 -0.42
N LYS A 68 6.16 10.05 0.52
CA LYS A 68 7.48 10.67 0.59
C LYS A 68 8.56 9.60 0.74
N CYS A 69 8.26 8.56 1.52
CA CYS A 69 9.20 7.48 1.74
C CYS A 69 9.28 6.55 0.53
N ASN A 70 10.09 6.93 -0.45
CA ASN A 70 10.24 6.14 -1.66
C ASN A 70 11.69 5.71 -1.86
N ARG A 71 11.91 4.82 -2.81
CA ARG A 71 13.26 4.32 -3.10
C ARG A 71 13.91 3.78 -1.84
N GLU A 72 13.13 3.09 -1.01
CA GLU A 72 13.64 2.53 0.23
C GLU A 72 14.04 1.07 0.04
N TYR A 73 14.61 0.48 1.07
CA TYR A 73 15.04 -0.92 1.02
C TYR A 73 14.38 -1.73 2.13
N MET A 74 13.41 -2.55 1.76
CA MET A 74 12.70 -3.39 2.72
C MET A 74 12.63 -4.83 2.23
N GLY A 75 13.13 -5.75 3.05
CA GLY A 75 13.12 -7.15 2.70
C GLY A 75 14.32 -7.55 1.85
N GLY A 76 14.78 -6.62 1.02
CA GLY A 76 15.92 -6.89 0.16
C GLY A 76 15.66 -6.53 -1.29
N ARG A 77 14.80 -5.54 -1.50
CA ARG A 77 14.46 -5.09 -2.84
C ARG A 77 13.83 -3.71 -2.82
N TYR A 78 14.10 -2.92 -3.86
CA TYR A 78 13.56 -1.57 -3.95
C TYR A 78 12.06 -1.56 -3.65
N ILE A 79 11.53 -0.38 -3.42
CA ILE A 79 10.10 -0.23 -3.13
C ILE A 79 9.51 0.99 -3.83
N GLU A 80 8.26 0.89 -4.25
CA GLU A 80 7.59 1.98 -4.93
C GLU A 80 6.18 2.19 -4.37
N VAL A 81 5.96 3.35 -3.76
CA VAL A 81 4.65 3.67 -3.18
C VAL A 81 3.81 4.51 -4.14
N PHE A 82 2.51 4.25 -4.16
CA PHE A 82 1.61 4.97 -5.04
C PHE A 82 0.25 5.20 -4.36
N ARG A 83 -0.19 6.45 -4.32
CA ARG A 83 -1.45 6.80 -3.70
C ARG A 83 -2.62 6.26 -4.51
N GLU A 84 -3.63 5.74 -3.81
CA GLU A 84 -4.81 5.19 -4.47
C GLU A 84 -6.09 5.77 -3.88
N LYS A 85 -7.20 5.55 -4.56
CA LYS A 85 -8.49 6.05 -4.11
C LYS A 85 -9.46 4.91 -3.83
N SER A 86 -9.34 4.30 -2.65
CA SER A 86 -10.20 3.19 -2.27
C SER A 86 -10.19 2.10 -3.33
N GLY A 87 -8.98 1.67 -3.71
CA GLY A 87 -8.85 0.63 -4.71
C GLY A 87 -8.68 1.19 -6.10
N PRO A 88 -8.02 0.42 -6.98
CA PRO A 88 -7.79 0.83 -8.37
C PRO A 88 -9.07 0.84 -9.20
N SER A 89 -9.77 1.98 -9.20
CA SER A 89 -11.01 2.12 -9.95
C SER A 89 -11.87 0.87 -9.80
N SER A 90 -11.93 0.34 -8.59
CA SER A 90 -12.72 -0.86 -8.31
C SER A 90 -14.04 -0.50 -7.65
N GLY A 91 -15.07 -1.30 -7.92
CA GLY A 91 -16.37 -1.05 -7.34
C GLY A 91 -17.05 -2.33 -6.86
N GLY A 1 -13.23 8.30 -11.25
CA GLY A 1 -12.66 8.47 -12.56
C GLY A 1 -13.52 9.36 -13.46
N SER A 2 -13.49 9.08 -14.76
CA SER A 2 -14.25 9.87 -15.71
C SER A 2 -14.32 11.33 -15.30
N SER A 3 -13.19 11.86 -14.83
CA SER A 3 -13.12 13.25 -14.39
C SER A 3 -14.38 13.64 -13.63
N GLY A 4 -14.76 12.83 -12.66
CA GLY A 4 -15.95 13.11 -11.87
C GLY A 4 -15.64 13.90 -10.61
N SER A 5 -16.65 14.58 -10.08
CA SER A 5 -16.48 15.38 -8.87
C SER A 5 -16.92 14.59 -7.64
N SER A 6 -18.19 14.18 -7.63
CA SER A 6 -18.73 13.42 -6.51
C SER A 6 -17.85 12.22 -6.18
N GLY A 7 -18.04 11.66 -4.99
CA GLY A 7 -17.26 10.51 -4.57
C GLY A 7 -16.95 10.53 -3.09
N THR A 8 -16.35 9.45 -2.59
CA THR A 8 -16.01 9.34 -1.19
C THR A 8 -14.53 9.63 -0.96
N THR A 9 -14.22 10.27 0.16
CA THR A 9 -12.83 10.61 0.50
C THR A 9 -12.13 9.42 1.14
N CYS A 10 -11.30 8.73 0.36
CA CYS A 10 -10.56 7.58 0.86
C CYS A 10 -9.06 7.76 0.64
N HIS A 11 -8.27 7.16 1.52
CA HIS A 11 -6.82 7.27 1.42
C HIS A 11 -6.18 5.88 1.47
N THR A 12 -5.67 5.43 0.32
CA THR A 12 -5.03 4.12 0.23
C THR A 12 -3.70 4.22 -0.51
N VAL A 13 -2.78 3.31 -0.18
CA VAL A 13 -1.47 3.29 -0.81
C VAL A 13 -1.13 1.89 -1.32
N LYS A 14 -0.22 1.82 -2.29
CA LYS A 14 0.19 0.55 -2.86
C LYS A 14 1.71 0.40 -2.81
N LEU A 15 2.17 -0.85 -2.75
CA LEU A 15 3.60 -1.13 -2.69
C LEU A 15 4.01 -2.11 -3.78
N ARG A 16 5.07 -1.76 -4.51
CA ARG A 16 5.56 -2.61 -5.59
C ARG A 16 7.09 -2.71 -5.55
N GLY A 17 7.59 -3.94 -5.55
CA GLY A 17 9.02 -4.16 -5.51
C GLY A 17 9.45 -5.07 -4.38
N ALA A 18 8.51 -5.38 -3.50
CA ALA A 18 8.78 -6.25 -2.36
C ALA A 18 9.03 -7.69 -2.81
N PRO A 19 9.86 -8.41 -2.05
CA PRO A 19 10.20 -9.81 -2.36
C PRO A 19 9.02 -10.75 -2.14
N PHE A 20 9.20 -12.01 -2.50
CA PHE A 20 8.14 -13.01 -2.35
C PHE A 20 8.01 -13.43 -0.89
N ASN A 21 9.10 -13.32 -0.14
CA ASN A 21 9.10 -13.69 1.27
C ASN A 21 8.80 -12.48 2.15
N VAL A 22 7.77 -11.73 1.78
CA VAL A 22 7.37 -10.55 2.53
C VAL A 22 6.08 -10.79 3.29
N THR A 23 5.98 -10.20 4.49
CA THR A 23 4.79 -10.36 5.31
C THR A 23 4.32 -9.01 5.85
N GLU A 24 3.12 -8.99 6.41
CA GLU A 24 2.55 -7.77 6.97
C GLU A 24 3.59 -7.02 7.79
N LYS A 25 4.21 -7.72 8.74
CA LYS A 25 5.22 -7.12 9.60
C LYS A 25 6.14 -6.20 8.79
N ASN A 26 6.76 -6.76 7.75
CA ASN A 26 7.66 -5.99 6.90
C ASN A 26 7.01 -4.69 6.45
N VAL A 27 5.77 -4.80 5.94
CA VAL A 27 5.04 -3.62 5.47
C VAL A 27 4.88 -2.60 6.58
N MET A 28 4.57 -3.06 7.78
CA MET A 28 4.39 -2.18 8.93
C MET A 28 5.68 -1.41 9.22
N GLU A 29 6.78 -2.14 9.37
CA GLU A 29 8.07 -1.53 9.66
C GLU A 29 8.53 -0.66 8.49
N PHE A 30 8.09 -1.02 7.28
CA PHE A 30 8.47 -0.27 6.09
C PHE A 30 7.77 1.09 6.06
N LEU A 31 6.48 1.10 6.39
CA LEU A 31 5.71 2.33 6.41
C LEU A 31 5.96 3.12 7.69
N ALA A 32 6.33 2.41 8.75
CA ALA A 32 6.60 3.04 10.04
C ALA A 32 7.37 4.34 9.86
N PRO A 33 7.34 5.20 10.89
CA PRO A 33 6.61 4.92 12.13
C PRO A 33 5.10 4.94 11.94
N LEU A 34 4.67 5.40 10.77
CA LEU A 34 3.25 5.48 10.45
C LEU A 34 2.52 4.21 10.88
N LYS A 35 1.25 4.34 11.23
CA LYS A 35 0.45 3.21 11.65
C LYS A 35 -0.86 3.13 10.85
N PRO A 36 -0.89 2.24 9.85
CA PRO A 36 -2.07 2.05 9.01
C PRO A 36 -3.24 1.41 9.75
N VAL A 37 -4.27 1.01 9.02
CA VAL A 37 -5.43 0.38 9.61
C VAL A 37 -5.51 -1.09 9.24
N ALA A 38 -5.13 -1.41 8.00
CA ALA A 38 -5.15 -2.79 7.53
C ALA A 38 -4.22 -2.97 6.33
N ILE A 39 -3.44 -4.05 6.35
CA ILE A 39 -2.51 -4.33 5.27
C ILE A 39 -2.96 -5.55 4.47
N ARG A 40 -3.57 -5.31 3.32
CA ARG A 40 -4.04 -6.39 2.47
C ARG A 40 -3.02 -6.71 1.37
N ILE A 41 -2.36 -7.85 1.51
CA ILE A 41 -1.36 -8.28 0.53
C ILE A 41 -2.01 -8.75 -0.76
N VAL A 42 -1.72 -8.06 -1.85
CA VAL A 42 -2.27 -8.40 -3.16
C VAL A 42 -1.84 -9.81 -3.58
N ARG A 43 -2.74 -10.77 -3.43
CA ARG A 43 -2.46 -12.15 -3.80
C ARG A 43 -3.02 -12.48 -5.17
N ASN A 44 -2.40 -13.44 -5.85
CA ASN A 44 -2.82 -13.84 -7.18
C ASN A 44 -3.77 -15.04 -7.11
N ALA A 45 -4.27 -15.46 -8.26
CA ALA A 45 -5.19 -16.59 -8.33
C ALA A 45 -4.69 -17.76 -7.47
N HIS A 46 -3.60 -18.37 -7.90
CA HIS A 46 -3.01 -19.50 -7.17
C HIS A 46 -2.08 -19.00 -6.07
N GLY A 47 -2.57 -18.06 -5.27
CA GLY A 47 -1.77 -17.52 -4.19
C GLY A 47 -0.35 -17.21 -4.63
N ASN A 48 -0.21 -16.33 -5.61
CA ASN A 48 1.11 -15.96 -6.12
C ASN A 48 1.31 -14.45 -6.03
N LYS A 49 1.54 -13.95 -4.82
CA LYS A 49 1.76 -12.52 -4.61
C LYS A 49 2.82 -11.97 -5.56
N THR A 50 2.39 -11.12 -6.48
CA THR A 50 3.30 -10.52 -7.44
C THR A 50 3.64 -9.08 -7.08
N GLY A 51 4.56 -8.92 -6.13
CA GLY A 51 4.95 -7.59 -5.69
C GLY A 51 3.80 -6.60 -5.72
N TYR A 52 2.94 -6.68 -4.70
CA TYR A 52 1.79 -5.79 -4.61
C TYR A 52 1.13 -5.88 -3.24
N ILE A 53 1.12 -4.77 -2.52
CA ILE A 53 0.53 -4.72 -1.19
C ILE A 53 -0.27 -3.44 -1.00
N PHE A 54 -1.54 -3.59 -0.62
CA PHE A 54 -2.42 -2.46 -0.40
C PHE A 54 -2.53 -2.13 1.09
N VAL A 55 -2.17 -0.91 1.45
CA VAL A 55 -2.23 -0.47 2.84
C VAL A 55 -3.18 0.71 3.01
N ASP A 56 -4.03 0.64 4.03
CA ASP A 56 -4.98 1.71 4.30
C ASP A 56 -4.61 2.47 5.58
N PHE A 57 -5.20 3.64 5.75
CA PHE A 57 -4.93 4.46 6.92
C PHE A 57 -6.20 5.17 7.40
N SER A 58 -6.11 5.80 8.56
CA SER A 58 -7.25 6.52 9.14
C SER A 58 -7.17 8.01 8.81
N ASN A 59 -5.99 8.59 8.99
CA ASN A 59 -5.79 10.00 8.71
C ASN A 59 -5.31 10.21 7.28
N GLU A 60 -5.40 11.45 6.80
CA GLU A 60 -4.97 11.78 5.45
C GLU A 60 -3.49 12.15 5.43
N GLU A 61 -3.02 12.78 6.51
CA GLU A 61 -1.63 13.18 6.61
C GLU A 61 -0.71 11.96 6.62
N GLU A 62 -1.12 10.92 7.33
CA GLU A 62 -0.33 9.70 7.43
C GLU A 62 -0.05 9.12 6.03
N VAL A 63 -1.10 9.01 5.22
CA VAL A 63 -0.96 8.48 3.88
C VAL A 63 0.00 9.31 3.05
N LYS A 64 -0.08 10.63 3.19
CA LYS A 64 0.78 11.54 2.46
C LYS A 64 2.26 11.26 2.77
N GLN A 65 2.56 11.02 4.04
CA GLN A 65 3.92 10.74 4.46
C GLN A 65 4.40 9.41 3.88
N ALA A 66 3.50 8.44 3.83
CA ALA A 66 3.82 7.12 3.28
C ALA A 66 4.42 7.23 1.89
N LEU A 67 4.23 8.38 1.26
CA LEU A 67 4.74 8.61 -0.09
C LEU A 67 6.11 9.26 -0.04
N LYS A 68 6.41 9.93 1.07
CA LYS A 68 7.69 10.59 1.25
C LYS A 68 8.83 9.59 1.26
N CYS A 69 8.48 8.30 1.28
CA CYS A 69 9.48 7.24 1.29
C CYS A 69 9.45 6.45 -0.02
N ASN A 70 10.36 6.79 -0.92
CA ASN A 70 10.45 6.12 -2.21
C ASN A 70 11.80 5.43 -2.37
N ARG A 71 11.99 4.78 -3.52
CA ARG A 71 13.24 4.08 -3.80
C ARG A 71 13.85 3.53 -2.52
N GLU A 72 13.00 3.03 -1.63
CA GLU A 72 13.45 2.47 -0.36
C GLU A 72 13.93 1.03 -0.54
N TYR A 73 14.47 0.45 0.52
CA TYR A 73 14.97 -0.91 0.48
C TYR A 73 14.49 -1.70 1.70
N MET A 74 13.60 -2.65 1.47
CA MET A 74 13.07 -3.47 2.55
C MET A 74 13.00 -4.94 2.13
N GLY A 75 13.62 -5.81 2.91
CA GLY A 75 13.61 -7.23 2.61
C GLY A 75 14.74 -7.63 1.68
N GLY A 76 15.06 -6.75 0.73
CA GLY A 76 16.13 -7.04 -0.21
C GLY A 76 15.73 -6.73 -1.65
N ARG A 77 14.85 -5.76 -1.82
CA ARG A 77 14.38 -5.38 -3.16
C ARG A 77 13.79 -3.97 -3.14
N TYR A 78 13.99 -3.24 -4.23
CA TYR A 78 13.48 -1.88 -4.34
C TYR A 78 12.01 -1.82 -3.97
N ILE A 79 11.54 -0.62 -3.64
CA ILE A 79 10.15 -0.43 -3.26
C ILE A 79 9.62 0.92 -3.76
N GLU A 80 8.48 0.88 -4.45
CA GLU A 80 7.87 2.10 -4.99
C GLU A 80 6.49 2.32 -4.39
N VAL A 81 6.36 3.38 -3.59
CA VAL A 81 5.09 3.70 -2.96
C VAL A 81 4.24 4.59 -3.85
N PHE A 82 2.98 4.23 -4.02
CA PHE A 82 2.06 5.00 -4.86
C PHE A 82 0.76 5.30 -4.10
N ARG A 83 0.13 6.41 -4.45
CA ARG A 83 -1.12 6.81 -3.82
C ARG A 83 -2.32 6.35 -4.64
N GLU A 84 -3.19 5.57 -4.03
CA GLU A 84 -4.38 5.06 -4.72
C GLU A 84 -5.62 5.86 -4.31
N LYS A 85 -6.63 5.84 -5.17
CA LYS A 85 -7.88 6.55 -4.90
C LYS A 85 -9.04 5.58 -4.75
N SER A 86 -9.35 5.22 -3.51
CA SER A 86 -10.45 4.29 -3.24
C SER A 86 -10.25 2.98 -3.97
N GLY A 87 -9.01 2.50 -3.98
CA GLY A 87 -8.70 1.25 -4.67
C GLY A 87 -9.35 1.16 -6.03
N PRO A 88 -8.80 1.89 -7.01
CA PRO A 88 -9.32 1.91 -8.38
C PRO A 88 -9.08 0.59 -9.10
N SER A 89 -10.14 -0.17 -9.31
CA SER A 89 -10.04 -1.46 -10.00
C SER A 89 -10.78 -1.42 -11.33
N SER A 90 -11.99 -0.88 -11.31
CA SER A 90 -12.81 -0.78 -12.52
C SER A 90 -13.11 0.67 -12.86
N GLY A 91 -12.66 1.10 -14.04
CA GLY A 91 -12.89 2.47 -14.46
C GLY A 91 -11.64 3.31 -14.40
N GLY A 1 -22.07 12.30 -14.76
CA GLY A 1 -20.91 12.19 -13.89
C GLY A 1 -21.06 11.11 -12.83
N SER A 2 -21.41 11.53 -11.62
CA SER A 2 -21.59 10.59 -10.52
C SER A 2 -22.49 11.19 -9.44
N SER A 3 -23.37 10.36 -8.89
CA SER A 3 -24.29 10.80 -7.85
C SER A 3 -23.66 10.66 -6.47
N GLY A 4 -22.39 11.02 -6.35
CA GLY A 4 -21.69 10.92 -5.09
C GLY A 4 -20.19 11.03 -5.25
N SER A 5 -19.73 12.11 -5.88
CA SER A 5 -18.31 12.33 -6.09
C SER A 5 -17.67 12.98 -4.87
N SER A 6 -18.30 14.03 -4.36
CA SER A 6 -17.79 14.74 -3.20
C SER A 6 -18.35 14.16 -1.91
N GLY A 7 -17.69 13.12 -1.40
CA GLY A 7 -18.15 12.49 -0.18
C GLY A 7 -17.08 11.61 0.45
N THR A 8 -16.60 10.62 -0.30
CA THR A 8 -15.57 9.72 0.19
C THR A 8 -14.21 10.04 -0.41
N THR A 9 -13.31 10.57 0.41
CA THR A 9 -11.97 10.92 -0.04
C THR A 9 -10.91 10.18 0.75
N CYS A 10 -11.16 8.91 1.04
CA CYS A 10 -10.22 8.09 1.80
C CYS A 10 -8.88 7.99 1.07
N HIS A 11 -7.86 7.52 1.79
CA HIS A 11 -6.53 7.39 1.21
C HIS A 11 -6.08 5.93 1.24
N THR A 12 -5.53 5.46 0.12
CA THR A 12 -5.06 4.08 0.02
C THR A 12 -3.75 4.00 -0.73
N VAL A 13 -2.69 3.57 -0.04
CA VAL A 13 -1.38 3.44 -0.66
C VAL A 13 -1.11 2.00 -1.10
N LYS A 14 -0.15 1.85 -2.00
CA LYS A 14 0.22 0.53 -2.50
C LYS A 14 1.73 0.39 -2.64
N LEU A 15 2.22 -0.83 -2.49
CA LEU A 15 3.65 -1.10 -2.59
C LEU A 15 3.93 -2.17 -3.64
N ARG A 16 4.94 -1.95 -4.47
CA ARG A 16 5.30 -2.90 -5.51
C ARG A 16 6.81 -3.11 -5.55
N GLY A 17 7.23 -4.37 -5.71
CA GLY A 17 8.64 -4.68 -5.75
C GLY A 17 9.10 -5.46 -4.53
N ALA A 18 8.14 -5.91 -3.72
CA ALA A 18 8.45 -6.67 -2.52
C ALA A 18 8.86 -8.10 -2.86
N PRO A 19 9.82 -8.64 -2.10
CA PRO A 19 10.32 -10.00 -2.29
C PRO A 19 9.29 -11.06 -1.91
N PHE A 20 9.72 -12.31 -1.86
CA PHE A 20 8.83 -13.41 -1.51
C PHE A 20 8.86 -13.67 -0.01
N ASN A 21 9.79 -13.04 0.69
CA ASN A 21 9.92 -13.19 2.13
C ASN A 21 9.32 -12.00 2.86
N VAL A 22 8.36 -11.33 2.21
CA VAL A 22 7.70 -10.18 2.81
C VAL A 22 6.41 -10.59 3.51
N THR A 23 6.16 -9.98 4.67
CA THR A 23 4.97 -10.27 5.45
C THR A 23 4.32 -8.99 5.98
N GLU A 24 3.05 -9.08 6.35
CA GLU A 24 2.33 -7.93 6.89
C GLU A 24 3.23 -7.09 7.78
N LYS A 25 4.16 -7.75 8.47
CA LYS A 25 5.09 -7.07 9.36
C LYS A 25 5.98 -6.11 8.59
N ASN A 26 6.86 -6.67 7.76
CA ASN A 26 7.77 -5.86 6.96
C ASN A 26 7.08 -4.59 6.47
N VAL A 27 5.87 -4.73 5.96
CA VAL A 27 5.10 -3.60 5.46
C VAL A 27 4.91 -2.54 6.54
N MET A 28 4.58 -2.99 7.74
CA MET A 28 4.37 -2.08 8.87
C MET A 28 5.64 -1.27 9.16
N GLU A 29 6.76 -1.97 9.27
CA GLU A 29 8.04 -1.30 9.55
C GLU A 29 8.41 -0.36 8.41
N PHE A 30 8.09 -0.75 7.19
CA PHE A 30 8.39 0.06 6.02
C PHE A 30 7.61 1.37 6.04
N LEU A 31 6.32 1.27 6.37
CA LEU A 31 5.45 2.45 6.43
C LEU A 31 5.68 3.22 7.73
N ALA A 32 6.24 2.55 8.73
CA ALA A 32 6.51 3.17 10.01
C ALA A 32 7.30 4.46 9.84
N PRO A 33 7.37 5.27 10.92
CA PRO A 33 6.73 4.93 12.19
C PRO A 33 5.22 5.00 12.13
N LEU A 34 4.70 5.43 10.97
CA LEU A 34 3.26 5.55 10.78
C LEU A 34 2.56 4.22 11.09
N LYS A 35 1.26 4.29 11.33
CA LYS A 35 0.47 3.09 11.64
C LYS A 35 -0.83 3.09 10.84
N PRO A 36 -0.90 2.21 9.83
CA PRO A 36 -2.08 2.07 8.98
C PRO A 36 -3.26 1.46 9.71
N VAL A 37 -4.35 1.23 8.98
CA VAL A 37 -5.55 0.64 9.57
C VAL A 37 -5.67 -0.84 9.23
N ALA A 38 -5.25 -1.20 8.02
CA ALA A 38 -5.31 -2.58 7.57
C ALA A 38 -4.42 -2.79 6.34
N ILE A 39 -3.71 -3.90 6.32
CA ILE A 39 -2.83 -4.22 5.20
C ILE A 39 -3.35 -5.43 4.42
N ARG A 40 -3.79 -5.19 3.19
CA ARG A 40 -4.31 -6.26 2.35
C ARG A 40 -3.37 -6.54 1.19
N ILE A 41 -2.61 -7.63 1.29
CA ILE A 41 -1.67 -8.01 0.25
C ILE A 41 -2.38 -8.35 -1.05
N VAL A 42 -2.10 -7.59 -2.10
CA VAL A 42 -2.70 -7.81 -3.40
C VAL A 42 -2.44 -9.22 -3.90
N ARG A 43 -3.36 -10.14 -3.60
CA ARG A 43 -3.23 -11.53 -4.02
C ARG A 43 -4.08 -11.80 -5.25
N ASN A 44 -3.41 -12.08 -6.37
CA ASN A 44 -4.11 -12.37 -7.62
C ASN A 44 -5.16 -13.45 -7.42
N ALA A 45 -4.72 -14.68 -7.20
CA ALA A 45 -5.63 -15.79 -6.98
C ALA A 45 -4.93 -16.94 -6.26
N HIS A 46 -5.72 -17.74 -5.54
CA HIS A 46 -5.17 -18.86 -4.79
C HIS A 46 -3.89 -18.47 -4.07
N GLY A 47 -3.80 -17.20 -3.69
CA GLY A 47 -2.61 -16.71 -2.99
C GLY A 47 -1.41 -16.60 -3.90
N ASN A 48 -1.41 -15.59 -4.76
CA ASN A 48 -0.30 -15.37 -5.69
C ASN A 48 0.20 -13.93 -5.61
N LYS A 49 1.08 -13.66 -4.66
CA LYS A 49 1.63 -12.32 -4.49
C LYS A 49 2.31 -11.84 -5.77
N THR A 50 1.75 -10.80 -6.37
CA THR A 50 2.29 -10.23 -7.60
C THR A 50 2.84 -8.82 -7.37
N GLY A 51 3.94 -8.74 -6.63
CA GLY A 51 4.54 -7.45 -6.35
C GLY A 51 3.51 -6.36 -6.15
N TYR A 52 2.66 -6.51 -5.15
CA TYR A 52 1.62 -5.53 -4.87
C TYR A 52 1.09 -5.70 -3.45
N ILE A 53 1.01 -4.59 -2.72
CA ILE A 53 0.51 -4.62 -1.35
C ILE A 53 -0.34 -3.39 -1.05
N PHE A 54 -1.63 -3.62 -0.82
CA PHE A 54 -2.55 -2.53 -0.52
C PHE A 54 -2.58 -2.23 0.98
N VAL A 55 -2.43 -0.95 1.32
CA VAL A 55 -2.44 -0.55 2.73
C VAL A 55 -3.30 0.69 2.93
N ASP A 56 -4.12 0.67 3.98
CA ASP A 56 -5.00 1.78 4.28
C ASP A 56 -4.56 2.49 5.57
N PHE A 57 -5.06 3.71 5.76
CA PHE A 57 -4.72 4.48 6.94
C PHE A 57 -5.95 5.17 7.52
N SER A 58 -5.80 5.78 8.69
CA SER A 58 -6.90 6.47 9.35
C SER A 58 -7.11 7.85 8.73
N ASN A 59 -6.15 8.74 8.94
CA ASN A 59 -6.23 10.10 8.41
C ASN A 59 -5.40 10.23 7.13
N GLU A 60 -5.51 11.39 6.49
CA GLU A 60 -4.77 11.65 5.26
C GLU A 60 -3.30 11.92 5.55
N GLU A 61 -3.05 12.68 6.62
CA GLU A 61 -1.69 13.02 7.01
C GLU A 61 -0.78 11.80 6.92
N GLU A 62 -1.21 10.69 7.54
CA GLU A 62 -0.44 9.46 7.54
C GLU A 62 -0.08 9.04 6.12
N VAL A 63 -1.11 8.78 5.31
CA VAL A 63 -0.91 8.36 3.93
C VAL A 63 0.04 9.31 3.21
N LYS A 64 -0.19 10.61 3.36
CA LYS A 64 0.64 11.62 2.73
C LYS A 64 2.12 11.37 3.01
N GLN A 65 2.42 10.95 4.24
CA GLN A 65 3.79 10.67 4.64
C GLN A 65 4.24 9.31 4.14
N ALA A 66 3.28 8.40 4.00
CA ALA A 66 3.57 7.04 3.52
C ALA A 66 4.25 7.08 2.16
N LEU A 67 3.97 8.13 1.40
CA LEU A 67 4.55 8.28 0.06
C LEU A 67 6.00 8.75 0.15
N LYS A 68 6.29 9.58 1.14
CA LYS A 68 7.64 10.10 1.34
C LYS A 68 8.67 8.97 1.25
N CYS A 69 8.36 7.84 1.86
CA CYS A 69 9.26 6.69 1.85
C CYS A 69 9.48 6.18 0.42
N ASN A 70 10.42 6.80 -0.28
CA ASN A 70 10.72 6.42 -1.66
C ASN A 70 12.18 6.02 -1.81
N ARG A 71 12.59 5.71 -3.04
CA ARG A 71 13.96 5.32 -3.31
C ARG A 71 14.58 4.60 -2.11
N GLU A 72 13.82 3.69 -1.52
CA GLU A 72 14.29 2.95 -0.35
C GLU A 72 14.35 1.45 -0.66
N TYR A 73 14.90 0.69 0.29
CA TYR A 73 15.02 -0.75 0.12
C TYR A 73 14.46 -1.49 1.32
N MET A 74 13.93 -2.70 1.09
CA MET A 74 13.35 -3.50 2.15
C MET A 74 13.12 -4.93 1.68
N GLY A 75 13.67 -5.90 2.43
CA GLY A 75 13.51 -7.29 2.07
C GLY A 75 14.58 -7.77 1.11
N GLY A 76 15.29 -6.83 0.51
CA GLY A 76 16.35 -7.18 -0.43
C GLY A 76 15.94 -6.94 -1.87
N ARG A 77 14.92 -6.11 -2.07
CA ARG A 77 14.44 -5.81 -3.41
C ARG A 77 13.94 -4.37 -3.49
N TYR A 78 13.89 -3.84 -4.71
CA TYR A 78 13.44 -2.46 -4.94
C TYR A 78 11.96 -2.32 -4.58
N ILE A 79 11.59 -1.11 -4.17
CA ILE A 79 10.20 -0.84 -3.80
C ILE A 79 9.73 0.49 -4.40
N GLU A 80 8.41 0.61 -4.58
CA GLU A 80 7.83 1.83 -5.14
C GLU A 80 6.46 2.09 -4.55
N VAL A 81 6.33 3.20 -3.82
CA VAL A 81 5.06 3.56 -3.19
C VAL A 81 4.22 4.41 -4.14
N PHE A 82 2.91 4.15 -4.15
CA PHE A 82 2.00 4.88 -5.02
C PHE A 82 0.72 5.24 -4.26
N ARG A 83 0.05 6.31 -4.70
CA ARG A 83 -1.18 6.76 -4.07
C ARG A 83 -2.40 6.33 -4.88
N GLU A 84 -3.15 5.37 -4.34
CA GLU A 84 -4.34 4.87 -5.03
C GLU A 84 -5.59 5.62 -4.56
N LYS A 85 -6.37 6.08 -5.52
CA LYS A 85 -7.61 6.81 -5.21
C LYS A 85 -8.74 5.86 -4.89
N SER A 86 -9.39 6.09 -3.75
CA SER A 86 -10.51 5.24 -3.33
C SER A 86 -10.23 3.78 -3.65
N GLY A 87 -8.98 3.35 -3.44
CA GLY A 87 -8.61 1.98 -3.71
C GLY A 87 -8.78 1.61 -5.18
N PRO A 88 -8.62 0.33 -5.49
CA PRO A 88 -8.75 -0.19 -6.86
C PRO A 88 -10.19 -0.14 -7.36
N SER A 89 -10.39 -0.53 -8.61
CA SER A 89 -11.72 -0.53 -9.21
C SER A 89 -11.93 -1.77 -10.09
N SER A 90 -13.16 -2.25 -10.14
CA SER A 90 -13.49 -3.42 -10.95
C SER A 90 -14.29 -3.04 -12.17
N GLY A 91 -13.66 -3.12 -13.34
CA GLY A 91 -14.34 -2.77 -14.58
C GLY A 91 -13.95 -1.40 -15.08
N GLY A 1 -21.39 26.67 -8.01
CA GLY A 1 -20.10 26.99 -8.59
C GLY A 1 -18.99 26.95 -7.56
N SER A 2 -18.51 25.76 -7.23
CA SER A 2 -17.44 25.60 -6.25
C SER A 2 -16.95 24.16 -6.21
N SER A 3 -15.93 23.92 -5.39
CA SER A 3 -15.36 22.58 -5.26
C SER A 3 -14.99 22.28 -3.82
N GLY A 4 -15.73 21.38 -3.18
CA GLY A 4 -15.47 21.03 -1.80
C GLY A 4 -14.30 20.07 -1.67
N SER A 5 -14.44 19.09 -0.77
CA SER A 5 -13.39 18.11 -0.54
C SER A 5 -13.57 16.90 -1.46
N SER A 6 -13.87 17.17 -2.73
CA SER A 6 -14.07 16.11 -3.70
C SER A 6 -13.06 15.00 -3.51
N GLY A 7 -13.54 13.76 -3.53
CA GLY A 7 -12.65 12.61 -3.35
C GLY A 7 -11.76 12.75 -2.13
N THR A 8 -10.45 12.80 -2.37
CA THR A 8 -9.48 12.93 -1.29
C THR A 8 -9.94 12.19 -0.05
N THR A 9 -10.43 10.97 -0.23
CA THR A 9 -10.91 10.15 0.88
C THR A 9 -10.33 8.75 0.81
N CYS A 10 -10.58 7.96 1.85
CA CYS A 10 -10.09 6.59 1.92
C CYS A 10 -8.65 6.51 1.40
N HIS A 11 -7.80 7.42 1.87
CA HIS A 11 -6.40 7.44 1.45
C HIS A 11 -5.79 6.04 1.51
N THR A 12 -5.28 5.57 0.38
CA THR A 12 -4.66 4.26 0.31
C THR A 12 -3.35 4.30 -0.46
N VAL A 13 -2.42 3.42 -0.10
CA VAL A 13 -1.13 3.37 -0.77
C VAL A 13 -0.84 1.96 -1.28
N LYS A 14 0.03 1.86 -2.28
CA LYS A 14 0.40 0.58 -2.86
C LYS A 14 1.92 0.43 -2.95
N LEU A 15 2.40 -0.79 -2.74
CA LEU A 15 3.83 -1.06 -2.79
C LEU A 15 4.15 -2.06 -3.89
N ARG A 16 5.36 -1.98 -4.43
CA ARG A 16 5.78 -2.89 -5.49
C ARG A 16 7.28 -3.18 -5.38
N GLY A 17 7.64 -4.45 -5.55
CA GLY A 17 9.05 -4.84 -5.47
C GLY A 17 9.40 -5.42 -4.12
N ALA A 18 8.59 -6.35 -3.64
CA ALA A 18 8.83 -6.98 -2.35
C ALA A 18 9.13 -8.48 -2.52
N PRO A 19 9.96 -9.00 -1.61
CA PRO A 19 10.36 -10.42 -1.64
C PRO A 19 9.21 -11.34 -1.27
N PHE A 20 9.26 -12.57 -1.77
CA PHE A 20 8.22 -13.56 -1.50
C PHE A 20 8.09 -13.80 0.01
N ASN A 21 9.19 -13.65 0.73
CA ASN A 21 9.20 -13.86 2.17
C ASN A 21 8.78 -12.59 2.90
N VAL A 22 7.86 -11.84 2.28
CA VAL A 22 7.36 -10.60 2.88
C VAL A 22 6.07 -10.83 3.64
N THR A 23 5.94 -10.19 4.79
CA THR A 23 4.75 -10.32 5.62
C THR A 23 4.29 -8.97 6.16
N GLU A 24 3.00 -8.87 6.47
CA GLU A 24 2.44 -7.63 6.99
C GLU A 24 3.45 -6.90 7.86
N LYS A 25 4.21 -7.66 8.64
CA LYS A 25 5.22 -7.08 9.52
C LYS A 25 6.22 -6.24 8.73
N ASN A 26 6.83 -6.86 7.73
CA ASN A 26 7.82 -6.18 6.90
C ASN A 26 7.26 -4.85 6.39
N VAL A 27 6.04 -4.87 5.90
CA VAL A 27 5.38 -3.67 5.38
C VAL A 27 5.23 -2.62 6.48
N MET A 28 4.87 -3.07 7.67
CA MET A 28 4.69 -2.17 8.80
C MET A 28 5.97 -1.40 9.11
N GLU A 29 7.11 -2.10 9.02
CA GLU A 29 8.40 -1.48 9.28
C GLU A 29 8.76 -0.48 8.18
N PHE A 30 8.29 -0.75 6.97
CA PHE A 30 8.57 0.12 5.83
C PHE A 30 7.73 1.39 5.91
N LEU A 31 6.44 1.22 6.14
CA LEU A 31 5.52 2.36 6.24
C LEU A 31 5.74 3.11 7.56
N ALA A 32 6.26 2.42 8.56
CA ALA A 32 6.52 3.03 9.85
C ALA A 32 7.29 4.34 9.70
N PRO A 33 7.31 5.15 10.78
CA PRO A 33 6.64 4.81 12.03
C PRO A 33 5.12 4.84 11.90
N LEU A 34 4.63 5.32 10.76
CA LEU A 34 3.20 5.41 10.52
C LEU A 34 2.54 4.04 10.65
N LYS A 35 1.41 4.00 11.36
CA LYS A 35 0.68 2.76 11.57
C LYS A 35 -0.65 2.77 10.80
N PRO A 36 -0.74 1.93 9.77
CA PRO A 36 -1.95 1.83 8.94
C PRO A 36 -3.12 1.20 9.70
N VAL A 37 -4.23 1.00 9.00
CA VAL A 37 -5.42 0.41 9.61
C VAL A 37 -5.54 -1.06 9.24
N ALA A 38 -5.23 -1.38 7.98
CA ALA A 38 -5.30 -2.76 7.51
C ALA A 38 -4.48 -2.95 6.24
N ILE A 39 -3.65 -4.00 6.23
CA ILE A 39 -2.81 -4.29 5.08
C ILE A 39 -3.39 -5.42 4.24
N ARG A 40 -3.69 -5.12 2.98
CA ARG A 40 -4.25 -6.12 2.07
C ARG A 40 -3.28 -6.42 0.93
N ILE A 41 -2.54 -7.50 1.06
CA ILE A 41 -1.58 -7.90 0.03
C ILE A 41 -2.28 -8.49 -1.19
N VAL A 42 -2.01 -7.91 -2.36
CA VAL A 42 -2.61 -8.39 -3.60
C VAL A 42 -2.30 -9.85 -3.84
N ARG A 43 -3.33 -10.69 -3.78
CA ARG A 43 -3.16 -12.13 -3.99
C ARG A 43 -3.26 -12.47 -5.48
N ASN A 44 -2.19 -13.03 -6.03
CA ASN A 44 -2.16 -13.42 -7.43
C ASN A 44 -2.98 -14.68 -7.67
N ALA A 45 -2.65 -15.74 -6.95
CA ALA A 45 -3.36 -17.01 -7.08
C ALA A 45 -4.03 -17.40 -5.78
N HIS A 46 -3.23 -17.75 -4.78
CA HIS A 46 -3.74 -18.13 -3.48
C HIS A 46 -3.21 -17.23 -2.37
N GLY A 47 -1.91 -17.31 -2.12
CA GLY A 47 -1.30 -16.48 -1.10
C GLY A 47 0.14 -16.13 -1.42
N ASN A 48 0.44 -16.00 -2.71
CA ASN A 48 1.80 -15.66 -3.14
C ASN A 48 2.05 -14.17 -3.00
N LYS A 49 3.00 -13.82 -2.13
CA LYS A 49 3.34 -12.42 -1.90
C LYS A 49 4.17 -11.86 -3.05
N THR A 50 3.49 -11.21 -3.99
CA THR A 50 4.15 -10.63 -5.16
C THR A 50 3.19 -9.80 -5.99
N GLY A 51 3.70 -8.75 -6.62
CA GLY A 51 2.87 -7.89 -7.44
C GLY A 51 2.65 -6.53 -6.81
N TYR A 52 1.62 -6.42 -5.98
CA TYR A 52 1.29 -5.17 -5.32
C TYR A 52 0.79 -5.41 -3.90
N ILE A 53 0.83 -4.38 -3.07
CA ILE A 53 0.38 -4.48 -1.69
C ILE A 53 -0.40 -3.23 -1.28
N PHE A 54 -1.69 -3.40 -1.01
CA PHE A 54 -2.54 -2.29 -0.61
C PHE A 54 -2.45 -2.07 0.90
N VAL A 55 -2.34 -0.80 1.30
CA VAL A 55 -2.26 -0.45 2.71
C VAL A 55 -3.11 0.77 3.02
N ASP A 56 -4.07 0.59 3.93
CA ASP A 56 -4.96 1.68 4.32
C ASP A 56 -4.48 2.33 5.61
N PHE A 57 -4.91 3.57 5.83
CA PHE A 57 -4.51 4.30 7.03
C PHE A 57 -5.72 4.97 7.68
N SER A 58 -5.52 5.53 8.87
CA SER A 58 -6.60 6.20 9.59
C SER A 58 -6.78 7.63 9.10
N ASN A 59 -5.75 8.45 9.28
CA ASN A 59 -5.80 9.85 8.86
C ASN A 59 -5.15 10.02 7.49
N GLU A 60 -5.49 11.11 6.81
CA GLU A 60 -4.95 11.40 5.49
C GLU A 60 -3.46 11.71 5.58
N GLU A 61 -3.09 12.57 6.51
CA GLU A 61 -1.69 12.96 6.69
C GLU A 61 -0.78 11.73 6.67
N GLU A 62 -1.07 10.78 7.54
CA GLU A 62 -0.29 9.55 7.62
C GLU A 62 0.07 9.05 6.23
N VAL A 63 -0.91 9.04 5.33
CA VAL A 63 -0.71 8.57 3.97
C VAL A 63 0.17 9.54 3.18
N LYS A 64 -0.17 10.82 3.25
CA LYS A 64 0.59 11.85 2.55
C LYS A 64 2.09 11.66 2.76
N GLN A 65 2.48 11.34 3.98
CA GLN A 65 3.88 11.13 4.31
C GLN A 65 4.39 9.84 3.68
N ALA A 66 3.57 8.80 3.74
CA ALA A 66 3.94 7.50 3.18
C ALA A 66 4.67 7.66 1.85
N LEU A 67 4.15 8.56 1.01
CA LEU A 67 4.75 8.81 -0.30
C LEU A 67 6.15 9.39 -0.15
N LYS A 68 6.31 10.30 0.80
CA LYS A 68 7.60 10.94 1.06
C LYS A 68 8.69 9.89 1.28
N CYS A 69 8.28 8.71 1.74
CA CYS A 69 9.21 7.63 2.00
C CYS A 69 9.29 6.67 0.80
N ASN A 70 9.53 7.23 -0.38
CA ASN A 70 9.62 6.44 -1.59
C ASN A 70 11.07 6.20 -1.98
N ARG A 71 11.29 5.23 -2.87
CA ARG A 71 12.64 4.90 -3.32
C ARG A 71 13.46 4.27 -2.19
N GLU A 72 12.78 3.52 -1.33
CA GLU A 72 13.44 2.85 -0.22
C GLU A 72 13.66 1.38 -0.50
N TYR A 73 14.36 0.70 0.40
CA TYR A 73 14.64 -0.72 0.24
C TYR A 73 14.16 -1.51 1.46
N MET A 74 13.50 -2.64 1.21
CA MET A 74 12.99 -3.48 2.28
C MET A 74 13.00 -4.95 1.87
N GLY A 75 13.67 -5.78 2.65
CA GLY A 75 13.74 -7.20 2.35
C GLY A 75 14.81 -7.52 1.32
N GLY A 76 15.32 -6.48 0.65
CA GLY A 76 16.35 -6.69 -0.36
C GLY A 76 15.84 -6.43 -1.75
N ARG A 77 14.61 -5.95 -1.86
CA ARG A 77 14.00 -5.65 -3.16
C ARG A 77 13.53 -4.21 -3.22
N TYR A 78 13.92 -3.51 -4.29
CA TYR A 78 13.53 -2.12 -4.47
C TYR A 78 12.04 -1.93 -4.24
N ILE A 79 11.68 -0.97 -3.40
CA ILE A 79 10.29 -0.68 -3.10
C ILE A 79 9.84 0.62 -3.76
N GLU A 80 8.58 0.65 -4.19
CA GLU A 80 8.03 1.83 -4.84
C GLU A 80 6.59 2.08 -4.38
N VAL A 81 6.40 3.17 -3.65
CA VAL A 81 5.07 3.53 -3.15
C VAL A 81 4.29 4.31 -4.18
N PHE A 82 2.97 4.17 -4.16
CA PHE A 82 2.10 4.86 -5.10
C PHE A 82 0.75 5.18 -4.46
N ARG A 83 0.40 6.46 -4.42
CA ARG A 83 -0.86 6.89 -3.84
C ARG A 83 -2.03 6.45 -4.71
N GLU A 84 -3.00 5.78 -4.10
CA GLU A 84 -4.19 5.30 -4.81
C GLU A 84 -5.39 6.19 -4.53
N LYS A 85 -6.30 6.27 -5.50
CA LYS A 85 -7.50 7.09 -5.34
C LYS A 85 -8.65 6.26 -4.78
N SER A 86 -8.52 5.85 -3.53
CA SER A 86 -9.55 5.05 -2.86
C SER A 86 -10.18 4.07 -3.85
N GLY A 87 -9.35 3.26 -4.49
CA GLY A 87 -9.85 2.29 -5.45
C GLY A 87 -8.77 1.33 -5.92
N PRO A 88 -9.19 0.16 -6.43
CA PRO A 88 -8.26 -0.86 -6.92
C PRO A 88 -7.57 -0.44 -8.21
N SER A 89 -7.88 0.76 -8.68
CA SER A 89 -7.28 1.28 -9.91
C SER A 89 -7.88 0.61 -11.13
N SER A 90 -9.21 0.64 -11.23
CA SER A 90 -9.91 0.03 -12.35
C SER A 90 -10.34 1.08 -13.37
N GLY A 91 -10.80 0.63 -14.53
CA GLY A 91 -11.24 1.55 -15.57
C GLY A 91 -10.48 1.34 -16.87
N GLY A 1 -3.78 13.06 -19.96
CA GLY A 1 -4.35 13.86 -18.90
C GLY A 1 -4.70 13.05 -17.67
N SER A 2 -5.40 13.66 -16.73
CA SER A 2 -5.79 12.98 -15.49
C SER A 2 -7.30 12.79 -15.44
N SER A 3 -7.73 11.68 -14.85
CA SER A 3 -9.15 11.37 -14.74
C SER A 3 -9.91 12.56 -14.16
N GLY A 4 -9.40 13.10 -13.05
CA GLY A 4 -10.05 14.24 -12.42
C GLY A 4 -11.03 13.82 -11.34
N SER A 5 -12.31 13.78 -11.69
CA SER A 5 -13.34 13.40 -10.73
C SER A 5 -13.17 11.95 -10.29
N SER A 6 -12.41 11.77 -9.21
CA SER A 6 -12.14 10.43 -8.67
C SER A 6 -13.43 9.78 -8.18
N GLY A 7 -14.20 10.52 -7.39
CA GLY A 7 -15.45 10.00 -6.86
C GLY A 7 -15.38 9.73 -5.37
N THR A 8 -14.84 8.57 -5.00
CA THR A 8 -14.73 8.19 -3.60
C THR A 8 -13.55 8.89 -2.94
N THR A 9 -13.82 9.54 -1.82
CA THR A 9 -12.78 10.26 -1.08
C THR A 9 -12.12 9.36 -0.04
N CYS A 10 -10.99 8.79 -0.41
CA CYS A 10 -10.26 7.90 0.49
C CYS A 10 -8.75 8.04 0.29
N HIS A 11 -7.97 7.49 1.22
CA HIS A 11 -6.52 7.55 1.15
C HIS A 11 -5.91 6.16 1.26
N THR A 12 -5.45 5.62 0.14
CA THR A 12 -4.84 4.29 0.12
C THR A 12 -3.53 4.30 -0.65
N VAL A 13 -2.56 3.54 -0.15
CA VAL A 13 -1.25 3.45 -0.79
C VAL A 13 -0.97 2.05 -1.31
N LYS A 14 -0.19 1.97 -2.39
CA LYS A 14 0.14 0.68 -2.99
C LYS A 14 1.65 0.46 -2.99
N LEU A 15 2.06 -0.76 -2.68
CA LEU A 15 3.48 -1.11 -2.63
C LEU A 15 3.79 -2.23 -3.62
N ARG A 16 4.94 -2.13 -4.27
CA ARG A 16 5.36 -3.14 -5.23
C ARG A 16 6.88 -3.25 -5.28
N GLY A 17 7.38 -4.48 -5.50
CA GLY A 17 8.81 -4.69 -5.58
C GLY A 17 9.34 -5.41 -4.36
N ALA A 18 8.44 -5.99 -3.57
CA ALA A 18 8.83 -6.72 -2.37
C ALA A 18 9.23 -8.15 -2.70
N PRO A 19 10.12 -8.72 -1.87
CA PRO A 19 10.61 -10.09 -2.06
C PRO A 19 9.52 -11.13 -1.78
N PHE A 20 9.94 -12.39 -1.63
CA PHE A 20 9.02 -13.47 -1.35
C PHE A 20 8.84 -13.68 0.14
N ASN A 21 9.78 -13.14 0.92
CA ASN A 21 9.73 -13.26 2.37
C ASN A 21 9.03 -12.05 3.00
N VAL A 22 8.34 -11.28 2.16
CA VAL A 22 7.62 -10.10 2.63
C VAL A 22 6.30 -10.48 3.29
N THR A 23 5.99 -9.83 4.40
CA THR A 23 4.76 -10.09 5.13
C THR A 23 4.19 -8.83 5.75
N GLU A 24 3.03 -8.95 6.40
CA GLU A 24 2.39 -7.80 7.03
C GLU A 24 3.38 -7.04 7.91
N LYS A 25 4.34 -7.76 8.48
CA LYS A 25 5.34 -7.16 9.34
C LYS A 25 6.27 -6.25 8.53
N ASN A 26 6.98 -6.83 7.57
CA ASN A 26 7.89 -6.08 6.72
C ASN A 26 7.24 -4.79 6.22
N VAL A 27 5.96 -4.87 5.90
CA VAL A 27 5.22 -3.70 5.42
C VAL A 27 5.01 -2.68 6.53
N MET A 28 4.59 -3.16 7.69
CA MET A 28 4.35 -2.28 8.84
C MET A 28 5.60 -1.50 9.19
N GLU A 29 6.73 -2.20 9.30
CA GLU A 29 8.00 -1.57 9.63
C GLU A 29 8.46 -0.65 8.51
N PHE A 30 8.00 -0.93 7.29
CA PHE A 30 8.35 -0.12 6.13
C PHE A 30 7.62 1.21 6.14
N LEU A 31 6.36 1.18 6.56
CA LEU A 31 5.54 2.39 6.61
C LEU A 31 5.71 3.10 7.95
N ALA A 32 6.10 2.34 8.98
CA ALA A 32 6.30 2.89 10.31
C ALA A 32 7.15 4.15 10.26
N PRO A 33 7.10 4.95 11.32
CA PRO A 33 6.27 4.65 12.51
C PRO A 33 4.79 4.77 12.21
N LEU A 34 4.46 5.18 11.00
CA LEU A 34 3.06 5.35 10.58
C LEU A 34 2.28 4.05 10.80
N LYS A 35 1.19 4.14 11.55
CA LYS A 35 0.35 2.99 11.83
C LYS A 35 -0.91 3.01 10.97
N PRO A 36 -0.95 2.16 9.95
CA PRO A 36 -2.09 2.06 9.04
C PRO A 36 -3.31 1.46 9.70
N VAL A 37 -4.37 1.25 8.92
CA VAL A 37 -5.61 0.68 9.44
C VAL A 37 -5.71 -0.81 9.11
N ALA A 38 -5.36 -1.17 7.88
CA ALA A 38 -5.40 -2.56 7.45
C ALA A 38 -4.46 -2.79 6.27
N ILE A 39 -3.78 -3.92 6.29
CA ILE A 39 -2.84 -4.27 5.22
C ILE A 39 -3.39 -5.40 4.36
N ARG A 40 -3.79 -5.06 3.14
CA ARG A 40 -4.33 -6.04 2.20
C ARG A 40 -3.30 -6.43 1.15
N ILE A 41 -2.63 -7.56 1.38
CA ILE A 41 -1.61 -8.04 0.45
C ILE A 41 -2.24 -8.53 -0.85
N VAL A 42 -1.88 -7.88 -1.95
CA VAL A 42 -2.41 -8.26 -3.25
C VAL A 42 -1.64 -9.45 -3.85
N ARG A 43 -2.35 -10.53 -4.11
CA ARG A 43 -1.74 -11.73 -4.66
C ARG A 43 -1.98 -11.81 -6.16
N ASN A 44 -1.93 -10.66 -6.83
CA ASN A 44 -2.14 -10.60 -8.27
C ASN A 44 -3.36 -11.41 -8.68
N ALA A 45 -4.49 -11.14 -8.00
CA ALA A 45 -5.74 -11.84 -8.29
C ALA A 45 -5.50 -13.33 -8.49
N HIS A 46 -4.59 -13.89 -7.70
CA HIS A 46 -4.27 -15.31 -7.78
C HIS A 46 -3.61 -15.80 -6.50
N GLY A 47 -3.37 -17.11 -6.42
CA GLY A 47 -2.75 -17.68 -5.24
C GLY A 47 -1.24 -17.51 -5.25
N ASN A 48 -0.78 -16.28 -5.42
CA ASN A 48 0.65 -15.98 -5.45
C ASN A 48 0.94 -14.64 -4.80
N LYS A 49 1.61 -14.67 -3.66
CA LYS A 49 1.95 -13.45 -2.94
C LYS A 49 3.00 -12.64 -3.70
N THR A 50 2.55 -11.56 -4.35
CA THR A 50 3.43 -10.71 -5.12
C THR A 50 3.74 -9.42 -4.36
N GLY A 51 4.60 -8.59 -4.95
CA GLY A 51 4.97 -7.33 -4.31
C GLY A 51 3.76 -6.44 -4.07
N TYR A 52 2.84 -6.42 -5.03
CA TYR A 52 1.65 -5.60 -4.92
C TYR A 52 1.03 -5.72 -3.52
N ILE A 53 0.96 -4.60 -2.81
CA ILE A 53 0.39 -4.59 -1.47
C ILE A 53 -0.37 -3.29 -1.21
N PHE A 54 -1.63 -3.43 -0.83
CA PHE A 54 -2.47 -2.27 -0.56
C PHE A 54 -2.58 -2.02 0.95
N VAL A 55 -2.28 -0.79 1.36
CA VAL A 55 -2.34 -0.42 2.76
C VAL A 55 -3.19 0.82 2.97
N ASP A 56 -4.09 0.76 3.95
CA ASP A 56 -4.97 1.88 4.26
C ASP A 56 -4.54 2.58 5.53
N PHE A 57 -5.01 3.81 5.72
CA PHE A 57 -4.68 4.59 6.91
C PHE A 57 -5.92 5.28 7.47
N SER A 58 -5.83 5.70 8.73
CA SER A 58 -6.94 6.38 9.39
C SER A 58 -7.04 7.83 8.94
N ASN A 59 -5.98 8.59 9.19
CA ASN A 59 -5.94 10.00 8.81
C ASN A 59 -5.32 10.17 7.43
N GLU A 60 -5.62 11.29 6.79
CA GLU A 60 -5.08 11.58 5.46
C GLU A 60 -3.59 11.88 5.53
N GLU A 61 -3.20 12.64 6.54
CA GLU A 61 -1.79 13.01 6.72
C GLU A 61 -0.90 11.78 6.59
N GLU A 62 -1.09 10.81 7.46
CA GLU A 62 -0.30 9.58 7.44
C GLU A 62 0.01 9.16 6.01
N VAL A 63 -1.02 9.21 5.15
CA VAL A 63 -0.85 8.83 3.75
C VAL A 63 0.22 9.68 3.07
N LYS A 64 0.06 11.00 3.16
CA LYS A 64 1.00 11.93 2.55
C LYS A 64 2.44 11.57 2.94
N GLN A 65 2.62 11.13 4.19
CA GLN A 65 3.94 10.75 4.67
C GLN A 65 4.41 9.45 4.04
N ALA A 66 3.52 8.46 4.01
CA ALA A 66 3.85 7.16 3.43
C ALA A 66 4.55 7.32 2.08
N LEU A 67 4.16 8.35 1.33
CA LEU A 67 4.74 8.62 0.03
C LEU A 67 6.17 9.13 0.17
N LYS A 68 6.39 10.00 1.15
CA LYS A 68 7.71 10.57 1.40
C LYS A 68 8.80 9.51 1.24
N CYS A 69 8.62 8.38 1.93
CA CYS A 69 9.59 7.30 1.87
C CYS A 69 9.47 6.54 0.55
N ASN A 70 10.07 7.10 -0.50
CA ASN A 70 10.03 6.49 -1.82
C ASN A 70 11.39 5.91 -2.18
N ARG A 71 11.44 5.17 -3.29
CA ARG A 71 12.67 4.56 -3.75
C ARG A 71 13.46 3.97 -2.57
N GLU A 72 12.79 3.17 -1.76
CA GLU A 72 13.42 2.55 -0.60
C GLU A 72 13.84 1.12 -0.91
N TYR A 73 14.53 0.50 0.04
CA TYR A 73 14.98 -0.88 -0.14
C TYR A 73 14.79 -1.69 1.14
N MET A 74 13.97 -2.73 1.06
CA MET A 74 13.70 -3.58 2.21
C MET A 74 13.54 -5.04 1.77
N GLY A 75 14.09 -5.95 2.58
CA GLY A 75 14.01 -7.37 2.26
C GLY A 75 15.05 -7.80 1.26
N GLY A 76 15.39 -6.91 0.33
CA GLY A 76 16.38 -7.22 -0.69
C GLY A 76 15.89 -6.93 -2.09
N ARG A 77 14.82 -6.14 -2.19
CA ARG A 77 14.26 -5.78 -3.48
C ARG A 77 13.76 -4.34 -3.48
N TYR A 78 13.82 -3.69 -4.63
CA TYR A 78 13.38 -2.31 -4.76
C TYR A 78 11.90 -2.18 -4.42
N ILE A 79 11.51 -0.99 -3.96
CA ILE A 79 10.12 -0.72 -3.60
C ILE A 79 9.66 0.62 -4.13
N GLU A 80 8.39 0.70 -4.51
CA GLU A 80 7.83 1.93 -5.03
C GLU A 80 6.45 2.20 -4.43
N VAL A 81 6.32 3.32 -3.74
CA VAL A 81 5.06 3.70 -3.11
C VAL A 81 4.21 4.56 -4.04
N PHE A 82 2.96 4.17 -4.23
CA PHE A 82 2.05 4.91 -5.10
C PHE A 82 0.77 5.28 -4.36
N ARG A 83 0.30 6.50 -4.59
CA ARG A 83 -0.93 6.98 -3.94
C ARG A 83 -2.16 6.60 -4.76
N GLU A 84 -3.00 5.73 -4.20
CA GLU A 84 -4.20 5.29 -4.88
C GLU A 84 -5.33 6.30 -4.69
N LYS A 85 -5.86 6.81 -5.80
CA LYS A 85 -6.94 7.79 -5.76
C LYS A 85 -8.29 7.10 -5.91
N SER A 86 -8.36 6.13 -6.81
CA SER A 86 -9.60 5.40 -7.06
C SER A 86 -10.18 4.87 -5.76
N GLY A 87 -9.33 4.22 -4.96
CA GLY A 87 -9.78 3.67 -3.69
C GLY A 87 -9.98 2.16 -3.75
N PRO A 88 -10.67 1.61 -2.75
CA PRO A 88 -10.93 0.17 -2.66
C PRO A 88 -11.92 -0.31 -3.73
N SER A 89 -12.16 -1.61 -3.76
CA SER A 89 -13.07 -2.19 -4.74
C SER A 89 -14.02 -3.19 -4.07
N SER A 90 -15.12 -2.68 -3.53
CA SER A 90 -16.10 -3.52 -2.86
C SER A 90 -17.39 -3.59 -3.66
N GLY A 91 -17.92 -4.81 -3.82
CA GLY A 91 -19.14 -4.99 -4.56
C GLY A 91 -19.45 -6.46 -4.83
N GLY A 1 -11.80 -1.89 -20.82
CA GLY A 1 -12.82 -0.85 -20.86
C GLY A 1 -13.32 -0.49 -19.47
N SER A 2 -13.33 0.80 -19.17
CA SER A 2 -13.78 1.28 -17.86
C SER A 2 -15.16 0.72 -17.53
N SER A 3 -15.41 0.53 -16.24
CA SER A 3 -16.69 -0.01 -15.78
C SER A 3 -17.47 1.03 -14.99
N GLY A 4 -16.78 1.71 -14.08
CA GLY A 4 -17.42 2.72 -13.26
C GLY A 4 -17.63 2.27 -11.84
N SER A 5 -16.73 2.70 -10.95
CA SER A 5 -16.82 2.33 -9.54
C SER A 5 -16.96 3.57 -8.66
N SER A 6 -18.16 3.79 -8.15
CA SER A 6 -18.42 4.95 -7.30
C SER A 6 -19.12 4.52 -6.01
N GLY A 7 -18.46 4.73 -4.89
CA GLY A 7 -19.04 4.36 -3.60
C GLY A 7 -18.29 4.98 -2.43
N THR A 8 -16.97 4.91 -2.47
CA THR A 8 -16.14 5.47 -1.40
C THR A 8 -14.75 5.82 -1.92
N THR A 9 -14.24 6.97 -1.49
CA THR A 9 -12.92 7.42 -1.91
C THR A 9 -12.05 7.75 -0.70
N CYS A 10 -11.34 6.74 -0.18
CA CYS A 10 -10.47 6.93 0.97
C CYS A 10 -9.01 6.93 0.55
N HIS A 11 -8.13 7.30 1.47
CA HIS A 11 -6.70 7.34 1.20
C HIS A 11 -6.08 5.95 1.30
N THR A 12 -5.50 5.48 0.20
CA THR A 12 -4.88 4.17 0.16
C THR A 12 -3.56 4.21 -0.61
N VAL A 13 -2.61 3.37 -0.20
CA VAL A 13 -1.31 3.30 -0.85
C VAL A 13 -0.96 1.87 -1.24
N LYS A 14 -0.25 1.72 -2.34
CA LYS A 14 0.16 0.41 -2.82
C LYS A 14 1.68 0.27 -2.82
N LEU A 15 2.16 -0.93 -2.55
CA LEU A 15 3.60 -1.19 -2.51
C LEU A 15 3.99 -2.21 -3.59
N ARG A 16 4.99 -1.86 -4.39
CA ARG A 16 5.46 -2.74 -5.44
C ARG A 16 6.97 -2.93 -5.37
N GLY A 17 7.44 -4.10 -5.82
CA GLY A 17 8.87 -4.37 -5.79
C GLY A 17 9.31 -5.06 -4.50
N ALA A 18 8.46 -5.93 -3.98
CA ALA A 18 8.76 -6.65 -2.75
C ALA A 18 9.02 -8.13 -3.02
N PRO A 19 9.83 -8.75 -2.15
CA PRO A 19 10.18 -10.17 -2.29
C PRO A 19 9.00 -11.08 -1.99
N PHE A 20 9.23 -12.39 -2.06
CA PHE A 20 8.19 -13.38 -1.80
C PHE A 20 8.14 -13.74 -0.32
N ASN A 21 9.07 -13.19 0.45
CA ASN A 21 9.12 -13.46 1.88
C ASN A 21 8.51 -12.30 2.68
N VAL A 22 7.98 -11.32 1.96
CA VAL A 22 7.36 -10.17 2.60
C VAL A 22 6.12 -10.56 3.38
N THR A 23 5.79 -9.78 4.40
CA THR A 23 4.63 -10.06 5.24
C THR A 23 4.03 -8.78 5.78
N GLU A 24 2.85 -8.89 6.41
CA GLU A 24 2.17 -7.74 6.97
C GLU A 24 3.08 -7.00 7.94
N LYS A 25 4.05 -7.72 8.50
CA LYS A 25 4.99 -7.13 9.45
C LYS A 25 6.01 -6.25 8.74
N ASN A 26 6.64 -6.80 7.70
CA ASN A 26 7.63 -6.05 6.94
C ASN A 26 7.06 -4.73 6.43
N VAL A 27 5.77 -4.74 6.13
CA VAL A 27 5.10 -3.54 5.63
C VAL A 27 4.95 -2.50 6.74
N MET A 28 4.52 -2.94 7.92
CA MET A 28 4.35 -2.04 9.05
C MET A 28 5.65 -1.33 9.39
N GLU A 29 6.72 -2.10 9.57
CA GLU A 29 8.02 -1.54 9.89
C GLU A 29 8.54 -0.66 8.76
N PHE A 30 8.06 -0.93 7.55
CA PHE A 30 8.46 -0.16 6.38
C PHE A 30 7.76 1.19 6.34
N LEU A 31 6.44 1.17 6.49
CA LEU A 31 5.64 2.40 6.48
C LEU A 31 5.83 3.19 7.77
N ALA A 32 6.24 2.49 8.83
CA ALA A 32 6.46 3.13 10.11
C ALA A 32 7.25 4.43 9.97
N PRO A 33 7.22 5.27 11.01
CA PRO A 33 6.47 4.97 12.24
C PRO A 33 4.97 5.03 12.02
N LEU A 34 4.56 5.46 10.83
CA LEU A 34 3.14 5.55 10.49
C LEU A 34 2.43 4.24 10.78
N LYS A 35 1.25 4.34 11.39
CA LYS A 35 0.46 3.15 11.71
C LYS A 35 -0.84 3.14 10.92
N PRO A 36 -0.89 2.29 9.88
CA PRO A 36 -2.07 2.16 9.02
C PRO A 36 -3.23 1.48 9.73
N VAL A 37 -4.27 1.13 8.96
CA VAL A 37 -5.44 0.48 9.53
C VAL A 37 -5.44 -1.01 9.22
N ALA A 38 -5.16 -1.35 7.96
CA ALA A 38 -5.12 -2.74 7.54
C ALA A 38 -4.24 -2.92 6.31
N ILE A 39 -3.45 -3.99 6.30
CA ILE A 39 -2.56 -4.27 5.18
C ILE A 39 -2.97 -5.55 4.46
N ARG A 40 -3.24 -5.43 3.16
CA ARG A 40 -3.64 -6.58 2.36
C ARG A 40 -2.63 -6.85 1.25
N ILE A 41 -1.87 -7.93 1.40
CA ILE A 41 -0.86 -8.29 0.42
C ILE A 41 -1.49 -8.96 -0.80
N VAL A 42 -1.31 -8.35 -1.96
CA VAL A 42 -1.86 -8.88 -3.20
C VAL A 42 -1.00 -10.01 -3.75
N ARG A 43 -1.54 -11.22 -3.75
CA ARG A 43 -0.82 -12.39 -4.25
C ARG A 43 -0.99 -12.52 -5.76
N ASN A 44 -0.12 -13.32 -6.38
CA ASN A 44 -0.17 -13.54 -7.82
C ASN A 44 -1.31 -14.48 -8.19
N ALA A 45 -1.72 -14.44 -9.45
CA ALA A 45 -2.80 -15.30 -9.93
C ALA A 45 -2.53 -16.75 -9.59
N HIS A 46 -1.37 -17.25 -10.02
CA HIS A 46 -0.99 -18.63 -9.77
C HIS A 46 -1.11 -18.97 -8.28
N GLY A 47 -0.65 -18.05 -7.43
CA GLY A 47 -0.72 -18.27 -5.99
C GLY A 47 0.51 -17.77 -5.27
N ASN A 48 1.68 -18.09 -5.81
CA ASN A 48 2.94 -17.66 -5.20
C ASN A 48 2.80 -16.28 -4.57
N LYS A 49 3.28 -16.14 -3.33
CA LYS A 49 3.21 -14.88 -2.63
C LYS A 49 4.10 -13.83 -3.28
N THR A 50 3.57 -13.18 -4.32
CA THR A 50 4.31 -12.15 -5.04
C THR A 50 3.37 -11.21 -5.78
N GLY A 51 3.60 -9.91 -5.64
CA GLY A 51 2.77 -8.93 -6.31
C GLY A 51 2.77 -7.59 -5.61
N TYR A 52 1.60 -6.96 -5.53
CA TYR A 52 1.47 -5.66 -4.88
C TYR A 52 0.90 -5.81 -3.47
N ILE A 53 0.82 -4.70 -2.75
CA ILE A 53 0.29 -4.70 -1.39
C ILE A 53 -0.49 -3.42 -1.10
N PHE A 54 -1.74 -3.58 -0.71
CA PHE A 54 -2.60 -2.44 -0.40
C PHE A 54 -2.55 -2.12 1.09
N VAL A 55 -2.45 -0.83 1.40
CA VAL A 55 -2.39 -0.38 2.79
C VAL A 55 -3.30 0.83 3.02
N ASP A 56 -4.23 0.69 3.95
CA ASP A 56 -5.16 1.76 4.27
C ASP A 56 -4.70 2.54 5.50
N PHE A 57 -5.22 3.75 5.64
CA PHE A 57 -4.86 4.61 6.77
C PHE A 57 -6.08 5.34 7.32
N SER A 58 -5.96 5.86 8.53
CA SER A 58 -7.05 6.59 9.17
C SER A 58 -6.86 8.09 9.02
N ASN A 59 -5.63 8.55 9.21
CA ASN A 59 -5.31 9.97 9.10
C ASN A 59 -4.70 10.29 7.74
N GLU A 60 -5.43 11.02 6.92
CA GLU A 60 -4.96 11.39 5.58
C GLU A 60 -3.47 11.70 5.61
N GLU A 61 -3.09 12.70 6.39
CA GLU A 61 -1.70 13.09 6.50
C GLU A 61 -0.77 11.88 6.39
N GLU A 62 -1.05 10.85 7.19
CA GLU A 62 -0.25 9.64 7.19
C GLU A 62 -0.01 9.15 5.76
N VAL A 63 -1.07 9.15 4.96
CA VAL A 63 -0.98 8.72 3.57
C VAL A 63 0.05 9.53 2.80
N LYS A 64 -0.08 10.85 2.88
CA LYS A 64 0.84 11.75 2.19
C LYS A 64 2.29 11.46 2.57
N GLN A 65 2.52 11.22 3.86
CA GLN A 65 3.86 10.92 4.35
C GLN A 65 4.36 9.59 3.79
N ALA A 66 3.45 8.61 3.71
CA ALA A 66 3.81 7.30 3.20
C ALA A 66 4.58 7.41 1.89
N LEU A 67 4.16 8.33 1.02
CA LEU A 67 4.82 8.54 -0.26
C LEU A 67 6.24 9.04 -0.06
N LYS A 68 6.42 9.95 0.89
CA LYS A 68 7.73 10.52 1.18
C LYS A 68 8.79 9.42 1.25
N CYS A 69 8.47 8.34 1.97
CA CYS A 69 9.39 7.22 2.13
C CYS A 69 9.55 6.47 0.81
N ASN A 70 10.19 7.11 -0.16
CA ASN A 70 10.41 6.49 -1.46
C ASN A 70 11.88 6.15 -1.67
N ARG A 71 12.18 5.44 -2.75
CA ARG A 71 13.55 5.03 -3.05
C ARG A 71 14.17 4.26 -1.88
N GLU A 72 13.33 3.50 -1.18
CA GLU A 72 13.80 2.73 -0.04
C GLU A 72 14.07 1.28 -0.45
N TYR A 73 14.62 0.51 0.48
CA TYR A 73 14.94 -0.90 0.21
C TYR A 73 14.58 -1.77 1.42
N MET A 74 13.86 -2.85 1.15
CA MET A 74 13.45 -3.76 2.20
C MET A 74 13.26 -5.18 1.66
N GLY A 75 14.03 -6.13 2.20
CA GLY A 75 13.94 -7.50 1.74
C GLY A 75 14.92 -7.83 0.64
N GLY A 76 15.37 -6.79 -0.08
CA GLY A 76 16.30 -6.98 -1.16
C GLY A 76 15.82 -6.39 -2.47
N ARG A 77 14.59 -5.89 -2.48
CA ARG A 77 14.00 -5.30 -3.67
C ARG A 77 13.64 -3.84 -3.43
N TYR A 78 13.53 -3.08 -4.51
CA TYR A 78 13.19 -1.67 -4.42
C TYR A 78 11.70 -1.47 -4.15
N ILE A 79 11.39 -0.88 -3.00
CA ILE A 79 10.00 -0.64 -2.63
C ILE A 79 9.47 0.63 -3.26
N GLU A 80 8.45 0.50 -4.12
CA GLU A 80 7.86 1.63 -4.80
C GLU A 80 6.44 1.89 -4.29
N VAL A 81 6.26 3.01 -3.60
CA VAL A 81 4.95 3.37 -3.05
C VAL A 81 4.13 4.14 -4.08
N PHE A 82 2.82 3.92 -4.07
CA PHE A 82 1.93 4.59 -5.00
C PHE A 82 0.62 4.98 -4.31
N ARG A 83 0.19 6.22 -4.51
CA ARG A 83 -1.05 6.70 -3.92
C ARG A 83 -2.26 6.33 -4.77
N GLU A 84 -3.13 5.50 -4.21
CA GLU A 84 -4.33 5.06 -4.92
C GLU A 84 -5.56 5.78 -4.39
N LYS A 85 -5.46 7.09 -4.25
CA LYS A 85 -6.57 7.91 -3.76
C LYS A 85 -7.90 7.42 -4.33
N SER A 86 -7.90 7.13 -5.63
CA SER A 86 -9.11 6.65 -6.31
C SER A 86 -9.32 5.17 -6.04
N GLY A 87 -8.23 4.41 -5.99
CA GLY A 87 -8.33 2.99 -5.74
C GLY A 87 -9.48 2.63 -4.84
N PRO A 88 -10.62 2.25 -5.44
CA PRO A 88 -11.82 1.87 -4.69
C PRO A 88 -11.65 0.55 -3.95
N SER A 89 -10.48 -0.06 -4.09
CA SER A 89 -10.20 -1.33 -3.43
C SER A 89 -10.60 -1.28 -1.95
N SER A 90 -11.53 -2.15 -1.58
CA SER A 90 -12.00 -2.21 -0.20
C SER A 90 -12.11 -3.65 0.28
N GLY A 91 -11.46 -3.95 1.39
CA GLY A 91 -11.50 -5.30 1.94
C GLY A 91 -12.60 -5.48 2.96
N GLY A 1 -19.31 22.22 -19.00
CA GLY A 1 -19.25 20.81 -19.34
C GLY A 1 -18.28 20.04 -18.45
N SER A 2 -17.01 20.37 -18.55
CA SER A 2 -15.98 19.69 -17.75
C SER A 2 -15.92 20.28 -16.34
N SER A 3 -16.43 19.53 -15.37
CA SER A 3 -16.45 19.96 -13.99
C SER A 3 -15.81 18.92 -13.08
N GLY A 4 -15.57 19.29 -11.83
CA GLY A 4 -14.97 18.38 -10.87
C GLY A 4 -15.90 17.25 -10.50
N SER A 5 -15.35 16.20 -9.88
CA SER A 5 -16.14 15.04 -9.47
C SER A 5 -15.65 14.49 -8.14
N SER A 6 -16.52 13.80 -7.43
CA SER A 6 -16.18 13.22 -6.13
C SER A 6 -17.10 12.06 -5.79
N GLY A 7 -16.60 11.15 -4.97
CA GLY A 7 -17.40 9.99 -4.58
C GLY A 7 -16.72 9.15 -3.51
N THR A 8 -15.63 8.49 -3.89
CA THR A 8 -14.89 7.65 -2.96
C THR A 8 -13.42 8.07 -2.87
N THR A 9 -13.05 8.69 -1.75
CA THR A 9 -11.69 9.14 -1.55
C THR A 9 -10.94 8.22 -0.60
N CYS A 10 -11.17 6.92 -0.73
CA CYS A 10 -10.51 5.94 0.13
C CYS A 10 -9.00 6.15 0.13
N HIS A 11 -8.44 6.38 1.31
CA HIS A 11 -7.01 6.60 1.46
C HIS A 11 -6.26 5.27 1.53
N THR A 12 -5.85 4.77 0.37
CA THR A 12 -5.12 3.51 0.29
C THR A 12 -3.85 3.64 -0.55
N VAL A 13 -2.74 3.15 -0.02
CA VAL A 13 -1.47 3.21 -0.72
C VAL A 13 -1.09 1.86 -1.32
N LYS A 14 -0.29 1.88 -2.37
CA LYS A 14 0.15 0.66 -3.03
C LYS A 14 1.65 0.44 -2.85
N LEU A 15 2.04 -0.82 -2.66
CA LEU A 15 3.44 -1.16 -2.48
C LEU A 15 3.87 -2.27 -3.44
N ARG A 16 4.84 -1.97 -4.29
CA ARG A 16 5.34 -2.95 -5.26
C ARG A 16 6.85 -3.08 -5.17
N GLY A 17 7.39 -4.13 -5.78
CA GLY A 17 8.82 -4.36 -5.75
C GLY A 17 9.25 -5.28 -4.63
N ALA A 18 8.43 -5.35 -3.58
CA ALA A 18 8.73 -6.20 -2.43
C ALA A 18 8.91 -7.66 -2.86
N PRO A 19 9.71 -8.41 -2.10
CA PRO A 19 9.98 -9.82 -2.39
C PRO A 19 8.76 -10.70 -2.13
N PHE A 20 8.79 -11.92 -2.68
CA PHE A 20 7.69 -12.85 -2.51
C PHE A 20 7.61 -13.34 -1.07
N ASN A 21 8.73 -13.28 -0.37
CA ASN A 21 8.79 -13.72 1.03
C ASN A 21 8.57 -12.56 1.97
N VAL A 22 7.69 -11.63 1.58
CA VAL A 22 7.38 -10.47 2.40
C VAL A 22 6.15 -10.71 3.27
N THR A 23 6.16 -10.12 4.46
CA THR A 23 5.04 -10.28 5.39
C THR A 23 4.55 -8.92 5.88
N GLU A 24 3.32 -8.88 6.38
CA GLU A 24 2.73 -7.65 6.88
C GLU A 24 3.74 -6.88 7.72
N LYS A 25 4.47 -7.59 8.58
CA LYS A 25 5.46 -6.97 9.44
C LYS A 25 6.44 -6.13 8.63
N ASN A 26 7.16 -6.77 7.71
CA ASN A 26 8.13 -6.09 6.87
C ASN A 26 7.57 -4.75 6.38
N VAL A 27 6.33 -4.78 5.91
CA VAL A 27 5.68 -3.57 5.41
C VAL A 27 5.58 -2.52 6.50
N MET A 28 4.95 -2.89 7.61
CA MET A 28 4.79 -1.98 8.74
C MET A 28 6.07 -1.18 9.00
N GLU A 29 7.20 -1.89 8.99
CA GLU A 29 8.50 -1.26 9.23
C GLU A 29 8.80 -0.24 8.14
N PHE A 30 8.50 -0.59 6.90
CA PHE A 30 8.74 0.31 5.77
C PHE A 30 7.85 1.53 5.84
N LEU A 31 6.58 1.31 6.16
CA LEU A 31 5.61 2.41 6.26
C LEU A 31 5.80 3.19 7.55
N ALA A 32 6.35 2.51 8.56
CA ALA A 32 6.59 3.15 9.85
C ALA A 32 7.34 4.47 9.69
N PRO A 33 7.23 5.33 10.71
CA PRO A 33 6.45 5.06 11.91
C PRO A 33 4.95 5.03 11.63
N LEU A 34 4.54 5.65 10.53
CA LEU A 34 3.14 5.70 10.15
C LEU A 34 2.43 4.39 10.48
N LYS A 35 1.36 4.47 11.24
CA LYS A 35 0.59 3.29 11.62
C LYS A 35 -0.72 3.21 10.83
N PRO A 36 -0.74 2.32 9.83
CA PRO A 36 -1.93 2.13 8.98
C PRO A 36 -3.07 1.46 9.73
N VAL A 37 -4.13 1.10 9.00
CA VAL A 37 -5.28 0.45 9.60
C VAL A 37 -5.29 -1.05 9.31
N ALA A 38 -5.00 -1.41 8.06
CA ALA A 38 -4.97 -2.81 7.66
C ALA A 38 -4.10 -3.00 6.41
N ILE A 39 -3.26 -4.01 6.43
CA ILE A 39 -2.38 -4.30 5.30
C ILE A 39 -2.85 -5.53 4.54
N ARG A 40 -3.45 -5.30 3.38
CA ARG A 40 -3.94 -6.40 2.55
C ARG A 40 -3.08 -6.58 1.31
N ILE A 41 -2.31 -7.65 1.28
CA ILE A 41 -1.43 -7.94 0.15
C ILE A 41 -2.24 -8.39 -1.07
N VAL A 42 -2.00 -7.75 -2.20
CA VAL A 42 -2.69 -8.08 -3.44
C VAL A 42 -2.18 -9.38 -4.02
N ARG A 43 -3.09 -10.30 -4.32
CA ARG A 43 -2.74 -11.60 -4.88
C ARG A 43 -2.86 -11.57 -6.40
N ASN A 44 -2.59 -12.71 -7.03
CA ASN A 44 -2.67 -12.83 -8.48
C ASN A 44 -3.87 -13.70 -8.90
N ALA A 45 -3.88 -14.93 -8.42
CA ALA A 45 -4.96 -15.86 -8.74
C ALA A 45 -5.48 -16.55 -7.49
N HIS A 46 -4.65 -17.42 -6.91
CA HIS A 46 -5.04 -18.14 -5.70
C HIS A 46 -4.18 -17.71 -4.51
N GLY A 47 -2.96 -17.27 -4.80
CA GLY A 47 -2.07 -16.83 -3.75
C GLY A 47 -0.65 -16.62 -4.24
N ASN A 48 -0.51 -16.03 -5.42
CA ASN A 48 0.80 -15.78 -6.00
C ASN A 48 1.16 -14.29 -5.92
N LYS A 49 1.61 -13.88 -4.74
CA LYS A 49 2.00 -12.48 -4.52
C LYS A 49 2.89 -11.98 -5.65
N THR A 50 2.47 -10.88 -6.27
CA THR A 50 3.23 -10.30 -7.37
C THR A 50 3.55 -8.83 -7.10
N GLY A 51 4.52 -8.59 -6.24
CA GLY A 51 4.90 -7.23 -5.91
C GLY A 51 3.72 -6.28 -5.92
N TYR A 52 2.83 -6.42 -4.94
CA TYR A 52 1.65 -5.57 -4.84
C TYR A 52 0.97 -5.75 -3.48
N ILE A 53 1.00 -4.69 -2.67
CA ILE A 53 0.40 -4.73 -1.36
C ILE A 53 -0.43 -3.46 -1.10
N PHE A 54 -1.66 -3.65 -0.65
CA PHE A 54 -2.54 -2.53 -0.37
C PHE A 54 -2.55 -2.20 1.12
N VAL A 55 -2.32 -0.93 1.45
CA VAL A 55 -2.28 -0.49 2.83
C VAL A 55 -3.22 0.71 3.04
N ASP A 56 -4.18 0.54 3.93
CA ASP A 56 -5.14 1.60 4.22
C ASP A 56 -4.71 2.39 5.46
N PHE A 57 -5.17 3.64 5.55
CA PHE A 57 -4.83 4.49 6.68
C PHE A 57 -6.07 5.20 7.21
N SER A 58 -5.95 5.77 8.41
CA SER A 58 -7.06 6.48 9.04
C SER A 58 -6.99 7.98 8.73
N ASN A 59 -5.84 8.58 9.02
CA ASN A 59 -5.65 10.00 8.78
C ASN A 59 -4.98 10.24 7.43
N GLU A 60 -5.57 11.11 6.62
CA GLU A 60 -5.02 11.42 5.30
C GLU A 60 -3.54 11.75 5.39
N GLU A 61 -3.18 12.55 6.40
CA GLU A 61 -1.78 12.94 6.59
C GLU A 61 -0.85 11.74 6.46
N GLU A 62 -1.11 10.70 7.25
CA GLU A 62 -0.29 9.49 7.21
C GLU A 62 0.00 9.08 5.77
N VAL A 63 -1.05 8.93 4.98
CA VAL A 63 -0.91 8.55 3.58
C VAL A 63 0.04 9.48 2.84
N LYS A 64 -0.19 10.78 2.97
CA LYS A 64 0.64 11.79 2.32
C LYS A 64 2.11 11.58 2.69
N GLN A 65 2.35 11.13 3.92
CA GLN A 65 3.71 10.91 4.38
C GLN A 65 4.27 9.59 3.84
N ALA A 66 3.40 8.59 3.73
CA ALA A 66 3.80 7.29 3.21
C ALA A 66 4.62 7.42 1.94
N LEU A 67 4.23 8.36 1.09
CA LEU A 67 4.93 8.60 -0.17
C LEU A 67 6.36 9.06 0.08
N LYS A 68 6.55 9.90 1.09
CA LYS A 68 7.87 10.40 1.44
C LYS A 68 8.89 9.27 1.49
N CYS A 69 8.51 8.16 2.14
CA CYS A 69 9.39 7.00 2.26
C CYS A 69 9.47 6.24 0.95
N ASN A 70 10.02 6.89 -0.08
CA ASN A 70 10.15 6.27 -1.39
C ASN A 70 11.61 5.93 -1.69
N ARG A 71 11.82 5.03 -2.64
CA ARG A 71 13.17 4.62 -3.02
C ARG A 71 13.88 3.94 -1.86
N GLU A 72 13.12 3.21 -1.05
CA GLU A 72 13.67 2.51 0.10
C GLU A 72 14.02 1.07 -0.25
N TYR A 73 14.67 0.37 0.67
CA TYR A 73 15.07 -1.01 0.45
C TYR A 73 14.76 -1.86 1.69
N MET A 74 13.93 -2.87 1.52
CA MET A 74 13.55 -3.76 2.61
C MET A 74 13.35 -5.19 2.11
N GLY A 75 13.74 -6.16 2.93
CA GLY A 75 13.60 -7.55 2.55
C GLY A 75 14.63 -7.99 1.55
N GLY A 76 15.38 -7.03 1.00
CA GLY A 76 16.40 -7.35 0.03
C GLY A 76 16.00 -6.95 -1.38
N ARG A 77 15.02 -6.07 -1.49
CA ARG A 77 14.54 -5.61 -2.78
C ARG A 77 14.11 -4.14 -2.72
N TYR A 78 13.69 -3.60 -3.86
CA TYR A 78 13.25 -2.21 -3.93
C TYR A 78 11.75 -2.10 -3.67
N ILE A 79 11.30 -0.88 -3.38
CA ILE A 79 9.89 -0.64 -3.12
C ILE A 79 9.45 0.69 -3.72
N GLU A 80 8.14 0.80 -4.00
CA GLU A 80 7.59 2.02 -4.58
C GLU A 80 6.16 2.25 -4.09
N VAL A 81 5.95 3.37 -3.41
CA VAL A 81 4.62 3.70 -2.89
C VAL A 81 3.81 4.49 -3.92
N PHE A 82 2.52 4.17 -4.02
CA PHE A 82 1.63 4.84 -4.96
C PHE A 82 0.27 5.10 -4.34
N ARG A 83 -0.19 6.33 -4.41
CA ARG A 83 -1.48 6.71 -3.86
C ARG A 83 -2.62 6.17 -4.71
N GLU A 84 -3.70 5.75 -4.05
CA GLU A 84 -4.86 5.21 -4.76
C GLU A 84 -6.15 5.87 -4.28
N LYS A 85 -6.39 7.09 -4.75
CA LYS A 85 -7.59 7.82 -4.37
C LYS A 85 -8.86 7.00 -4.66
N SER A 86 -8.92 6.41 -5.85
CA SER A 86 -10.06 5.61 -6.24
C SER A 86 -10.08 4.29 -5.49
N GLY A 87 -8.96 3.57 -5.51
CA GLY A 87 -8.87 2.30 -4.83
C GLY A 87 -9.74 1.24 -5.47
N PRO A 88 -9.19 0.53 -6.47
CA PRO A 88 -9.92 -0.53 -7.18
C PRO A 88 -10.15 -1.76 -6.30
N SER A 89 -9.60 -1.73 -5.10
CA SER A 89 -9.74 -2.85 -4.17
C SER A 89 -11.12 -2.85 -3.53
N SER A 90 -11.97 -3.77 -3.96
CA SER A 90 -13.32 -3.87 -3.43
C SER A 90 -13.31 -4.03 -1.92
N GLY A 91 -13.96 -3.10 -1.22
CA GLY A 91 -14.01 -3.16 0.23
C GLY A 91 -15.22 -3.90 0.75
N GLY A 1 -14.91 -6.19 16.18
CA GLY A 1 -14.85 -4.87 16.76
C GLY A 1 -15.38 -3.80 15.83
N SER A 2 -14.61 -3.50 14.78
CA SER A 2 -15.01 -2.48 13.81
C SER A 2 -14.88 -3.02 12.38
N SER A 3 -16.01 -3.34 11.78
CA SER A 3 -16.03 -3.87 10.42
C SER A 3 -16.67 -2.87 9.46
N GLY A 4 -16.04 -2.69 8.30
CA GLY A 4 -16.57 -1.76 7.32
C GLY A 4 -15.58 -1.49 6.19
N SER A 5 -14.41 -0.99 6.55
CA SER A 5 -13.38 -0.68 5.57
C SER A 5 -13.99 -0.03 4.34
N SER A 6 -14.92 0.88 4.55
CA SER A 6 -15.59 1.58 3.46
C SER A 6 -16.22 2.89 3.95
N GLY A 7 -15.77 4.00 3.37
CA GLY A 7 -16.29 5.30 3.75
C GLY A 7 -16.29 6.28 2.60
N THR A 8 -15.59 7.40 2.78
CA THR A 8 -15.52 8.42 1.74
C THR A 8 -14.08 8.69 1.32
N THR A 9 -13.84 8.65 0.01
CA THR A 9 -12.50 8.88 -0.52
C THR A 9 -11.44 8.21 0.35
N CYS A 10 -11.67 6.96 0.72
CA CYS A 10 -10.74 6.21 1.55
C CYS A 10 -9.32 6.30 0.99
N HIS A 11 -8.37 6.64 1.85
CA HIS A 11 -6.97 6.77 1.44
C HIS A 11 -6.28 5.42 1.49
N THR A 12 -5.72 5.00 0.36
CA THR A 12 -5.02 3.72 0.27
C THR A 12 -3.74 3.86 -0.54
N VAL A 13 -2.67 3.23 -0.06
CA VAL A 13 -1.38 3.27 -0.75
C VAL A 13 -1.03 1.91 -1.33
N LYS A 14 -0.24 1.91 -2.40
CA LYS A 14 0.17 0.68 -3.06
C LYS A 14 1.70 0.52 -3.01
N LEU A 15 2.15 -0.68 -2.69
CA LEU A 15 3.58 -0.95 -2.62
C LEU A 15 4.00 -1.94 -3.71
N ARG A 16 5.19 -1.73 -4.27
CA ARG A 16 5.71 -2.59 -5.32
C ARG A 16 7.23 -2.65 -5.27
N GLY A 17 7.76 -3.87 -5.37
CA GLY A 17 9.20 -4.05 -5.33
C GLY A 17 9.64 -5.05 -4.27
N ALA A 18 8.81 -5.23 -3.26
CA ALA A 18 9.10 -6.16 -2.18
C ALA A 18 9.36 -7.56 -2.72
N PRO A 19 10.24 -8.31 -2.05
CA PRO A 19 10.59 -9.68 -2.44
C PRO A 19 9.45 -10.65 -2.22
N PHE A 20 9.73 -11.95 -2.40
CA PHE A 20 8.73 -12.98 -2.22
C PHE A 20 8.71 -13.47 -0.78
N ASN A 21 9.63 -12.96 0.03
CA ASN A 21 9.73 -13.35 1.43
C ASN A 21 9.31 -12.21 2.34
N VAL A 22 8.41 -11.36 1.86
CA VAL A 22 7.92 -10.23 2.63
C VAL A 22 6.59 -10.56 3.30
N THR A 23 6.36 -9.95 4.46
CA THR A 23 5.13 -10.18 5.22
C THR A 23 4.55 -8.86 5.73
N GLU A 24 3.27 -8.89 6.07
CA GLU A 24 2.59 -7.70 6.57
C GLU A 24 3.50 -6.91 7.50
N LYS A 25 4.11 -7.60 8.47
CA LYS A 25 5.00 -6.96 9.41
C LYS A 25 5.99 -6.04 8.71
N ASN A 26 6.77 -6.61 7.80
CA ASN A 26 7.76 -5.84 7.05
C ASN A 26 7.16 -4.52 6.54
N VAL A 27 5.95 -4.61 6.00
CA VAL A 27 5.26 -3.43 5.48
C VAL A 27 5.09 -2.37 6.57
N MET A 28 4.70 -2.81 7.76
CA MET A 28 4.50 -1.90 8.89
C MET A 28 5.79 -1.16 9.21
N GLU A 29 6.88 -1.90 9.35
CA GLU A 29 8.17 -1.31 9.67
C GLU A 29 8.64 -0.40 8.53
N PHE A 30 8.24 -0.73 7.32
CA PHE A 30 8.62 0.05 6.14
C PHE A 30 7.88 1.40 6.12
N LEU A 31 6.66 1.40 6.65
CA LEU A 31 5.85 2.61 6.69
C LEU A 31 6.09 3.38 7.98
N ALA A 32 6.54 2.67 9.01
CA ALA A 32 6.81 3.29 10.30
C ALA A 32 7.54 4.62 10.14
N PRO A 33 7.46 5.47 11.17
CA PRO A 33 6.73 5.16 12.40
C PRO A 33 5.22 5.13 12.18
N LEU A 34 4.79 5.57 11.00
CA LEU A 34 3.37 5.60 10.66
C LEU A 34 2.69 4.27 11.04
N LYS A 35 1.37 4.31 11.16
CA LYS A 35 0.61 3.12 11.51
C LYS A 35 -0.72 3.09 10.76
N PRO A 36 -0.81 2.23 9.74
CA PRO A 36 -2.03 2.09 8.93
C PRO A 36 -3.17 1.43 9.70
N VAL A 37 -4.26 1.14 9.01
CA VAL A 37 -5.42 0.51 9.63
C VAL A 37 -5.49 -0.97 9.29
N ALA A 38 -5.20 -1.31 8.03
CA ALA A 38 -5.23 -2.69 7.58
C ALA A 38 -4.36 -2.87 6.33
N ILE A 39 -3.64 -3.98 6.29
CA ILE A 39 -2.76 -4.27 5.15
C ILE A 39 -3.34 -5.38 4.29
N ARG A 40 -3.86 -5.02 3.13
CA ARG A 40 -4.44 -5.99 2.20
C ARG A 40 -3.48 -6.30 1.07
N ILE A 41 -2.87 -7.48 1.13
CA ILE A 41 -1.93 -7.91 0.10
C ILE A 41 -2.66 -8.29 -1.19
N VAL A 42 -2.34 -7.60 -2.27
CA VAL A 42 -2.95 -7.86 -3.57
C VAL A 42 -2.73 -9.31 -4.00
N ARG A 43 -3.82 -10.01 -4.27
CA ARG A 43 -3.74 -11.41 -4.68
C ARG A 43 -3.49 -11.51 -6.19
N ASN A 44 -3.38 -12.75 -6.68
CA ASN A 44 -3.13 -12.98 -8.09
C ASN A 44 -4.06 -14.05 -8.64
N ALA A 45 -3.91 -15.27 -8.14
CA ALA A 45 -4.74 -16.39 -8.57
C ALA A 45 -5.65 -16.86 -7.44
N HIS A 46 -5.03 -17.36 -6.37
CA HIS A 46 -5.78 -17.86 -5.22
C HIS A 46 -5.58 -16.96 -4.01
N GLY A 47 -4.38 -17.02 -3.42
CA GLY A 47 -4.09 -16.20 -2.27
C GLY A 47 -2.62 -16.25 -1.88
N ASN A 48 -1.76 -16.40 -2.88
CA ASN A 48 -0.32 -16.46 -2.65
C ASN A 48 0.30 -15.06 -2.69
N LYS A 49 1.19 -14.79 -1.75
CA LYS A 49 1.85 -13.49 -1.67
C LYS A 49 2.64 -13.21 -2.95
N THR A 50 2.12 -12.33 -3.79
CA THR A 50 2.77 -11.99 -5.04
C THR A 50 2.05 -10.84 -5.74
N GLY A 51 2.81 -9.84 -6.18
CA GLY A 51 2.22 -8.70 -6.87
C GLY A 51 2.45 -7.40 -6.12
N TYR A 52 1.38 -6.84 -5.58
CA TYR A 52 1.47 -5.58 -4.84
C TYR A 52 0.91 -5.73 -3.43
N ILE A 53 0.90 -4.63 -2.68
CA ILE A 53 0.39 -4.64 -1.32
C ILE A 53 -0.36 -3.35 -1.00
N PHE A 54 -1.66 -3.47 -0.77
CA PHE A 54 -2.49 -2.31 -0.46
C PHE A 54 -2.51 -2.04 1.04
N VAL A 55 -2.36 -0.78 1.42
CA VAL A 55 -2.37 -0.39 2.82
C VAL A 55 -3.29 0.80 3.06
N ASP A 56 -4.16 0.68 4.05
CA ASP A 56 -5.09 1.76 4.39
C ASP A 56 -4.64 2.51 5.63
N PHE A 57 -5.16 3.70 5.82
CA PHE A 57 -4.81 4.53 6.98
C PHE A 57 -6.05 5.22 7.54
N SER A 58 -5.90 5.77 8.75
CA SER A 58 -7.00 6.47 9.41
C SER A 58 -7.11 7.90 8.91
N ASN A 59 -6.06 8.69 9.14
CA ASN A 59 -6.04 10.08 8.72
C ASN A 59 -5.41 10.22 7.33
N GLU A 60 -5.73 11.32 6.65
CA GLU A 60 -5.21 11.57 5.32
C GLU A 60 -3.73 11.96 5.38
N GLU A 61 -3.34 12.58 6.49
CA GLU A 61 -1.96 13.01 6.67
C GLU A 61 -1.00 11.83 6.58
N GLU A 62 -1.26 10.80 7.38
CA GLU A 62 -0.43 9.60 7.39
C GLU A 62 -0.12 9.14 5.97
N VAL A 63 -1.16 8.99 5.16
CA VAL A 63 -1.00 8.56 3.78
C VAL A 63 0.05 9.38 3.06
N LYS A 64 -0.07 10.71 3.15
CA LYS A 64 0.87 11.61 2.51
C LYS A 64 2.30 11.26 2.88
N GLN A 65 2.55 11.08 4.18
CA GLN A 65 3.88 10.73 4.66
C GLN A 65 4.33 9.39 4.10
N ALA A 66 3.37 8.53 3.77
CA ALA A 66 3.67 7.22 3.22
C ALA A 66 4.38 7.33 1.88
N LEU A 67 4.01 8.34 1.09
CA LEU A 67 4.62 8.56 -0.21
C LEU A 67 6.10 8.89 -0.07
N LYS A 68 6.43 9.70 0.93
CA LYS A 68 7.81 10.09 1.16
C LYS A 68 8.73 8.88 1.13
N CYS A 69 8.38 7.85 1.88
CA CYS A 69 9.18 6.63 1.93
C CYS A 69 9.10 5.87 0.62
N ASN A 70 9.96 6.25 -0.34
CA ASN A 70 9.98 5.61 -1.64
C ASN A 70 11.38 5.09 -1.97
N ARG A 71 11.54 4.56 -3.17
CA ARG A 71 12.83 4.02 -3.60
C ARG A 71 13.60 3.44 -2.42
N GLU A 72 12.87 2.78 -1.52
CA GLU A 72 13.49 2.18 -0.34
C GLU A 72 13.99 0.77 -0.65
N TYR A 73 14.64 0.14 0.32
CA TYR A 73 15.17 -1.20 0.16
C TYR A 73 14.87 -2.06 1.37
N MET A 74 13.95 -3.00 1.21
CA MET A 74 13.56 -3.90 2.29
C MET A 74 13.40 -5.33 1.79
N GLY A 75 13.73 -6.29 2.63
CA GLY A 75 13.62 -7.69 2.26
C GLY A 75 14.67 -8.11 1.25
N GLY A 76 15.45 -7.15 0.78
CA GLY A 76 16.50 -7.44 -0.19
C GLY A 76 16.12 -7.04 -1.59
N ARG A 77 15.17 -6.12 -1.70
CA ARG A 77 14.70 -5.65 -3.01
C ARG A 77 14.27 -4.19 -2.94
N TYR A 78 13.91 -3.63 -4.08
CA TYR A 78 13.47 -2.24 -4.16
C TYR A 78 12.00 -2.12 -3.79
N ILE A 79 11.52 -0.88 -3.66
CA ILE A 79 10.14 -0.62 -3.31
C ILE A 79 9.60 0.59 -4.07
N GLU A 80 8.27 0.63 -4.25
CA GLU A 80 7.64 1.73 -4.95
C GLU A 80 6.25 2.00 -4.39
N VAL A 81 6.09 3.16 -3.75
CA VAL A 81 4.80 3.54 -3.17
C VAL A 81 3.96 4.33 -4.16
N PHE A 82 2.65 4.11 -4.12
CA PHE A 82 1.73 4.80 -5.01
C PHE A 82 0.41 5.12 -4.31
N ARG A 83 0.07 6.41 -4.27
CA ARG A 83 -1.15 6.85 -3.63
C ARG A 83 -2.37 6.53 -4.48
N GLU A 84 -3.20 5.62 -4.01
CA GLU A 84 -4.40 5.22 -4.74
C GLU A 84 -5.57 6.16 -4.43
N LYS A 85 -5.79 7.12 -5.31
CA LYS A 85 -6.87 8.08 -5.14
C LYS A 85 -8.23 7.42 -5.32
N SER A 86 -8.28 6.43 -6.19
CA SER A 86 -9.53 5.71 -6.46
C SER A 86 -9.86 4.75 -5.32
N GLY A 87 -8.89 3.93 -4.94
CA GLY A 87 -9.10 2.97 -3.86
C GLY A 87 -9.93 1.78 -4.30
N PRO A 88 -10.58 1.13 -3.33
CA PRO A 88 -11.42 -0.05 -3.59
C PRO A 88 -12.69 0.30 -4.35
N SER A 89 -13.46 -0.72 -4.72
CA SER A 89 -14.71 -0.51 -5.44
C SER A 89 -15.50 0.65 -4.85
N SER A 90 -15.78 1.64 -5.68
CA SER A 90 -16.53 2.82 -5.25
C SER A 90 -18.04 2.56 -5.30
N GLY A 91 -18.44 1.36 -4.87
CA GLY A 91 -19.84 1.01 -4.87
C GLY A 91 -20.58 1.52 -3.65
N GLY A 1 -3.30 5.33 -17.56
CA GLY A 1 -4.58 5.40 -16.86
C GLY A 1 -5.21 6.77 -16.95
N SER A 2 -4.84 7.66 -16.04
CA SER A 2 -5.39 9.01 -16.03
C SER A 2 -6.85 9.01 -16.46
N SER A 3 -7.65 8.14 -15.83
CA SER A 3 -9.06 8.04 -16.16
C SER A 3 -9.80 9.32 -15.79
N GLY A 4 -9.89 9.58 -14.49
CA GLY A 4 -10.58 10.78 -14.02
C GLY A 4 -11.08 10.63 -12.60
N SER A 5 -10.41 11.32 -11.66
CA SER A 5 -10.80 11.26 -10.26
C SER A 5 -11.16 12.64 -9.74
N SER A 6 -12.40 12.78 -9.27
CA SER A 6 -12.89 14.05 -8.76
C SER A 6 -13.57 13.86 -7.41
N GLY A 7 -12.85 14.16 -6.33
CA GLY A 7 -13.42 14.01 -5.00
C GLY A 7 -12.88 12.79 -4.28
N THR A 8 -12.11 13.02 -3.22
CA THR A 8 -11.53 11.92 -2.44
C THR A 8 -12.33 11.68 -1.17
N THR A 9 -12.45 10.41 -0.78
CA THR A 9 -13.18 10.05 0.42
C THR A 9 -12.31 9.22 1.36
N CYS A 10 -11.50 8.34 0.80
CA CYS A 10 -10.62 7.48 1.59
C CYS A 10 -9.16 7.68 1.18
N HIS A 11 -8.24 7.19 2.01
CA HIS A 11 -6.82 7.30 1.73
C HIS A 11 -6.14 5.94 1.79
N THR A 12 -5.83 5.38 0.63
CA THR A 12 -5.18 4.08 0.57
C THR A 12 -3.91 4.14 -0.28
N VAL A 13 -2.90 3.37 0.12
CA VAL A 13 -1.64 3.33 -0.60
C VAL A 13 -1.31 1.93 -1.07
N LYS A 14 -0.46 1.83 -2.09
CA LYS A 14 -0.06 0.54 -2.64
C LYS A 14 1.45 0.44 -2.73
N LEU A 15 1.98 -0.76 -2.45
CA LEU A 15 3.41 -0.99 -2.50
C LEU A 15 3.76 -1.99 -3.60
N ARG A 16 4.96 -1.84 -4.16
CA ARG A 16 5.42 -2.73 -5.22
C ARG A 16 6.94 -2.87 -5.20
N GLY A 17 7.41 -4.09 -5.45
CA GLY A 17 8.85 -4.33 -5.45
C GLY A 17 9.32 -5.02 -4.18
N ALA A 18 8.59 -6.04 -3.76
CA ALA A 18 8.94 -6.79 -2.56
C ALA A 18 9.33 -8.22 -2.90
N PRO A 19 10.20 -8.81 -2.06
CA PRO A 19 10.67 -10.19 -2.26
C PRO A 19 9.58 -11.22 -2.00
N PHE A 20 9.97 -12.49 -2.00
CA PHE A 20 9.02 -13.57 -1.77
C PHE A 20 8.86 -13.86 -0.28
N ASN A 21 9.70 -13.21 0.53
CA ASN A 21 9.65 -13.39 1.98
C ASN A 21 9.10 -12.14 2.67
N VAL A 22 8.20 -11.44 1.98
CA VAL A 22 7.60 -10.23 2.52
C VAL A 22 6.25 -10.54 3.18
N THR A 23 6.00 -9.90 4.31
CA THR A 23 4.74 -10.09 5.04
C THR A 23 4.26 -8.78 5.66
N GLU A 24 3.03 -8.81 6.18
CA GLU A 24 2.45 -7.63 6.80
C GLU A 24 3.45 -6.97 7.76
N LYS A 25 4.25 -7.79 8.43
CA LYS A 25 5.23 -7.30 9.38
C LYS A 25 6.23 -6.37 8.69
N ASN A 26 6.79 -6.83 7.57
CA ASN A 26 7.75 -6.05 6.81
C ASN A 26 7.18 -4.69 6.45
N VAL A 27 5.96 -4.69 5.90
CA VAL A 27 5.29 -3.45 5.51
C VAL A 27 5.14 -2.51 6.69
N MET A 28 4.52 -3.00 7.76
CA MET A 28 4.32 -2.20 8.97
C MET A 28 5.60 -1.47 9.36
N GLU A 29 6.72 -2.18 9.31
CA GLU A 29 8.01 -1.60 9.66
C GLU A 29 8.51 -0.66 8.57
N PHE A 30 8.06 -0.92 7.34
CA PHE A 30 8.46 -0.10 6.20
C PHE A 30 7.68 1.21 6.17
N LEU A 31 6.44 1.17 6.67
CA LEU A 31 5.60 2.35 6.70
C LEU A 31 5.75 3.10 8.01
N ALA A 32 6.17 2.39 9.05
CA ALA A 32 6.37 2.99 10.36
C ALA A 32 7.20 4.27 10.26
N PRO A 33 7.16 5.08 11.33
CA PRO A 33 6.39 4.78 12.53
C PRO A 33 4.89 4.86 12.30
N LEU A 34 4.50 5.26 11.09
CA LEU A 34 3.09 5.39 10.74
C LEU A 34 2.36 4.07 10.97
N LYS A 35 1.11 4.18 11.43
CA LYS A 35 0.29 3.00 11.70
C LYS A 35 -0.98 3.02 10.85
N PRO A 36 -1.02 2.16 9.83
CA PRO A 36 -2.17 2.06 8.92
C PRO A 36 -3.39 1.45 9.61
N VAL A 37 -4.36 1.03 8.81
CA VAL A 37 -5.58 0.42 9.34
C VAL A 37 -5.68 -1.05 8.95
N ALA A 38 -5.40 -1.34 7.69
CA ALA A 38 -5.45 -2.71 7.18
C ALA A 38 -4.52 -2.89 6.00
N ILE A 39 -3.68 -3.92 6.07
CA ILE A 39 -2.73 -4.21 5.00
C ILE A 39 -3.15 -5.46 4.21
N ARG A 40 -3.77 -5.24 3.06
CA ARG A 40 -4.22 -6.34 2.21
C ARG A 40 -3.25 -6.58 1.07
N ILE A 41 -2.46 -7.64 1.18
CA ILE A 41 -1.48 -7.98 0.15
C ILE A 41 -2.17 -8.56 -1.09
N VAL A 42 -2.01 -7.87 -2.21
CA VAL A 42 -2.61 -8.32 -3.46
C VAL A 42 -2.24 -9.76 -3.77
N ARG A 43 -3.21 -10.66 -3.63
CA ARG A 43 -2.98 -12.07 -3.88
C ARG A 43 -3.42 -12.45 -5.29
N ASN A 44 -3.02 -13.63 -5.74
CA ASN A 44 -3.37 -14.11 -7.08
C ASN A 44 -4.22 -15.38 -6.99
N ALA A 45 -4.53 -15.94 -8.16
CA ALA A 45 -5.34 -17.15 -8.21
C ALA A 45 -4.85 -18.19 -7.20
N HIS A 46 -3.53 -18.35 -7.11
CA HIS A 46 -2.95 -19.31 -6.19
C HIS A 46 -2.20 -18.58 -5.06
N GLY A 47 -2.78 -17.49 -4.58
CA GLY A 47 -2.16 -16.72 -3.53
C GLY A 47 -0.69 -16.46 -3.77
N ASN A 48 -0.39 -15.93 -4.96
CA ASN A 48 0.99 -15.62 -5.32
C ASN A 48 1.24 -14.11 -5.31
N LYS A 49 1.95 -13.65 -4.29
CA LYS A 49 2.26 -12.23 -4.16
C LYS A 49 3.00 -11.72 -5.39
N THR A 50 2.44 -10.68 -6.02
CA THR A 50 3.05 -10.09 -7.21
C THR A 50 3.42 -8.64 -6.98
N GLY A 51 4.47 -8.42 -6.20
CA GLY A 51 4.91 -7.06 -5.91
C GLY A 51 3.75 -6.09 -5.82
N TYR A 52 2.77 -6.41 -4.98
CA TYR A 52 1.60 -5.55 -4.82
C TYR A 52 1.00 -5.72 -3.43
N ILE A 53 0.94 -4.62 -2.68
CA ILE A 53 0.38 -4.66 -1.34
C ILE A 53 -0.46 -3.41 -1.06
N PHE A 54 -1.67 -3.62 -0.53
CA PHE A 54 -2.57 -2.52 -0.22
C PHE A 54 -2.50 -2.17 1.27
N VAL A 55 -2.59 -0.88 1.57
CA VAL A 55 -2.55 -0.41 2.95
C VAL A 55 -3.43 0.83 3.14
N ASP A 56 -4.25 0.79 4.17
CA ASP A 56 -5.15 1.90 4.47
C ASP A 56 -4.63 2.73 5.65
N PHE A 57 -5.22 3.90 5.84
CA PHE A 57 -4.81 4.79 6.93
C PHE A 57 -5.99 5.59 7.46
N SER A 58 -5.88 6.07 8.69
CA SER A 58 -6.94 6.84 9.32
C SER A 58 -7.06 8.21 8.67
N ASN A 59 -6.02 9.03 8.80
CA ASN A 59 -6.01 10.37 8.23
C ASN A 59 -5.24 10.39 6.90
N GLU A 60 -5.21 11.55 6.27
CA GLU A 60 -4.50 11.71 5.00
C GLU A 60 -3.01 11.83 5.22
N GLU A 61 -2.63 12.67 6.18
CA GLU A 61 -1.21 12.88 6.49
C GLU A 61 -0.45 11.57 6.48
N GLU A 62 -0.86 10.64 7.35
CA GLU A 62 -0.21 9.34 7.44
C GLU A 62 0.03 8.75 6.06
N VAL A 63 -0.87 9.05 5.13
CA VAL A 63 -0.75 8.56 3.76
C VAL A 63 0.19 9.43 2.94
N LYS A 64 0.16 10.74 3.19
CA LYS A 64 1.01 11.67 2.47
C LYS A 64 2.48 11.40 2.77
N GLN A 65 2.77 11.00 4.00
CA GLN A 65 4.13 10.71 4.43
C GLN A 65 4.60 9.37 3.87
N ALA A 66 3.70 8.39 3.88
CA ALA A 66 4.02 7.05 3.39
C ALA A 66 4.61 7.13 1.98
N LEU A 67 4.15 8.09 1.20
CA LEU A 67 4.64 8.26 -0.17
C LEU A 67 6.06 8.82 -0.17
N LYS A 68 6.32 9.77 0.72
CA LYS A 68 7.64 10.38 0.82
C LYS A 68 8.73 9.33 0.79
N CYS A 69 8.50 8.21 1.48
CA CYS A 69 9.46 7.12 1.53
C CYS A 69 9.41 6.29 0.25
N ASN A 70 10.06 6.78 -0.80
CA ASN A 70 10.07 6.08 -2.08
C ASN A 70 11.46 5.50 -2.36
N ARG A 71 11.59 4.81 -3.49
CA ARG A 71 12.86 4.22 -3.88
C ARG A 71 13.62 3.71 -2.65
N GLU A 72 12.90 3.07 -1.74
CA GLU A 72 13.51 2.54 -0.52
C GLU A 72 14.01 1.12 -0.74
N TYR A 73 14.69 0.58 0.26
CA TYR A 73 15.22 -0.78 0.19
C TYR A 73 14.80 -1.60 1.40
N MET A 74 14.01 -2.64 1.16
CA MET A 74 13.54 -3.51 2.23
C MET A 74 13.41 -4.95 1.75
N GLY A 75 14.02 -5.87 2.48
CA GLY A 75 13.97 -7.27 2.12
C GLY A 75 14.97 -7.63 1.04
N GLY A 76 15.46 -6.62 0.34
CA GLY A 76 16.43 -6.85 -0.72
C GLY A 76 15.88 -6.52 -2.09
N ARG A 77 14.82 -5.72 -2.13
CA ARG A 77 14.19 -5.33 -3.38
C ARG A 77 13.68 -3.89 -3.31
N TYR A 78 13.95 -3.12 -4.36
CA TYR A 78 13.52 -1.73 -4.41
C TYR A 78 12.01 -1.62 -4.23
N ILE A 79 11.59 -0.79 -3.28
CA ILE A 79 10.17 -0.58 -3.01
C ILE A 79 9.69 0.76 -3.52
N GLU A 80 8.42 0.84 -3.88
CA GLU A 80 7.84 2.08 -4.38
C GLU A 80 6.40 2.25 -3.89
N VAL A 81 6.17 3.31 -3.11
CA VAL A 81 4.85 3.58 -2.57
C VAL A 81 4.03 4.45 -3.53
N PHE A 82 2.74 4.17 -3.62
CA PHE A 82 1.85 4.92 -4.49
C PHE A 82 0.51 5.18 -3.82
N ARG A 83 -0.09 6.33 -4.14
CA ARG A 83 -1.37 6.69 -3.56
C ARG A 83 -2.53 6.12 -4.38
N GLU A 84 -3.21 5.13 -3.81
CA GLU A 84 -4.34 4.49 -4.50
C GLU A 84 -5.63 5.24 -4.21
N LYS A 85 -5.84 6.34 -4.93
CA LYS A 85 -7.05 7.14 -4.76
C LYS A 85 -8.29 6.25 -4.62
N SER A 86 -8.23 5.08 -5.24
CA SER A 86 -9.34 4.14 -5.19
C SER A 86 -9.24 3.25 -3.96
N GLY A 87 -8.17 2.45 -3.89
CA GLY A 87 -7.99 1.57 -2.75
C GLY A 87 -7.85 0.12 -3.18
N PRO A 88 -8.14 -0.80 -2.24
CA PRO A 88 -8.05 -2.25 -2.49
C PRO A 88 -9.13 -2.73 -3.45
N SER A 89 -8.73 -3.57 -4.41
CA SER A 89 -9.67 -4.10 -5.40
C SER A 89 -10.18 -5.47 -4.96
N SER A 90 -11.19 -5.47 -4.09
CA SER A 90 -11.77 -6.72 -3.61
C SER A 90 -13.29 -6.65 -3.63
N GLY A 91 -13.93 -7.82 -3.61
CA GLY A 91 -15.38 -7.88 -3.63
C GLY A 91 -15.91 -8.55 -4.89
N GLY A 1 -25.46 4.41 -13.19
CA GLY A 1 -26.07 5.57 -12.57
C GLY A 1 -25.24 6.13 -11.43
N SER A 2 -24.19 6.88 -11.78
CA SER A 2 -23.31 7.46 -10.77
C SER A 2 -23.10 6.50 -9.61
N SER A 3 -22.89 5.23 -9.94
CA SER A 3 -22.67 4.20 -8.92
C SER A 3 -21.54 3.26 -9.34
N GLY A 4 -20.45 3.29 -8.58
CA GLY A 4 -19.31 2.43 -8.89
C GLY A 4 -18.20 3.19 -9.59
N SER A 5 -18.57 4.01 -10.57
CA SER A 5 -17.59 4.78 -11.33
C SER A 5 -16.87 5.79 -10.42
N SER A 6 -17.65 6.53 -9.63
CA SER A 6 -17.09 7.52 -8.73
C SER A 6 -16.86 6.93 -7.34
N GLY A 7 -17.87 6.21 -6.83
CA GLY A 7 -17.76 5.60 -5.52
C GLY A 7 -17.54 6.62 -4.43
N THR A 8 -16.64 6.32 -3.51
CA THR A 8 -16.34 7.21 -2.40
C THR A 8 -14.84 7.33 -2.16
N THR A 9 -14.29 8.51 -2.45
CA THR A 9 -12.86 8.75 -2.28
C THR A 9 -12.32 8.01 -1.06
N CYS A 10 -11.25 7.24 -1.27
CA CYS A 10 -10.64 6.48 -0.19
C CYS A 10 -9.12 6.69 -0.16
N HIS A 11 -8.55 6.68 1.04
CA HIS A 11 -7.11 6.86 1.19
C HIS A 11 -6.40 5.52 1.31
N THR A 12 -5.82 5.06 0.20
CA THR A 12 -5.11 3.79 0.17
C THR A 12 -3.79 3.91 -0.59
N VAL A 13 -2.78 3.18 -0.14
CA VAL A 13 -1.47 3.21 -0.78
C VAL A 13 -1.09 1.83 -1.31
N LYS A 14 -0.35 1.80 -2.42
CA LYS A 14 0.09 0.56 -3.02
C LYS A 14 1.61 0.45 -3.01
N LEU A 15 2.10 -0.77 -2.86
CA LEU A 15 3.54 -1.03 -2.83
C LEU A 15 3.97 -1.87 -4.03
N ARG A 16 5.25 -1.78 -4.37
CA ARG A 16 5.79 -2.54 -5.50
C ARG A 16 7.30 -2.70 -5.37
N GLY A 17 7.78 -3.94 -5.51
CA GLY A 17 9.20 -4.20 -5.41
C GLY A 17 9.52 -5.22 -4.34
N ALA A 18 8.63 -5.37 -3.38
CA ALA A 18 8.82 -6.33 -2.29
C ALA A 18 9.02 -7.74 -2.84
N PRO A 19 9.82 -8.54 -2.12
CA PRO A 19 10.11 -9.93 -2.52
C PRO A 19 8.90 -10.83 -2.36
N PHE A 20 9.09 -12.12 -2.62
CA PHE A 20 8.01 -13.10 -2.51
C PHE A 20 7.77 -13.48 -1.05
N ASN A 21 8.85 -13.53 -0.27
CA ASN A 21 8.76 -13.88 1.14
C ASN A 21 8.53 -12.64 1.99
N VAL A 22 7.56 -11.81 1.59
CA VAL A 22 7.24 -10.60 2.31
C VAL A 22 6.03 -10.79 3.20
N THR A 23 6.07 -10.19 4.40
CA THR A 23 4.97 -10.31 5.35
C THR A 23 4.60 -8.94 5.91
N GLU A 24 3.34 -8.80 6.32
CA GLU A 24 2.85 -7.54 6.88
C GLU A 24 3.94 -6.86 7.71
N LYS A 25 4.53 -7.61 8.64
CA LYS A 25 5.57 -7.08 9.50
C LYS A 25 6.54 -6.20 8.70
N ASN A 26 6.97 -6.71 7.55
CA ASN A 26 7.89 -5.97 6.68
C ASN A 26 7.30 -4.61 6.29
N VAL A 27 6.10 -4.65 5.72
CA VAL A 27 5.43 -3.42 5.30
C VAL A 27 5.28 -2.44 6.46
N MET A 28 4.77 -2.94 7.58
CA MET A 28 4.58 -2.11 8.77
C MET A 28 5.85 -1.32 9.09
N GLU A 29 6.96 -2.03 9.18
CA GLU A 29 8.24 -1.40 9.49
C GLU A 29 8.69 -0.51 8.34
N PHE A 30 8.21 -0.81 7.14
CA PHE A 30 8.57 -0.02 5.96
C PHE A 30 7.79 1.29 5.92
N LEU A 31 6.55 1.25 6.39
CA LEU A 31 5.70 2.44 6.41
C LEU A 31 5.93 3.25 7.68
N ALA A 32 6.47 2.59 8.70
CA ALA A 32 6.75 3.25 9.98
C ALA A 32 7.45 4.59 9.76
N PRO A 33 7.39 5.46 10.78
CA PRO A 33 6.68 5.17 12.02
C PRO A 33 5.16 5.12 11.84
N LEU A 34 4.69 5.75 10.79
CA LEU A 34 3.25 5.77 10.49
C LEU A 34 2.62 4.41 10.75
N LYS A 35 1.43 4.41 11.34
CA LYS A 35 0.72 3.18 11.64
C LYS A 35 -0.61 3.13 10.90
N PRO A 36 -0.71 2.22 9.91
CA PRO A 36 -1.92 2.05 9.11
C PRO A 36 -3.06 1.43 9.91
N VAL A 37 -4.19 1.20 9.24
CA VAL A 37 -5.35 0.62 9.89
C VAL A 37 -5.52 -0.84 9.50
N ALA A 38 -5.16 -1.17 8.26
CA ALA A 38 -5.27 -2.53 7.76
C ALA A 38 -4.43 -2.73 6.51
N ILE A 39 -3.66 -3.81 6.48
CA ILE A 39 -2.80 -4.12 5.34
C ILE A 39 -3.35 -5.29 4.54
N ARG A 40 -3.71 -5.03 3.29
CA ARG A 40 -4.25 -6.06 2.41
C ARG A 40 -3.27 -6.40 1.29
N ILE A 41 -2.64 -7.56 1.39
CA ILE A 41 -1.68 -8.00 0.39
C ILE A 41 -2.38 -8.67 -0.79
N VAL A 42 -1.92 -8.36 -2.01
CA VAL A 42 -2.51 -8.93 -3.21
C VAL A 42 -1.57 -9.97 -3.82
N ARG A 43 -2.16 -11.02 -4.40
CA ARG A 43 -1.38 -12.08 -5.03
C ARG A 43 -1.25 -11.84 -6.53
N ASN A 44 -0.43 -12.66 -7.18
CA ASN A 44 -0.21 -12.53 -8.62
C ASN A 44 -1.17 -13.43 -9.39
N ALA A 45 -1.44 -13.07 -10.64
CA ALA A 45 -2.34 -13.85 -11.49
C ALA A 45 -2.18 -15.34 -11.23
N HIS A 46 -0.96 -15.84 -11.34
CA HIS A 46 -0.68 -17.25 -11.12
C HIS A 46 -1.01 -17.65 -9.67
N GLY A 47 -0.33 -17.01 -8.72
CA GLY A 47 -0.56 -17.32 -7.32
C GLY A 47 0.70 -17.23 -6.49
N ASN A 48 1.26 -16.02 -6.40
CA ASN A 48 2.48 -15.80 -5.64
C ASN A 48 2.41 -14.49 -4.85
N LYS A 49 3.21 -14.38 -3.80
CA LYS A 49 3.23 -13.19 -2.97
C LYS A 49 3.49 -11.94 -3.82
N THR A 50 4.63 -11.93 -4.50
CA THR A 50 5.00 -10.80 -5.35
C THR A 50 3.79 -10.26 -6.10
N GLY A 51 3.77 -8.94 -6.30
CA GLY A 51 2.67 -8.31 -6.99
C GLY A 51 2.39 -6.91 -6.51
N TYR A 52 1.40 -6.76 -5.63
CA TYR A 52 1.04 -5.46 -5.09
C TYR A 52 0.46 -5.60 -3.68
N ILE A 53 0.74 -4.60 -2.84
CA ILE A 53 0.25 -4.61 -1.47
C ILE A 53 -0.49 -3.32 -1.14
N PHE A 54 -1.75 -3.45 -0.75
CA PHE A 54 -2.57 -2.28 -0.40
C PHE A 54 -2.56 -2.05 1.10
N VAL A 55 -2.42 -0.78 1.49
CA VAL A 55 -2.40 -0.42 2.90
C VAL A 55 -3.27 0.80 3.16
N ASP A 56 -4.11 0.72 4.18
CA ASP A 56 -5.00 1.81 4.54
C ASP A 56 -4.51 2.52 5.81
N PHE A 57 -4.94 3.76 5.99
CA PHE A 57 -4.54 4.56 7.14
C PHE A 57 -5.74 5.26 7.76
N SER A 58 -5.59 5.69 9.00
CA SER A 58 -6.67 6.38 9.71
C SER A 58 -7.00 7.70 9.04
N ASN A 59 -6.06 8.64 9.09
CA ASN A 59 -6.26 9.95 8.48
C ASN A 59 -5.58 10.03 7.13
N GLU A 60 -5.84 11.12 6.40
CA GLU A 60 -5.26 11.31 5.08
C GLU A 60 -3.76 11.60 5.18
N GLU A 61 -3.41 12.56 6.03
CA GLU A 61 -2.01 12.93 6.23
C GLU A 61 -1.12 11.69 6.26
N GLU A 62 -1.40 10.78 7.19
CA GLU A 62 -0.62 9.55 7.32
C GLU A 62 -0.26 9.00 5.95
N VAL A 63 -1.17 9.13 4.99
CA VAL A 63 -0.95 8.64 3.64
C VAL A 63 0.11 9.47 2.92
N LYS A 64 -0.04 10.78 2.98
CA LYS A 64 0.90 11.70 2.34
C LYS A 64 2.33 11.38 2.77
N GLN A 65 2.51 11.07 4.04
CA GLN A 65 3.83 10.75 4.58
C GLN A 65 4.29 9.37 4.11
N ALA A 66 3.34 8.50 3.80
CA ALA A 66 3.64 7.16 3.34
C ALA A 66 4.36 7.19 1.99
N LEU A 67 3.98 8.15 1.15
CA LEU A 67 4.59 8.28 -0.17
C LEU A 67 6.00 8.86 -0.06
N LYS A 68 6.18 9.78 0.88
CA LYS A 68 7.48 10.41 1.09
C LYS A 68 8.59 9.36 1.15
N CYS A 69 8.36 8.31 1.92
CA CYS A 69 9.33 7.24 2.07
C CYS A 69 9.45 6.43 0.77
N ASN A 70 10.05 7.02 -0.25
CA ASN A 70 10.23 6.36 -1.54
C ASN A 70 11.68 5.99 -1.76
N ARG A 71 11.91 5.08 -2.71
CA ARG A 71 13.26 4.63 -3.03
C ARG A 71 13.91 3.97 -1.82
N GLU A 72 13.11 3.24 -1.05
CA GLU A 72 13.61 2.55 0.13
C GLU A 72 14.03 1.12 -0.20
N TYR A 73 14.62 0.45 0.77
CA TYR A 73 15.07 -0.92 0.58
C TYR A 73 14.71 -1.80 1.77
N MET A 74 14.06 -2.93 1.51
CA MET A 74 13.65 -3.85 2.56
C MET A 74 13.48 -5.26 2.01
N GLY A 75 13.91 -6.25 2.79
CA GLY A 75 13.79 -7.63 2.35
C GLY A 75 14.83 -8.02 1.33
N GLY A 76 15.56 -7.03 0.83
CA GLY A 76 16.58 -7.28 -0.17
C GLY A 76 16.14 -6.91 -1.57
N ARG A 77 15.09 -6.10 -1.66
CA ARG A 77 14.57 -5.66 -2.95
C ARG A 77 14.06 -4.23 -2.87
N TYR A 78 14.07 -3.53 -4.01
CA TYR A 78 13.61 -2.15 -4.06
C TYR A 78 12.12 -2.07 -3.77
N ILE A 79 11.65 -0.85 -3.51
CA ILE A 79 10.24 -0.62 -3.21
C ILE A 79 9.77 0.72 -3.75
N GLU A 80 8.58 0.75 -4.33
CA GLU A 80 8.02 1.97 -4.88
C GLU A 80 6.56 2.13 -4.47
N VAL A 81 6.29 3.14 -3.63
CA VAL A 81 4.94 3.40 -3.16
C VAL A 81 4.17 4.26 -4.16
N PHE A 82 2.85 4.13 -4.14
CA PHE A 82 2.00 4.90 -5.05
C PHE A 82 0.67 5.26 -4.37
N ARG A 83 0.03 6.32 -4.86
CA ARG A 83 -1.24 6.76 -4.30
C ARG A 83 -2.41 6.25 -5.13
N GLU A 84 -3.28 5.47 -4.49
CA GLU A 84 -4.45 4.91 -5.17
C GLU A 84 -5.71 5.71 -4.85
N LYS A 85 -5.82 6.90 -5.44
CA LYS A 85 -6.98 7.75 -5.21
C LYS A 85 -8.28 6.98 -5.40
N SER A 86 -8.21 5.91 -6.18
CA SER A 86 -9.38 5.09 -6.45
C SER A 86 -9.76 4.27 -5.22
N GLY A 87 -8.85 3.42 -4.77
CA GLY A 87 -9.11 2.59 -3.61
C GLY A 87 -9.60 1.20 -3.97
N PRO A 88 -10.28 0.55 -3.02
CA PRO A 88 -10.81 -0.81 -3.23
C PRO A 88 -11.97 -0.83 -4.22
N SER A 89 -12.39 -2.03 -4.60
CA SER A 89 -13.50 -2.19 -5.55
C SER A 89 -14.74 -2.72 -4.85
N SER A 90 -15.63 -1.81 -4.47
CA SER A 90 -16.86 -2.18 -3.80
C SER A 90 -17.59 -3.29 -4.55
N GLY A 91 -18.32 -4.12 -3.81
CA GLY A 91 -19.05 -5.22 -4.42
C GLY A 91 -20.07 -5.84 -3.49
N GLY A 1 -6.19 14.38 -19.13
CA GLY A 1 -7.57 14.66 -18.80
C GLY A 1 -8.21 13.56 -17.99
N SER A 2 -9.32 13.88 -17.32
CA SER A 2 -10.03 12.91 -16.50
C SER A 2 -11.51 13.26 -16.39
N SER A 3 -12.33 12.27 -16.05
CA SER A 3 -13.77 12.47 -15.92
C SER A 3 -14.07 13.84 -15.33
N GLY A 4 -13.55 14.10 -14.13
CA GLY A 4 -13.78 15.38 -13.48
C GLY A 4 -14.15 15.22 -12.02
N SER A 5 -13.16 14.94 -11.18
CA SER A 5 -13.40 14.76 -9.75
C SER A 5 -12.12 14.98 -8.95
N SER A 6 -12.14 15.97 -8.06
CA SER A 6 -10.98 16.28 -7.24
C SER A 6 -11.21 15.88 -5.79
N GLY A 7 -10.15 15.41 -5.14
CA GLY A 7 -10.26 14.98 -3.75
C GLY A 7 -10.33 13.47 -3.61
N THR A 8 -9.60 12.94 -2.64
CA THR A 8 -9.58 11.49 -2.41
C THR A 8 -10.47 11.12 -1.21
N THR A 9 -11.33 10.12 -1.41
CA THR A 9 -12.22 9.68 -0.35
C THR A 9 -11.65 8.46 0.37
N CYS A 10 -11.16 7.49 -0.41
CA CYS A 10 -10.59 6.27 0.15
C CYS A 10 -9.07 6.37 0.24
N HIS A 11 -8.56 6.35 1.47
CA HIS A 11 -7.12 6.44 1.69
C HIS A 11 -6.46 5.06 1.56
N THR A 12 -5.91 4.79 0.39
CA THR A 12 -5.25 3.51 0.14
C THR A 12 -3.93 3.71 -0.61
N VAL A 13 -2.94 2.89 -0.27
CA VAL A 13 -1.63 2.97 -0.90
C VAL A 13 -1.18 1.61 -1.41
N LYS A 14 -0.38 1.61 -2.48
CA LYS A 14 0.12 0.37 -3.05
C LYS A 14 1.65 0.33 -3.01
N LEU A 15 2.18 -0.79 -2.56
CA LEU A 15 3.63 -0.96 -2.47
C LEU A 15 4.14 -1.89 -3.56
N ARG A 16 4.75 -1.30 -4.59
CA ARG A 16 5.27 -2.08 -5.71
C ARG A 16 6.80 -2.17 -5.64
N GLY A 17 7.32 -3.39 -5.59
CA GLY A 17 8.76 -3.59 -5.52
C GLY A 17 9.14 -4.61 -4.47
N ALA A 18 8.29 -4.79 -3.46
CA ALA A 18 8.55 -5.73 -2.39
C ALA A 18 8.70 -7.15 -2.93
N PRO A 19 9.60 -7.93 -2.32
CA PRO A 19 9.86 -9.31 -2.73
C PRO A 19 8.69 -10.24 -2.42
N PHE A 20 8.94 -11.54 -2.51
CA PHE A 20 7.90 -12.54 -2.24
C PHE A 20 8.01 -13.04 -0.80
N ASN A 21 9.13 -12.74 -0.16
CA ASN A 21 9.36 -13.15 1.22
C ASN A 21 8.91 -12.08 2.21
N VAL A 22 8.35 -10.99 1.68
CA VAL A 22 7.88 -9.91 2.51
C VAL A 22 6.53 -10.23 3.15
N THR A 23 6.35 -9.79 4.39
CA THR A 23 5.11 -10.04 5.12
C THR A 23 4.58 -8.77 5.76
N GLU A 24 3.31 -8.78 6.13
CA GLU A 24 2.67 -7.62 6.75
C GLU A 24 3.64 -6.92 7.72
N LYS A 25 4.25 -7.72 8.59
CA LYS A 25 5.20 -7.19 9.56
C LYS A 25 6.25 -6.32 8.88
N ASN A 26 6.98 -6.90 7.94
CA ASN A 26 8.01 -6.16 7.21
C ASN A 26 7.47 -4.84 6.68
N VAL A 27 6.25 -4.89 6.13
CA VAL A 27 5.63 -3.69 5.58
C VAL A 27 5.44 -2.62 6.65
N MET A 28 4.88 -3.03 7.79
CA MET A 28 4.65 -2.10 8.90
C MET A 28 5.91 -1.31 9.22
N GLU A 29 7.05 -1.98 9.15
CA GLU A 29 8.34 -1.34 9.44
C GLU A 29 8.72 -0.38 8.32
N PHE A 30 8.39 -0.75 7.09
CA PHE A 30 8.70 0.08 5.93
C PHE A 30 7.76 1.29 5.86
N LEU A 31 6.55 1.12 6.34
CA LEU A 31 5.56 2.19 6.33
C LEU A 31 5.73 3.10 7.55
N ALA A 32 6.29 2.54 8.62
CA ALA A 32 6.51 3.30 9.85
C ALA A 32 7.25 4.60 9.56
N PRO A 33 7.21 5.53 10.53
CA PRO A 33 6.50 5.33 11.79
C PRO A 33 4.99 5.32 11.61
N LEU A 34 4.53 5.80 10.46
CA LEU A 34 3.10 5.85 10.16
C LEU A 34 2.43 4.51 10.49
N LYS A 35 1.34 4.57 11.25
CA LYS A 35 0.62 3.37 11.63
C LYS A 35 -0.69 3.24 10.84
N PRO A 36 -0.71 2.32 9.87
CA PRO A 36 -1.88 2.08 9.03
C PRO A 36 -3.03 1.43 9.80
N VAL A 37 -4.14 1.22 9.12
CA VAL A 37 -5.31 0.60 9.74
C VAL A 37 -5.40 -0.88 9.39
N ALA A 38 -5.03 -1.22 8.16
CA ALA A 38 -5.07 -2.61 7.71
C ALA A 38 -4.17 -2.81 6.49
N ILE A 39 -3.44 -3.91 6.47
CA ILE A 39 -2.55 -4.22 5.35
C ILE A 39 -3.06 -5.42 4.56
N ARG A 40 -3.55 -5.15 3.34
CA ARG A 40 -4.06 -6.20 2.48
C ARG A 40 -3.10 -6.49 1.33
N ILE A 41 -2.39 -7.61 1.43
CA ILE A 41 -1.44 -8.00 0.40
C ILE A 41 -2.16 -8.56 -0.83
N VAL A 42 -1.84 -8.00 -1.99
CA VAL A 42 -2.45 -8.44 -3.25
C VAL A 42 -2.07 -9.89 -3.56
N ARG A 43 -3.08 -10.72 -3.77
CA ARG A 43 -2.85 -12.13 -4.07
C ARG A 43 -2.92 -12.37 -5.58
N ASN A 44 -1.89 -13.02 -6.11
CA ASN A 44 -1.82 -13.31 -7.54
C ASN A 44 -2.43 -14.68 -7.85
N ALA A 45 -1.87 -15.71 -7.22
CA ALA A 45 -2.36 -17.07 -7.42
C ALA A 45 -3.28 -17.50 -6.28
N HIS A 46 -2.68 -17.77 -5.11
CA HIS A 46 -3.45 -18.19 -3.95
C HIS A 46 -3.17 -17.27 -2.76
N GLY A 47 -1.97 -17.38 -2.20
CA GLY A 47 -1.62 -16.56 -1.06
C GLY A 47 -0.14 -16.18 -1.05
N ASN A 48 0.28 -15.43 -2.07
CA ASN A 48 1.67 -15.02 -2.18
C ASN A 48 1.78 -13.50 -2.35
N LYS A 49 3.00 -13.00 -2.29
CA LYS A 49 3.24 -11.57 -2.44
C LYS A 49 3.75 -11.24 -3.84
N THR A 50 2.84 -10.89 -4.73
CA THR A 50 3.20 -10.55 -6.11
C THR A 50 3.63 -9.09 -6.22
N GLY A 51 4.76 -8.76 -5.62
CA GLY A 51 5.25 -7.40 -5.67
C GLY A 51 4.14 -6.37 -5.55
N TYR A 52 3.17 -6.66 -4.70
CA TYR A 52 2.03 -5.75 -4.50
C TYR A 52 1.46 -5.89 -3.09
N ILE A 53 1.23 -4.76 -2.45
CA ILE A 53 0.68 -4.76 -1.09
C ILE A 53 -0.14 -3.49 -0.83
N PHE A 54 -1.43 -3.68 -0.60
CA PHE A 54 -2.33 -2.55 -0.34
C PHE A 54 -2.41 -2.26 1.16
N VAL A 55 -2.32 -0.98 1.50
CA VAL A 55 -2.38 -0.56 2.90
C VAL A 55 -3.31 0.64 3.07
N ASP A 56 -4.06 0.65 4.17
CA ASP A 56 -4.98 1.74 4.46
C ASP A 56 -4.54 2.51 5.69
N PHE A 57 -5.06 3.73 5.84
CA PHE A 57 -4.71 4.57 6.98
C PHE A 57 -5.95 5.30 7.50
N SER A 58 -5.82 5.90 8.68
CA SER A 58 -6.92 6.63 9.29
C SER A 58 -7.18 7.94 8.56
N ASN A 59 -6.24 8.87 8.68
CA ASN A 59 -6.37 10.17 8.03
C ASN A 59 -5.57 10.21 6.72
N GLU A 60 -5.54 11.38 6.09
CA GLU A 60 -4.82 11.54 4.83
C GLU A 60 -3.34 11.82 5.09
N GLU A 61 -3.07 12.74 6.01
CA GLU A 61 -1.70 13.10 6.35
C GLU A 61 -0.83 11.86 6.49
N GLU A 62 -1.45 10.76 6.91
CA GLU A 62 -0.73 9.50 7.09
C GLU A 62 -0.39 8.87 5.75
N VAL A 63 -1.30 9.02 4.79
CA VAL A 63 -1.09 8.46 3.45
C VAL A 63 0.02 9.19 2.72
N LYS A 64 -0.14 10.50 2.54
CA LYS A 64 0.86 11.31 1.86
C LYS A 64 2.22 11.19 2.53
N GLN A 65 2.21 10.94 3.84
CA GLN A 65 3.44 10.80 4.60
C GLN A 65 4.12 9.47 4.29
N ALA A 66 3.33 8.45 4.00
CA ALA A 66 3.86 7.14 3.68
C ALA A 66 4.73 7.18 2.42
N LEU A 67 4.33 8.01 1.46
CA LEU A 67 5.07 8.16 0.22
C LEU A 67 6.49 8.65 0.47
N LYS A 68 6.66 9.35 1.59
CA LYS A 68 7.97 9.88 1.96
C LYS A 68 9.05 8.80 1.86
N CYS A 69 8.74 7.61 2.38
CA CYS A 69 9.68 6.50 2.34
C CYS A 69 9.71 5.86 0.96
N ASN A 70 10.29 6.55 0.00
CA ASN A 70 10.39 6.05 -1.37
C ASN A 70 11.83 5.67 -1.71
N ARG A 71 11.97 4.64 -2.55
CA ARG A 71 13.29 4.17 -2.97
C ARG A 71 14.01 3.48 -1.80
N GLU A 72 13.23 2.87 -0.92
CA GLU A 72 13.79 2.17 0.23
C GLU A 72 14.11 0.73 -0.12
N TYR A 73 14.75 0.02 0.82
CA TYR A 73 15.13 -1.36 0.62
C TYR A 73 14.57 -2.25 1.73
N MET A 74 13.71 -3.19 1.37
CA MET A 74 13.11 -4.09 2.34
C MET A 74 12.97 -5.50 1.75
N GLY A 75 13.55 -6.48 2.43
CA GLY A 75 13.47 -7.85 1.96
C GLY A 75 14.57 -8.18 0.96
N GLY A 76 15.15 -7.16 0.35
CA GLY A 76 16.20 -7.36 -0.63
C GLY A 76 15.82 -6.88 -2.01
N ARG A 77 14.73 -6.10 -2.08
CA ARG A 77 14.25 -5.57 -3.36
C ARG A 77 13.77 -4.14 -3.21
N TYR A 78 13.73 -3.41 -4.32
CA TYR A 78 13.28 -2.03 -4.30
C TYR A 78 11.79 -1.93 -3.97
N ILE A 79 11.35 -0.74 -3.60
CA ILE A 79 9.95 -0.52 -3.26
C ILE A 79 9.46 0.82 -3.79
N GLU A 80 8.19 0.85 -4.21
CA GLU A 80 7.60 2.08 -4.74
C GLU A 80 6.18 2.26 -4.22
N VAL A 81 5.98 3.28 -3.40
CA VAL A 81 4.66 3.57 -2.82
C VAL A 81 3.83 4.42 -3.78
N PHE A 82 2.58 4.03 -3.95
CA PHE A 82 1.67 4.76 -4.84
C PHE A 82 0.34 5.04 -4.14
N ARG A 83 -0.32 6.12 -4.57
CA ARG A 83 -1.60 6.50 -4.00
C ARG A 83 -2.76 6.08 -4.89
N GLU A 84 -3.56 5.14 -4.41
CA GLU A 84 -4.70 4.65 -5.17
C GLU A 84 -5.96 5.44 -4.83
N LYS A 85 -6.36 6.32 -5.74
CA LYS A 85 -7.56 7.14 -5.55
C LYS A 85 -8.74 6.28 -5.09
N SER A 86 -9.06 5.26 -5.87
CA SER A 86 -10.16 4.37 -5.54
C SER A 86 -9.65 3.07 -4.91
N GLY A 87 -8.66 2.46 -5.54
CA GLY A 87 -8.10 1.23 -5.02
C GLY A 87 -9.10 0.09 -5.03
N PRO A 88 -8.61 -1.14 -5.28
CA PRO A 88 -9.45 -2.33 -5.34
C PRO A 88 -9.97 -2.73 -3.96
N SER A 89 -9.15 -2.55 -2.94
CA SER A 89 -9.53 -2.89 -1.57
C SER A 89 -11.00 -2.57 -1.32
N SER A 90 -11.38 -1.32 -1.61
CA SER A 90 -12.76 -0.89 -1.42
C SER A 90 -13.02 0.42 -2.16
N GLY A 91 -14.21 0.53 -2.75
CA GLY A 91 -14.57 1.72 -3.49
C GLY A 91 -13.50 2.13 -4.47
N GLY A 1 -17.33 11.46 -13.68
CA GLY A 1 -17.41 12.85 -13.26
C GLY A 1 -18.61 13.14 -12.39
N SER A 2 -18.41 13.94 -11.35
CA SER A 2 -19.49 14.29 -10.43
C SER A 2 -19.52 15.79 -10.19
N SER A 3 -18.38 16.36 -9.83
CA SER A 3 -18.28 17.78 -9.55
C SER A 3 -19.56 18.31 -8.93
N GLY A 4 -20.12 17.54 -7.99
CA GLY A 4 -21.34 17.94 -7.33
C GLY A 4 -21.27 17.75 -5.83
N SER A 5 -21.85 16.67 -5.34
CA SER A 5 -21.86 16.38 -3.90
C SER A 5 -20.44 16.27 -3.36
N SER A 6 -20.10 17.17 -2.44
CA SER A 6 -18.77 17.19 -1.84
C SER A 6 -18.51 15.92 -1.04
N GLY A 7 -17.25 15.49 -0.98
CA GLY A 7 -16.90 14.29 -0.24
C GLY A 7 -16.23 13.26 -1.12
N THR A 8 -16.36 11.99 -0.74
CA THR A 8 -15.75 10.90 -1.48
C THR A 8 -14.23 11.00 -1.48
N THR A 9 -13.65 11.07 -0.28
CA THR A 9 -12.21 11.18 -0.13
C THR A 9 -11.63 9.88 0.42
N CYS A 10 -10.87 9.17 -0.41
CA CYS A 10 -10.25 7.93 -0.01
C CYS A 10 -8.74 7.98 -0.17
N HIS A 11 -8.01 7.47 0.82
CA HIS A 11 -6.56 7.47 0.77
C HIS A 11 -6.01 6.05 0.91
N THR A 12 -5.30 5.60 -0.13
CA THR A 12 -4.73 4.25 -0.12
C THR A 12 -3.34 4.26 -0.75
N VAL A 13 -2.45 3.43 -0.20
CA VAL A 13 -1.09 3.33 -0.71
C VAL A 13 -0.80 1.93 -1.24
N LYS A 14 0.05 1.86 -2.26
CA LYS A 14 0.41 0.58 -2.87
C LYS A 14 1.92 0.40 -2.88
N LEU A 15 2.37 -0.81 -2.55
CA LEU A 15 3.80 -1.11 -2.52
C LEU A 15 4.12 -2.25 -3.48
N ARG A 16 4.96 -1.97 -4.46
CA ARG A 16 5.36 -2.97 -5.46
C ARG A 16 6.85 -3.26 -5.37
N GLY A 17 7.25 -4.44 -5.81
CA GLY A 17 8.65 -4.81 -5.77
C GLY A 17 9.05 -5.44 -4.45
N ALA A 18 8.15 -6.22 -3.86
CA ALA A 18 8.41 -6.87 -2.58
C ALA A 18 8.75 -8.34 -2.79
N PRO A 19 9.61 -8.88 -1.91
CA PRO A 19 10.04 -10.27 -1.97
C PRO A 19 8.92 -11.24 -1.59
N PHE A 20 9.20 -12.53 -1.70
CA PHE A 20 8.20 -13.55 -1.37
C PHE A 20 8.15 -13.79 0.13
N ASN A 21 9.28 -13.57 0.81
CA ASN A 21 9.35 -13.76 2.26
C ASN A 21 8.92 -12.49 2.99
N VAL A 22 7.95 -11.79 2.43
CA VAL A 22 7.45 -10.56 3.03
C VAL A 22 6.16 -10.82 3.82
N THR A 23 6.01 -10.09 4.93
CA THR A 23 4.83 -10.25 5.77
C THR A 23 4.36 -8.89 6.30
N GLU A 24 3.13 -8.86 6.82
CA GLU A 24 2.56 -7.63 7.37
C GLU A 24 3.59 -6.90 8.24
N LYS A 25 4.40 -7.67 8.94
CA LYS A 25 5.42 -7.10 9.82
C LYS A 25 6.36 -6.18 9.04
N ASN A 26 6.83 -6.67 7.89
CA ASN A 26 7.73 -5.90 7.05
C ASN A 26 7.08 -4.59 6.60
N VAL A 27 5.96 -4.71 5.90
CA VAL A 27 5.23 -3.54 5.42
C VAL A 27 5.04 -2.52 6.53
N MET A 28 4.71 -3.00 7.72
CA MET A 28 4.50 -2.12 8.86
C MET A 28 5.77 -1.35 9.21
N GLU A 29 6.89 -2.06 9.23
CA GLU A 29 8.18 -1.45 9.53
C GLU A 29 8.60 -0.48 8.44
N PHE A 30 8.12 -0.73 7.23
CA PHE A 30 8.45 0.13 6.09
C PHE A 30 7.68 1.44 6.16
N LEU A 31 6.41 1.37 6.53
CA LEU A 31 5.57 2.54 6.63
C LEU A 31 5.78 3.25 7.97
N ALA A 32 6.22 2.49 8.97
CA ALA A 32 6.47 3.05 10.30
C ALA A 32 7.21 4.38 10.20
N PRO A 33 7.07 5.21 11.25
CA PRO A 33 6.27 4.86 12.43
C PRO A 33 4.77 4.85 12.12
N LEU A 34 4.39 5.51 11.03
CA LEU A 34 2.99 5.57 10.63
C LEU A 34 2.29 4.24 10.87
N LYS A 35 1.06 4.30 11.38
CA LYS A 35 0.29 3.10 11.66
C LYS A 35 -1.00 3.10 10.85
N PRO A 36 -1.06 2.23 9.83
CA PRO A 36 -2.23 2.09 8.96
C PRO A 36 -3.42 1.47 9.69
N VAL A 37 -4.46 1.14 8.93
CA VAL A 37 -5.67 0.55 9.49
C VAL A 37 -5.75 -0.93 9.15
N ALA A 38 -5.43 -1.27 7.90
CA ALA A 38 -5.48 -2.65 7.44
C ALA A 38 -4.53 -2.86 6.27
N ILE A 39 -3.70 -3.90 6.35
CA ILE A 39 -2.73 -4.21 5.31
C ILE A 39 -3.23 -5.36 4.43
N ARG A 40 -3.79 -5.02 3.27
CA ARG A 40 -4.30 -6.02 2.36
C ARG A 40 -3.29 -6.31 1.24
N ILE A 41 -2.61 -7.45 1.36
CA ILE A 41 -1.62 -7.84 0.36
C ILE A 41 -2.28 -8.48 -0.85
N VAL A 42 -1.84 -8.06 -2.04
CA VAL A 42 -2.38 -8.59 -3.28
C VAL A 42 -2.09 -10.09 -3.43
N ARG A 43 -2.89 -10.91 -2.77
CA ARG A 43 -2.70 -12.35 -2.81
C ARG A 43 -3.47 -12.95 -4.00
N ASN A 44 -2.84 -13.92 -4.66
CA ASN A 44 -3.45 -14.58 -5.81
C ASN A 44 -4.79 -15.19 -5.43
N ALA A 45 -5.44 -15.82 -6.41
CA ALA A 45 -6.74 -16.46 -6.18
C ALA A 45 -6.69 -17.39 -4.97
N HIS A 46 -5.75 -18.32 -4.98
CA HIS A 46 -5.59 -19.27 -3.89
C HIS A 46 -5.19 -18.55 -2.60
N GLY A 47 -4.11 -17.79 -2.67
CA GLY A 47 -3.63 -17.07 -1.50
C GLY A 47 -2.12 -17.00 -1.44
N ASN A 48 -1.52 -16.28 -2.38
CA ASN A 48 -0.06 -16.15 -2.43
C ASN A 48 0.33 -14.69 -2.66
N LYS A 49 1.23 -14.19 -1.82
CA LYS A 49 1.70 -12.81 -1.94
C LYS A 49 2.36 -12.58 -3.29
N THR A 50 1.95 -11.49 -3.94
CA THR A 50 2.50 -11.15 -5.26
C THR A 50 3.05 -9.72 -5.26
N GLY A 51 4.21 -9.54 -4.65
CA GLY A 51 4.83 -8.23 -4.60
C GLY A 51 3.84 -7.14 -4.22
N TYR A 52 3.19 -6.56 -5.22
CA TYR A 52 2.22 -5.50 -4.99
C TYR A 52 1.48 -5.72 -3.68
N ILE A 53 1.24 -4.64 -2.95
CA ILE A 53 0.53 -4.71 -1.68
C ILE A 53 -0.33 -3.47 -1.46
N PHE A 54 -1.49 -3.67 -0.85
CA PHE A 54 -2.41 -2.56 -0.57
C PHE A 54 -2.49 -2.28 0.92
N VAL A 55 -2.20 -1.05 1.30
CA VAL A 55 -2.23 -0.63 2.70
C VAL A 55 -3.13 0.58 2.90
N ASP A 56 -4.08 0.47 3.82
CA ASP A 56 -5.00 1.57 4.11
C ASP A 56 -4.59 2.30 5.37
N PHE A 57 -5.08 3.52 5.54
CA PHE A 57 -4.77 4.33 6.71
C PHE A 57 -6.01 4.99 7.27
N SER A 58 -5.91 5.50 8.49
CA SER A 58 -7.04 6.17 9.13
C SER A 58 -7.09 7.64 8.77
N ASN A 59 -5.99 8.35 9.02
CA ASN A 59 -5.90 9.77 8.72
C ASN A 59 -5.41 10.00 7.30
N GLU A 60 -5.52 11.24 6.83
CA GLU A 60 -5.07 11.59 5.48
C GLU A 60 -3.56 11.84 5.46
N GLU A 61 -3.08 12.55 6.46
CA GLU A 61 -1.65 12.87 6.56
C GLU A 61 -0.82 11.60 6.56
N GLU A 62 -1.13 10.69 7.48
CA GLU A 62 -0.40 9.43 7.58
C GLU A 62 -0.11 8.85 6.20
N VAL A 63 -1.04 9.03 5.27
CA VAL A 63 -0.89 8.53 3.92
C VAL A 63 0.10 9.38 3.13
N LYS A 64 -0.10 10.70 3.16
CA LYS A 64 0.77 11.62 2.45
C LYS A 64 2.23 11.41 2.84
N GLN A 65 2.45 11.08 4.10
CA GLN A 65 3.80 10.84 4.61
C GLN A 65 4.36 9.53 4.06
N ALA A 66 3.54 8.48 4.06
CA ALA A 66 3.96 7.19 3.57
C ALA A 66 4.73 7.32 2.26
N LEU A 67 4.27 8.21 1.40
CA LEU A 67 4.92 8.44 0.11
C LEU A 67 6.37 8.85 0.30
N LYS A 68 6.62 9.69 1.31
CA LYS A 68 7.97 10.16 1.60
C LYS A 68 8.97 9.01 1.55
N CYS A 69 8.54 7.83 2.00
CA CYS A 69 9.41 6.67 2.01
C CYS A 69 9.64 6.15 0.59
N ASN A 70 10.42 6.89 -0.19
CA ASN A 70 10.71 6.51 -1.56
C ASN A 70 12.22 6.24 -1.75
N ARG A 71 12.60 5.96 -2.97
CA ARG A 71 14.01 5.68 -3.29
C ARG A 71 14.66 4.89 -2.16
N GLU A 72 14.00 3.80 -1.75
CA GLU A 72 14.52 2.96 -0.68
C GLU A 72 14.38 1.48 -1.03
N TYR A 73 14.94 0.62 -0.20
CA TYR A 73 14.87 -0.82 -0.42
C TYR A 73 14.44 -1.55 0.84
N MET A 74 13.56 -2.53 0.68
CA MET A 74 13.06 -3.31 1.81
C MET A 74 12.95 -4.79 1.45
N GLY A 75 13.55 -5.64 2.27
CA GLY A 75 13.51 -7.07 2.02
C GLY A 75 14.57 -7.51 1.03
N GLY A 76 14.96 -6.61 0.13
CA GLY A 76 15.97 -6.94 -0.86
C GLY A 76 15.50 -6.69 -2.28
N ARG A 77 14.59 -5.74 -2.43
CA ARG A 77 14.05 -5.41 -3.75
C ARG A 77 13.63 -3.94 -3.80
N TYR A 78 13.58 -3.39 -5.02
CA TYR A 78 13.18 -2.00 -5.21
C TYR A 78 11.70 -1.80 -4.90
N ILE A 79 11.41 -0.86 -4.01
CA ILE A 79 10.02 -0.58 -3.64
C ILE A 79 9.56 0.75 -4.21
N GLU A 80 8.25 0.86 -4.46
CA GLU A 80 7.69 2.08 -5.01
C GLU A 80 6.31 2.37 -4.41
N VAL A 81 6.23 3.44 -3.62
CA VAL A 81 4.98 3.82 -2.98
C VAL A 81 4.15 4.73 -3.89
N PHE A 82 2.95 4.28 -4.21
CA PHE A 82 2.05 5.05 -5.08
C PHE A 82 0.71 5.28 -4.40
N ARG A 83 0.23 6.53 -4.45
CA ARG A 83 -1.04 6.89 -3.83
C ARG A 83 -2.21 6.53 -4.76
N GLU A 84 -3.00 5.55 -4.34
CA GLU A 84 -4.15 5.11 -5.13
C GLU A 84 -5.35 6.02 -4.89
N LYS A 85 -5.65 6.86 -5.87
CA LYS A 85 -6.77 7.79 -5.77
C LYS A 85 -8.08 7.04 -5.57
N SER A 86 -8.30 6.00 -6.37
CA SER A 86 -9.51 5.20 -6.29
C SER A 86 -9.29 3.99 -5.37
N GLY A 87 -8.20 3.27 -5.60
CA GLY A 87 -7.90 2.10 -4.80
C GLY A 87 -8.64 0.86 -5.27
N PRO A 88 -8.61 -0.19 -4.45
CA PRO A 88 -9.28 -1.46 -4.76
C PRO A 88 -10.80 -1.34 -4.73
N SER A 89 -11.40 -1.10 -5.89
CA SER A 89 -12.85 -0.96 -5.97
C SER A 89 -13.46 -2.12 -6.77
N SER A 90 -14.44 -2.78 -6.17
CA SER A 90 -15.10 -3.91 -6.81
C SER A 90 -16.41 -4.25 -6.10
N GLY A 91 -17.50 -4.26 -6.85
CA GLY A 91 -18.80 -4.58 -6.28
C GLY A 91 -18.76 -5.81 -5.39
#